data_2Z09
# 
_entry.id   2Z09 
# 
_audit_conform.dict_name       mmcif_pdbx.dic 
_audit_conform.dict_version    5.380 
_audit_conform.dict_location   http://mmcif.pdb.org/dictionaries/ascii/mmcif_pdbx.dic 
# 
loop_
_database_2.database_id 
_database_2.database_code 
_database_2.pdbx_database_accession 
_database_2.pdbx_DOI 
PDB   2Z09         pdb_00002z09 10.2210/pdb2z09/pdb 
RCSB  RCSB027357   ?            ?                   
WWPDB D_1000027357 ?            ?                   
# 
_pdbx_database_related.db_name        TargetDB 
_pdbx_database_related.db_id          ttk003001817.3 
_pdbx_database_related.details        . 
_pdbx_database_related.content_type   unspecified 
# 
_pdbx_database_status.status_code                     REL 
_pdbx_database_status.entry_id                        2Z09 
_pdbx_database_status.recvd_initial_deposition_date   2007-05-07 
_pdbx_database_status.deposit_site                    PDBJ 
_pdbx_database_status.process_site                    PDBJ 
_pdbx_database_status.status_code_sf                  REL 
_pdbx_database_status.status_code_mr                  ? 
_pdbx_database_status.SG_entry                        Y 
_pdbx_database_status.pdb_format_compatible           Y 
_pdbx_database_status.status_code_cs                  ? 
_pdbx_database_status.methods_development_category    ? 
_pdbx_database_status.status_code_nmr_data            ? 
# 
loop_
_audit_author.name 
_audit_author.pdbx_ordinal 
'Iino, H.'                                               1 
'Yokoyama, S.'                                           2 
'Kuramitsu, S.'                                          3 
'RIKEN Structural Genomics/Proteomics Initiative (RSGI)' 4 
# 
_citation.id                        primary 
_citation.title                     'Crystal structure of uncharacterized conserved protein from Thermus thermophilus HB8' 
_citation.journal_abbrev            'To be Published' 
_citation.journal_volume            ? 
_citation.page_first                ? 
_citation.page_last                 ? 
_citation.year                      ? 
_citation.journal_id_ASTM           ? 
_citation.country                   ? 
_citation.journal_id_ISSN           ? 
_citation.journal_id_CSD            0353 
_citation.book_publisher            ? 
_citation.pdbx_database_id_PubMed   ? 
_citation.pdbx_database_id_DOI      ? 
# 
loop_
_citation_author.citation_id 
_citation_author.name 
_citation_author.ordinal 
_citation_author.identifier_ORCID 
primary 'Iino, H.'      1 ? 
primary 'Yokoyama, S.'  2 ? 
primary 'Kuramitsu, S.' 3 ? 
# 
_cell.entry_id           2Z09 
_cell.length_a           33.220 
_cell.length_b           75.900 
_cell.length_c           88.660 
_cell.angle_alpha        90.00 
_cell.angle_beta         90.00 
_cell.angle_gamma        90.00 
_cell.Z_PDB              8 
_cell.pdbx_unique_axis   ? 
_cell.length_a_esd       ? 
_cell.length_b_esd       ? 
_cell.length_c_esd       ? 
_cell.angle_alpha_esd    ? 
_cell.angle_beta_esd     ? 
_cell.angle_gamma_esd    ? 
# 
_symmetry.entry_id                         2Z09 
_symmetry.space_group_name_H-M             'I 2 2 2' 
_symmetry.pdbx_full_space_group_name_H-M   ? 
_symmetry.cell_setting                     ? 
_symmetry.Int_Tables_number                23 
_symmetry.space_group_name_Hall            ? 
# 
loop_
_entity.id 
_entity.type 
_entity.src_method 
_entity.pdbx_description 
_entity.formula_weight 
_entity.pdbx_number_of_molecules 
_entity.pdbx_ec 
_entity.pdbx_mutation 
_entity.pdbx_fragment 
_entity.details 
1 polymer     man 'Universal stress protein family'              14775.985 1  ? ? ? ? 
2 non-polymer syn 'MAGNESIUM ION'                                24.305    2  ? ? ? ? 
3 non-polymer syn 'PHOSPHOMETHYLPHOSPHONIC ACID ADENYLATE ESTER' 505.208   1  ? ? ? ? 
4 water       nat water                                          18.015    86 ? ? ? ? 
# 
_entity_poly.entity_id                      1 
_entity_poly.type                           'polypeptide(L)' 
_entity_poly.nstd_linkage                   no 
_entity_poly.nstd_monomer                   no 
_entity_poly.pdbx_seq_one_letter_code       
;MFKTILLAYDGSEHARRAAEVAKAEAEAHGARLIVVHAYEPVPDYLGEPFFEEALRRRLERAEGVLEEARALTGVPKEDA
LLLEGVPAEAILQAARAEKADLIVMGTRGLGALGSLFLGSQSQRVVAEAPCPVLLVR
;
_entity_poly.pdbx_seq_one_letter_code_can   
;MFKTILLAYDGSEHARRAAEVAKAEAEAHGARLIVVHAYEPVPDYLGEPFFEEALRRRLERAEGVLEEARALTGVPKEDA
LLLEGVPAEAILQAARAEKADLIVMGTRGLGALGSLFLGSQSQRVVAEAPCPVLLVR
;
_entity_poly.pdbx_strand_id                 A 
_entity_poly.pdbx_target_identifier         ttk003001817.3 
# 
loop_
_entity_poly_seq.entity_id 
_entity_poly_seq.num 
_entity_poly_seq.mon_id 
_entity_poly_seq.hetero 
1 1   MET n 
1 2   PHE n 
1 3   LYS n 
1 4   THR n 
1 5   ILE n 
1 6   LEU n 
1 7   LEU n 
1 8   ALA n 
1 9   TYR n 
1 10  ASP n 
1 11  GLY n 
1 12  SER n 
1 13  GLU n 
1 14  HIS n 
1 15  ALA n 
1 16  ARG n 
1 17  ARG n 
1 18  ALA n 
1 19  ALA n 
1 20  GLU n 
1 21  VAL n 
1 22  ALA n 
1 23  LYS n 
1 24  ALA n 
1 25  GLU n 
1 26  ALA n 
1 27  GLU n 
1 28  ALA n 
1 29  HIS n 
1 30  GLY n 
1 31  ALA n 
1 32  ARG n 
1 33  LEU n 
1 34  ILE n 
1 35  VAL n 
1 36  VAL n 
1 37  HIS n 
1 38  ALA n 
1 39  TYR n 
1 40  GLU n 
1 41  PRO n 
1 42  VAL n 
1 43  PRO n 
1 44  ASP n 
1 45  TYR n 
1 46  LEU n 
1 47  GLY n 
1 48  GLU n 
1 49  PRO n 
1 50  PHE n 
1 51  PHE n 
1 52  GLU n 
1 53  GLU n 
1 54  ALA n 
1 55  LEU n 
1 56  ARG n 
1 57  ARG n 
1 58  ARG n 
1 59  LEU n 
1 60  GLU n 
1 61  ARG n 
1 62  ALA n 
1 63  GLU n 
1 64  GLY n 
1 65  VAL n 
1 66  LEU n 
1 67  GLU n 
1 68  GLU n 
1 69  ALA n 
1 70  ARG n 
1 71  ALA n 
1 72  LEU n 
1 73  THR n 
1 74  GLY n 
1 75  VAL n 
1 76  PRO n 
1 77  LYS n 
1 78  GLU n 
1 79  ASP n 
1 80  ALA n 
1 81  LEU n 
1 82  LEU n 
1 83  LEU n 
1 84  GLU n 
1 85  GLY n 
1 86  VAL n 
1 87  PRO n 
1 88  ALA n 
1 89  GLU n 
1 90  ALA n 
1 91  ILE n 
1 92  LEU n 
1 93  GLN n 
1 94  ALA n 
1 95  ALA n 
1 96  ARG n 
1 97  ALA n 
1 98  GLU n 
1 99  LYS n 
1 100 ALA n 
1 101 ASP n 
1 102 LEU n 
1 103 ILE n 
1 104 VAL n 
1 105 MET n 
1 106 GLY n 
1 107 THR n 
1 108 ARG n 
1 109 GLY n 
1 110 LEU n 
1 111 GLY n 
1 112 ALA n 
1 113 LEU n 
1 114 GLY n 
1 115 SER n 
1 116 LEU n 
1 117 PHE n 
1 118 LEU n 
1 119 GLY n 
1 120 SER n 
1 121 GLN n 
1 122 SER n 
1 123 GLN n 
1 124 ARG n 
1 125 VAL n 
1 126 VAL n 
1 127 ALA n 
1 128 GLU n 
1 129 ALA n 
1 130 PRO n 
1 131 CYS n 
1 132 PRO n 
1 133 VAL n 
1 134 LEU n 
1 135 LEU n 
1 136 VAL n 
1 137 ARG n 
# 
_entity_src_gen.entity_id                          1 
_entity_src_gen.pdbx_src_id                        1 
_entity_src_gen.pdbx_alt_source_flag               sample 
_entity_src_gen.pdbx_seq_type                      ? 
_entity_src_gen.pdbx_beg_seq_num                   ? 
_entity_src_gen.pdbx_end_seq_num                   ? 
_entity_src_gen.gene_src_common_name               ? 
_entity_src_gen.gene_src_genus                     Thermus 
_entity_src_gen.pdbx_gene_src_gene                 ? 
_entity_src_gen.gene_src_species                   ? 
_entity_src_gen.gene_src_strain                    ? 
_entity_src_gen.gene_src_tissue                    ? 
_entity_src_gen.gene_src_tissue_fraction           ? 
_entity_src_gen.gene_src_details                   ? 
_entity_src_gen.pdbx_gene_src_fragment             ? 
_entity_src_gen.pdbx_gene_src_scientific_name      'Thermus thermophilus' 
_entity_src_gen.pdbx_gene_src_ncbi_taxonomy_id     274 
_entity_src_gen.pdbx_gene_src_variant              ? 
_entity_src_gen.pdbx_gene_src_cell_line            ? 
_entity_src_gen.pdbx_gene_src_atcc                 ? 
_entity_src_gen.pdbx_gene_src_organ                ? 
_entity_src_gen.pdbx_gene_src_organelle            ? 
_entity_src_gen.pdbx_gene_src_cell                 ? 
_entity_src_gen.pdbx_gene_src_cellular_location    ? 
_entity_src_gen.host_org_common_name               ? 
_entity_src_gen.pdbx_host_org_scientific_name      'Escherichia coli BL21(DE3)' 
_entity_src_gen.pdbx_host_org_ncbi_taxonomy_id     469008 
_entity_src_gen.host_org_genus                     Escherichia 
_entity_src_gen.pdbx_host_org_gene                 ? 
_entity_src_gen.pdbx_host_org_organ                ? 
_entity_src_gen.host_org_species                   'Escherichia coli' 
_entity_src_gen.pdbx_host_org_tissue               ? 
_entity_src_gen.pdbx_host_org_tissue_fraction      ? 
_entity_src_gen.pdbx_host_org_strain               'BL21(DE3)' 
_entity_src_gen.pdbx_host_org_variant              ? 
_entity_src_gen.pdbx_host_org_cell_line            ? 
_entity_src_gen.pdbx_host_org_atcc                 ? 
_entity_src_gen.pdbx_host_org_culture_collection   ? 
_entity_src_gen.pdbx_host_org_cell                 ? 
_entity_src_gen.pdbx_host_org_organelle            ? 
_entity_src_gen.pdbx_host_org_cellular_location    ? 
_entity_src_gen.pdbx_host_org_vector_type          plasmid 
_entity_src_gen.pdbx_host_org_vector               ? 
_entity_src_gen.host_org_details                   ? 
_entity_src_gen.expression_system_id               ? 
_entity_src_gen.plasmid_name                       pET-11a 
_entity_src_gen.plasmid_details                    ? 
_entity_src_gen.pdbx_description                   ? 
# 
_struct_ref.id                         1 
_struct_ref.db_name                    UNP 
_struct_ref.db_code                    Q5SJV7_THET8 
_struct_ref.pdbx_db_accession          Q5SJV7 
_struct_ref.entity_id                  1 
_struct_ref.pdbx_seq_one_letter_code   
;MFKTILLAYDGSEHARRAAEVAKAEAEAHGARLIVVHAYEPVPDYLGEPFFEEALRRRLERAEGVLEEARALTGVPKEDA
LLLEGVPAEAILQAARAEKADLIVMGTRGLGALGSLFLGSQSQRVVAEAPCPVLLVR
;
_struct_ref.pdbx_align_begin           1 
_struct_ref.pdbx_db_isoform            ? 
# 
_struct_ref_seq.align_id                      1 
_struct_ref_seq.ref_id                        1 
_struct_ref_seq.pdbx_PDB_id_code              2Z09 
_struct_ref_seq.pdbx_strand_id                A 
_struct_ref_seq.seq_align_beg                 1 
_struct_ref_seq.pdbx_seq_align_beg_ins_code   ? 
_struct_ref_seq.seq_align_end                 137 
_struct_ref_seq.pdbx_seq_align_end_ins_code   ? 
_struct_ref_seq.pdbx_db_accession             Q5SJV7 
_struct_ref_seq.db_align_beg                  1 
_struct_ref_seq.pdbx_db_align_beg_ins_code    ? 
_struct_ref_seq.db_align_end                  137 
_struct_ref_seq.pdbx_db_align_end_ins_code    ? 
_struct_ref_seq.pdbx_auth_seq_align_beg       1 
_struct_ref_seq.pdbx_auth_seq_align_end       137 
# 
loop_
_chem_comp.id 
_chem_comp.type 
_chem_comp.mon_nstd_flag 
_chem_comp.name 
_chem_comp.pdbx_synonyms 
_chem_comp.formula 
_chem_comp.formula_weight 
ACP non-polymer         . 'PHOSPHOMETHYLPHOSPHONIC ACID ADENYLATE ESTER' 
;ADENOSINE-5'-[BETA, GAMMA-METHYLENE]TRIPHOSPHATE
;
'C11 H18 N5 O12 P3' 505.208 
ALA 'L-peptide linking' y ALANINE                                        ?                                                  
'C3 H7 N O2'        89.093  
ARG 'L-peptide linking' y ARGININE                                       ?                                                  
'C6 H15 N4 O2 1'    175.209 
ASP 'L-peptide linking' y 'ASPARTIC ACID'                                ?                                                  
'C4 H7 N O4'        133.103 
CYS 'L-peptide linking' y CYSTEINE                                       ?                                                  
'C3 H7 N O2 S'      121.158 
GLN 'L-peptide linking' y GLUTAMINE                                      ?                                                  
'C5 H10 N2 O3'      146.144 
GLU 'L-peptide linking' y 'GLUTAMIC ACID'                                ?                                                  
'C5 H9 N O4'        147.129 
GLY 'peptide linking'   y GLYCINE                                        ?                                                  
'C2 H5 N O2'        75.067  
HIS 'L-peptide linking' y HISTIDINE                                      ?                                                  
'C6 H10 N3 O2 1'    156.162 
HOH non-polymer         . WATER                                          ?                                                  'H2 O' 
18.015  
ILE 'L-peptide linking' y ISOLEUCINE                                     ?                                                  
'C6 H13 N O2'       131.173 
LEU 'L-peptide linking' y LEUCINE                                        ?                                                  
'C6 H13 N O2'       131.173 
LYS 'L-peptide linking' y LYSINE                                         ?                                                  
'C6 H15 N2 O2 1'    147.195 
MET 'L-peptide linking' y METHIONINE                                     ?                                                  
'C5 H11 N O2 S'     149.211 
MG  non-polymer         . 'MAGNESIUM ION'                                ?                                                  'Mg 2' 
24.305  
PHE 'L-peptide linking' y PHENYLALANINE                                  ?                                                  
'C9 H11 N O2'       165.189 
PRO 'L-peptide linking' y PROLINE                                        ?                                                  
'C5 H9 N O2'        115.130 
SER 'L-peptide linking' y SERINE                                         ?                                                  
'C3 H7 N O3'        105.093 
THR 'L-peptide linking' y THREONINE                                      ?                                                  
'C4 H9 N O3'        119.119 
TYR 'L-peptide linking' y TYROSINE                                       ?                                                  
'C9 H11 N O3'       181.189 
VAL 'L-peptide linking' y VALINE                                         ?                                                  
'C5 H11 N O2'       117.146 
# 
_exptl.entry_id          2Z09 
_exptl.method            'X-RAY DIFFRACTION' 
_exptl.crystals_number   1 
# 
_exptl_crystal.id                    1 
_exptl_crystal.density_meas          ? 
_exptl_crystal.density_Matthews      1.89 
_exptl_crystal.density_percent_sol   34.96 
_exptl_crystal.description           ? 
_exptl_crystal.F_000                 ? 
_exptl_crystal.preparation           ? 
# 
_exptl_crystal_grow.crystal_id      1 
_exptl_crystal_grow.method          'VAPOR DIFFUSION, SITTING DROP' 
_exptl_crystal_grow.temp            293 
_exptl_crystal_grow.temp_details    ? 
_exptl_crystal_grow.pH              4.6 
_exptl_crystal_grow.pdbx_details    
;10mM AMP-PCP, 100mM Magnesium Chloride, 0.09M Sodium acetate trihydrate, 1.8M Sodium chloride, pH 4.6, VAPOR DIFFUSION, SITTING DROP, temperature 293K
;
_exptl_crystal_grow.pdbx_pH_range   . 
# 
_diffrn.id                     1 
_diffrn.ambient_temp           100 
_diffrn.ambient_temp_details   ? 
_diffrn.crystal_id             1 
# 
_diffrn_detector.diffrn_id              1 
_diffrn_detector.detector               CCD 
_diffrn_detector.type                   'RIGAKU JUPITER 210' 
_diffrn_detector.pdbx_collection_date   2006-10-02 
_diffrn_detector.details                ? 
# 
_diffrn_radiation.diffrn_id                        1 
_diffrn_radiation.wavelength_id                    1 
_diffrn_radiation.pdbx_monochromatic_or_laue_m_l   M 
_diffrn_radiation.monochromator                    'SI Double-Crystal' 
_diffrn_radiation.pdbx_diffrn_protocol             'SINGLE WAVELENGTH' 
_diffrn_radiation.pdbx_scattering_type             x-ray 
# 
_diffrn_radiation_wavelength.id           1 
_diffrn_radiation_wavelength.wavelength   1.0000 
_diffrn_radiation_wavelength.wt           1.0 
# 
_diffrn_source.diffrn_id                   1 
_diffrn_source.source                      SYNCHROTRON 
_diffrn_source.type                        'SPRING-8 BEAMLINE BL26B2' 
_diffrn_source.pdbx_synchrotron_site       SPring-8 
_diffrn_source.pdbx_synchrotron_beamline   BL26B2 
_diffrn_source.pdbx_wavelength             ? 
_diffrn_source.pdbx_wavelength_list        1.0000 
# 
_reflns.entry_id                     2Z09 
_reflns.observed_criterion_sigma_I   ? 
_reflns.observed_criterion_sigma_F   ? 
_reflns.d_resolution_low             20 
_reflns.d_resolution_high            1.65 
_reflns.number_obs                   13263 
_reflns.number_all                   ? 
_reflns.percent_possible_obs         95.3 
_reflns.pdbx_Rmerge_I_obs            0.048 
_reflns.pdbx_Rsym_value              ? 
_reflns.pdbx_netI_over_sigmaI        30.9 
_reflns.B_iso_Wilson_estimate        13.5 
_reflns.pdbx_redundancy              6.5 
_reflns.R_free_details               ? 
_reflns.limit_h_max                  ? 
_reflns.limit_h_min                  ? 
_reflns.limit_k_max                  ? 
_reflns.limit_k_min                  ? 
_reflns.limit_l_max                  ? 
_reflns.limit_l_min                  ? 
_reflns.observed_criterion_F_max     ? 
_reflns.observed_criterion_F_min     ? 
_reflns.pdbx_chi_squared             ? 
_reflns.pdbx_scaling_rejects         ? 
_reflns.pdbx_diffrn_id               1 
_reflns.pdbx_ordinal                 1 
# 
_reflns_shell.d_res_high             1.65 
_reflns_shell.d_res_low              1.67 
_reflns_shell.percent_possible_all   100 
_reflns_shell.Rmerge_I_obs           0.20 
_reflns_shell.pdbx_Rsym_value        ? 
_reflns_shell.meanI_over_sigI_obs    7.82 
_reflns_shell.pdbx_redundancy        5.1 
_reflns_shell.percent_possible_obs   ? 
_reflns_shell.number_unique_all      ? 
_reflns_shell.number_measured_all    ? 
_reflns_shell.number_measured_obs    ? 
_reflns_shell.number_unique_obs      ? 
_reflns_shell.pdbx_chi_squared       ? 
_reflns_shell.pdbx_diffrn_id         ? 
_reflns_shell.pdbx_ordinal           1 
# 
_refine.entry_id                                 2Z09 
_refine.ls_number_reflns_obs                     13222 
_refine.ls_number_reflns_all                     ? 
_refine.pdbx_ls_sigma_I                          ? 
_refine.pdbx_ls_sigma_F                          0.0 
_refine.pdbx_data_cutoff_high_absF               119202.80 
_refine.pdbx_data_cutoff_low_absF                0.000000 
_refine.pdbx_data_cutoff_high_rms_absF           ? 
_refine.ls_d_res_low                             19.22 
_refine.ls_d_res_high                            1.65 
_refine.ls_percent_reflns_obs                    94.9 
_refine.ls_R_factor_obs                          0.210 
_refine.ls_R_factor_all                          ? 
_refine.ls_R_factor_R_work                       0.210 
_refine.ls_R_factor_R_free                       0.249 
_refine.ls_R_factor_R_free_error                 0.007 
_refine.ls_R_factor_R_free_error_details         ? 
_refine.ls_percent_reflns_R_free                 10.3 
_refine.ls_number_reflns_R_free                  1359 
_refine.ls_number_parameters                     ? 
_refine.ls_number_restraints                     ? 
_refine.occupancy_min                            ? 
_refine.occupancy_max                            ? 
_refine.correlation_coeff_Fo_to_Fc               ? 
_refine.correlation_coeff_Fo_to_Fc_free          ? 
_refine.B_iso_mean                               15.4 
_refine.aniso_B[1][1]                            2.65 
_refine.aniso_B[2][2]                            0.12 
_refine.aniso_B[3][3]                            -2.78 
_refine.aniso_B[1][2]                            0.00 
_refine.aniso_B[1][3]                            0.00 
_refine.aniso_B[2][3]                            0.00 
_refine.solvent_model_details                    'FLAT MODEL' 
_refine.solvent_model_param_ksol                 0.415175 
_refine.solvent_model_param_bsol                 55.7538 
_refine.pdbx_solvent_vdw_probe_radii             ? 
_refine.pdbx_solvent_ion_probe_radii             ? 
_refine.pdbx_solvent_shrinkage_radii             ? 
_refine.pdbx_ls_cross_valid_method               THROUGHOUT 
_refine.details                                  ? 
_refine.pdbx_starting_model                      1WJG 
_refine.pdbx_method_to_determine_struct          'MOLECULAR REPLACEMENT' 
_refine.pdbx_isotropic_thermal_model             RESTRAINED 
_refine.pdbx_stereochemistry_target_values       'Engh & Huber' 
_refine.pdbx_stereochem_target_val_spec_case     ? 
_refine.pdbx_R_Free_selection_details            RANDOM 
_refine.pdbx_overall_ESU_R                       ? 
_refine.pdbx_overall_ESU_R_Free                  ? 
_refine.overall_SU_ML                            ? 
_refine.overall_SU_B                             ? 
_refine.ls_redundancy_reflns_obs                 ? 
_refine.B_iso_min                                ? 
_refine.B_iso_max                                ? 
_refine.overall_SU_R_Cruickshank_DPI             ? 
_refine.overall_SU_R_free                        ? 
_refine.ls_wR_factor_R_free                      ? 
_refine.ls_wR_factor_R_work                      ? 
_refine.overall_FOM_free_R_set                   ? 
_refine.overall_FOM_work_R_set                   ? 
_refine.pdbx_refine_id                           'X-RAY DIFFRACTION' 
_refine.pdbx_diffrn_id                           1 
_refine.pdbx_TLS_residual_ADP_flag               ? 
_refine.pdbx_overall_phase_error                 ? 
_refine.pdbx_overall_SU_R_free_Cruickshank_DPI   ? 
_refine.pdbx_overall_SU_R_Blow_DPI               ? 
_refine.pdbx_overall_SU_R_free_Blow_DPI          ? 
# 
_refine_analyze.entry_id                        2Z09 
_refine_analyze.Luzzati_coordinate_error_obs    0.19 
_refine_analyze.Luzzati_sigma_a_obs             -0.04 
_refine_analyze.Luzzati_d_res_low_obs           5.00 
_refine_analyze.Luzzati_coordinate_error_free   0.24 
_refine_analyze.Luzzati_sigma_a_free            0.14 
_refine_analyze.Luzzati_d_res_low_free          ? 
_refine_analyze.number_disordered_residues      ? 
_refine_analyze.occupancy_sum_hydrogen          ? 
_refine_analyze.occupancy_sum_non_hydrogen      ? 
_refine_analyze.pdbx_Luzzati_d_res_high_obs     ? 
_refine_analyze.pdbx_refine_id                  'X-RAY DIFFRACTION' 
# 
_refine_hist.pdbx_refine_id                   'X-RAY DIFFRACTION' 
_refine_hist.cycle_id                         LAST 
_refine_hist.pdbx_number_atoms_protein        916 
_refine_hist.pdbx_number_atoms_nucleic_acid   0 
_refine_hist.pdbx_number_atoms_ligand         33 
_refine_hist.number_atoms_solvent             86 
_refine_hist.number_atoms_total               1035 
_refine_hist.d_res_high                       1.65 
_refine_hist.d_res_low                        19.22 
# 
loop_
_refine_ls_restr.type 
_refine_ls_restr.dev_ideal 
_refine_ls_restr.dev_ideal_target 
_refine_ls_restr.weight 
_refine_ls_restr.number 
_refine_ls_restr.pdbx_refine_id 
_refine_ls_restr.pdbx_restraint_function 
c_bond_d                0.029 ?    ? ? 'X-RAY DIFFRACTION' ? 
c_bond_d_na             ?     ?    ? ? 'X-RAY DIFFRACTION' ? 
c_bond_d_prot           ?     ?    ? ? 'X-RAY DIFFRACTION' ? 
c_angle_d               ?     ?    ? ? 'X-RAY DIFFRACTION' ? 
c_angle_d_na            ?     ?    ? ? 'X-RAY DIFFRACTION' ? 
c_angle_d_prot          ?     ?    ? ? 'X-RAY DIFFRACTION' ? 
c_angle_deg             2.4   ?    ? ? 'X-RAY DIFFRACTION' ? 
c_angle_deg_na          ?     ?    ? ? 'X-RAY DIFFRACTION' ? 
c_angle_deg_prot        ?     ?    ? ? 'X-RAY DIFFRACTION' ? 
c_dihedral_angle_d      24.1  ?    ? ? 'X-RAY DIFFRACTION' ? 
c_dihedral_angle_d_na   ?     ?    ? ? 'X-RAY DIFFRACTION' ? 
c_dihedral_angle_d_prot ?     ?    ? ? 'X-RAY DIFFRACTION' ? 
c_improper_angle_d      1.65  ?    ? ? 'X-RAY DIFFRACTION' ? 
c_improper_angle_d_na   ?     ?    ? ? 'X-RAY DIFFRACTION' ? 
c_improper_angle_d_prot ?     ?    ? ? 'X-RAY DIFFRACTION' ? 
c_mcbond_it             1.40  1.50 ? ? 'X-RAY DIFFRACTION' ? 
c_mcangle_it            2.08  2.00 ? ? 'X-RAY DIFFRACTION' ? 
c_scbond_it             2.43  2.00 ? ? 'X-RAY DIFFRACTION' ? 
c_scangle_it            3.56  2.50 ? ? 'X-RAY DIFFRACTION' ? 
# 
_refine_ls_shell.pdbx_total_number_of_bins_used   6 
_refine_ls_shell.d_res_high                       1.65 
_refine_ls_shell.d_res_low                        1.75 
_refine_ls_shell.number_reflns_R_work             2045 
_refine_ls_shell.R_factor_R_work                  0.218 
_refine_ls_shell.percent_reflns_obs               99.7 
_refine_ls_shell.R_factor_R_free                  0.283 
_refine_ls_shell.R_factor_R_free_error            0.019 
_refine_ls_shell.percent_reflns_R_free            9.7 
_refine_ls_shell.number_reflns_R_free             220 
_refine_ls_shell.number_reflns_all                ? 
_refine_ls_shell.R_factor_all                     ? 
_refine_ls_shell.redundancy_reflns_obs            ? 
_refine_ls_shell.number_reflns_obs                ? 
_refine_ls_shell.pdbx_refine_id                   'X-RAY DIFFRACTION' 
# 
loop_
_pdbx_xplor_file.serial_no 
_pdbx_xplor_file.param_file 
_pdbx_xplor_file.topol_file 
_pdbx_xplor_file.pdbx_refine_id 
1 protein_rep.param protein.top    'X-RAY DIFFRACTION' 
2 water_rep.param   water.top      'X-RAY DIFFRACTION' 
3 ion.param         acp_prodrg.top 'X-RAY DIFFRACTION' 
4 acp_prodrg.param  ?              'X-RAY DIFFRACTION' 
# 
_struct.entry_id                  2Z09 
_struct.title                     'Crystal structure of uncharacterized conserved protein from Thermus thermophilus HB8' 
_struct.pdbx_model_details        ? 
_struct.pdbx_CASP_flag            ? 
_struct.pdbx_model_type_details   ? 
# 
_struct_keywords.entry_id        2Z09 
_struct_keywords.pdbx_keywords   'STRUCTURAL GENOMICS, UNKNOWN FUNCTION' 
_struct_keywords.text            
;Uncharacterized conserved protein, STRUCTURAL GENOMICS, UNKNOWN FUNCTION, NPPSFA, National Project on Protein Structural and Functional Analyses, RIKEN Structural Genomics/Proteomics Initiative, RSGI
;
# 
loop_
_struct_asym.id 
_struct_asym.pdbx_blank_PDB_chainid_flag 
_struct_asym.pdbx_modified 
_struct_asym.entity_id 
_struct_asym.details 
A N N 1 ? 
B N N 2 ? 
C N N 2 ? 
D N N 3 ? 
E N N 4 ? 
# 
_struct_biol.id        1 
_struct_biol.details   ? 
# 
loop_
_struct_conf.conf_type_id 
_struct_conf.id 
_struct_conf.pdbx_PDB_helix_id 
_struct_conf.beg_label_comp_id 
_struct_conf.beg_label_asym_id 
_struct_conf.beg_label_seq_id 
_struct_conf.pdbx_beg_PDB_ins_code 
_struct_conf.end_label_comp_id 
_struct_conf.end_label_asym_id 
_struct_conf.end_label_seq_id 
_struct_conf.pdbx_end_PDB_ins_code 
_struct_conf.beg_auth_comp_id 
_struct_conf.beg_auth_asym_id 
_struct_conf.beg_auth_seq_id 
_struct_conf.end_auth_comp_id 
_struct_conf.end_auth_asym_id 
_struct_conf.end_auth_seq_id 
_struct_conf.pdbx_PDB_helix_class 
_struct_conf.details 
_struct_conf.pdbx_PDB_helix_length 
HELX_P HELX_P1 1 SER A 12  ? GLY A 30  ? SER A 12  GLY A 30  1 ? 19 
HELX_P HELX_P2 2 LEU A 55  ? GLY A 74  ? LEU A 55  GLY A 74  1 ? 20 
HELX_P HELX_P3 3 PRO A 76  ? GLU A 78  ? PRO A 76  GLU A 78  5 ? 3  
HELX_P HELX_P4 4 VAL A 86  ? GLU A 98  ? VAL A 86  GLU A 98  1 ? 13 
HELX_P HELX_P5 5 GLY A 119 ? ALA A 129 ? GLY A 119 ALA A 129 1 ? 11 
# 
_struct_conf_type.id          HELX_P 
_struct_conf_type.criteria    ? 
_struct_conf_type.reference   ? 
# 
loop_
_struct_conn.id 
_struct_conn.conn_type_id 
_struct_conn.pdbx_leaving_atom_flag 
_struct_conn.pdbx_PDB_id 
_struct_conn.ptnr1_label_asym_id 
_struct_conn.ptnr1_label_comp_id 
_struct_conn.ptnr1_label_seq_id 
_struct_conn.ptnr1_label_atom_id 
_struct_conn.pdbx_ptnr1_label_alt_id 
_struct_conn.pdbx_ptnr1_PDB_ins_code 
_struct_conn.pdbx_ptnr1_standard_comp_id 
_struct_conn.ptnr1_symmetry 
_struct_conn.ptnr2_label_asym_id 
_struct_conn.ptnr2_label_comp_id 
_struct_conn.ptnr2_label_seq_id 
_struct_conn.ptnr2_label_atom_id 
_struct_conn.pdbx_ptnr2_label_alt_id 
_struct_conn.pdbx_ptnr2_PDB_ins_code 
_struct_conn.ptnr1_auth_asym_id 
_struct_conn.ptnr1_auth_comp_id 
_struct_conn.ptnr1_auth_seq_id 
_struct_conn.ptnr2_auth_asym_id 
_struct_conn.ptnr2_auth_comp_id 
_struct_conn.ptnr2_auth_seq_id 
_struct_conn.ptnr2_symmetry 
_struct_conn.pdbx_ptnr3_label_atom_id 
_struct_conn.pdbx_ptnr3_label_seq_id 
_struct_conn.pdbx_ptnr3_label_comp_id 
_struct_conn.pdbx_ptnr3_label_asym_id 
_struct_conn.pdbx_ptnr3_label_alt_id 
_struct_conn.pdbx_ptnr3_PDB_ins_code 
_struct_conn.details 
_struct_conn.pdbx_dist_value 
_struct_conn.pdbx_value_order 
_struct_conn.pdbx_role 
metalc1 metalc ? ? D ACP . O1A ? ? ? 1_555 B MG  . MG ? ? A ACP 2001 A MG  3001 1_555 ? ? ? ? ? ? ? 2.015 ? ? 
metalc2 metalc ? ? D ACP . O2B ? ? ? 1_555 B MG  . MG ? ? A ACP 2001 A MG  3001 1_555 ? ? ? ? ? ? ? 2.043 ? ? 
metalc3 metalc ? ? D ACP . O1G ? ? ? 1_555 B MG  . MG ? ? A ACP 2001 A MG  3001 1_555 ? ? ? ? ? ? ? 2.143 ? ? 
metalc4 metalc ? ? B MG  . MG  ? ? ? 1_555 E HOH . O  ? ? A MG  3001 A HOH 3079 1_555 ? ? ? ? ? ? ? 2.079 ? ? 
metalc5 metalc ? ? B MG  . MG  ? ? ? 1_555 E HOH . O  ? ? A MG  3001 A HOH 3080 1_555 ? ? ? ? ? ? ? 2.087 ? ? 
metalc6 metalc ? ? B MG  . MG  ? ? ? 1_555 E HOH . O  ? ? A MG  3001 A HOH 3081 1_555 ? ? ? ? ? ? ? 2.127 ? ? 
metalc7 metalc ? ? C MG  . MG  ? ? ? 1_555 E HOH . O  ? ? A MG  3002 A HOH 3084 1_555 ? ? ? ? ? ? ? 2.374 ? ? 
# 
_struct_conn_type.id          metalc 
_struct_conn_type.criteria    ? 
_struct_conn_type.reference   ? 
# 
_struct_sheet.id               A 
_struct_sheet.type             ? 
_struct_sheet.number_strands   5 
_struct_sheet.details          ? 
# 
loop_
_struct_sheet_order.sheet_id 
_struct_sheet_order.range_id_1 
_struct_sheet_order.range_id_2 
_struct_sheet_order.offset 
_struct_sheet_order.sense 
A 1 2 ? parallel 
A 2 3 ? parallel 
A 3 4 ? parallel 
A 4 5 ? parallel 
# 
loop_
_struct_sheet_range.sheet_id 
_struct_sheet_range.id 
_struct_sheet_range.beg_label_comp_id 
_struct_sheet_range.beg_label_asym_id 
_struct_sheet_range.beg_label_seq_id 
_struct_sheet_range.pdbx_beg_PDB_ins_code 
_struct_sheet_range.end_label_comp_id 
_struct_sheet_range.end_label_asym_id 
_struct_sheet_range.end_label_seq_id 
_struct_sheet_range.pdbx_end_PDB_ins_code 
_struct_sheet_range.beg_auth_comp_id 
_struct_sheet_range.beg_auth_asym_id 
_struct_sheet_range.beg_auth_seq_id 
_struct_sheet_range.end_auth_comp_id 
_struct_sheet_range.end_auth_asym_id 
_struct_sheet_range.end_auth_seq_id 
A 1 ALA A 80  ? GLU A 84  ? ALA A 80  GLU A 84  
A 2 ARG A 32  ? TYR A 39  ? ARG A 32  TYR A 39  
A 3 THR A 4   ? ALA A 8   ? THR A 4   ALA A 8   
A 4 LEU A 102 ? GLY A 106 ? LEU A 102 GLY A 106 
A 5 VAL A 133 ? VAL A 136 ? VAL A 133 VAL A 136 
# 
loop_
_pdbx_struct_sheet_hbond.sheet_id 
_pdbx_struct_sheet_hbond.range_id_1 
_pdbx_struct_sheet_hbond.range_id_2 
_pdbx_struct_sheet_hbond.range_1_label_atom_id 
_pdbx_struct_sheet_hbond.range_1_label_comp_id 
_pdbx_struct_sheet_hbond.range_1_label_asym_id 
_pdbx_struct_sheet_hbond.range_1_label_seq_id 
_pdbx_struct_sheet_hbond.range_1_PDB_ins_code 
_pdbx_struct_sheet_hbond.range_1_auth_atom_id 
_pdbx_struct_sheet_hbond.range_1_auth_comp_id 
_pdbx_struct_sheet_hbond.range_1_auth_asym_id 
_pdbx_struct_sheet_hbond.range_1_auth_seq_id 
_pdbx_struct_sheet_hbond.range_2_label_atom_id 
_pdbx_struct_sheet_hbond.range_2_label_comp_id 
_pdbx_struct_sheet_hbond.range_2_label_asym_id 
_pdbx_struct_sheet_hbond.range_2_label_seq_id 
_pdbx_struct_sheet_hbond.range_2_PDB_ins_code 
_pdbx_struct_sheet_hbond.range_2_auth_atom_id 
_pdbx_struct_sheet_hbond.range_2_auth_comp_id 
_pdbx_struct_sheet_hbond.range_2_auth_asym_id 
_pdbx_struct_sheet_hbond.range_2_auth_seq_id 
A 1 2 O LEU A 81  ? O LEU A 81  N VAL A 35  ? N VAL A 35  
A 2 3 O ILE A 34  ? O ILE A 34  N LEU A 7   ? N LEU A 7   
A 3 4 N LEU A 6   ? N LEU A 6   O LEU A 102 ? O LEU A 102 
A 4 5 N ILE A 103 ? N ILE A 103 O LEU A 134 ? O LEU A 134 
# 
loop_
_struct_site.id 
_struct_site.pdbx_evidence_code 
_struct_site.pdbx_auth_asym_id 
_struct_site.pdbx_auth_comp_id 
_struct_site.pdbx_auth_seq_id 
_struct_site.pdbx_auth_ins_code 
_struct_site.pdbx_num_residues 
_struct_site.details 
AC1 Software A MG  3001 ? 4  'BINDING SITE FOR RESIDUE MG A 3001'  
AC2 Software A MG  3002 ? 6  'BINDING SITE FOR RESIDUE MG A 3002'  
AC3 Software A ACP 2001 ? 27 'BINDING SITE FOR RESIDUE ACP A 2001' 
# 
loop_
_struct_site_gen.id 
_struct_site_gen.site_id 
_struct_site_gen.pdbx_num_res 
_struct_site_gen.label_comp_id 
_struct_site_gen.label_asym_id 
_struct_site_gen.label_seq_id 
_struct_site_gen.pdbx_auth_ins_code 
_struct_site_gen.auth_comp_id 
_struct_site_gen.auth_asym_id 
_struct_site_gen.auth_seq_id 
_struct_site_gen.label_atom_id 
_struct_site_gen.label_alt_id 
_struct_site_gen.symmetry 
_struct_site_gen.details 
1  AC1 4  ACP D .   ? ACP A 2001 . ? 1_555 ? 
2  AC1 4  HOH E .   ? HOH A 3079 . ? 1_555 ? 
3  AC1 4  HOH E .   ? HOH A 3080 . ? 1_555 ? 
4  AC1 4  HOH E .   ? HOH A 3081 . ? 1_555 ? 
5  AC2 6  HOH E .   ? HOH A 3082 . ? 2_665 ? 
6  AC2 6  HOH E .   ? HOH A 3082 . ? 1_555 ? 
7  AC2 6  HOH E .   ? HOH A 3084 . ? 1_555 ? 
8  AC2 6  HOH E .   ? HOH A 3084 . ? 2_665 ? 
9  AC2 6  HOH E .   ? HOH A 3086 . ? 2_665 ? 
10 AC2 6  HOH E .   ? HOH A 3086 . ? 1_555 ? 
11 AC3 27 ALA A 8   ? ALA A 8    . ? 1_555 ? 
12 AC3 27 TYR A 9   ? TYR A 9    . ? 1_555 ? 
13 AC3 27 ASP A 10  ? ASP A 10   . ? 1_555 ? 
14 AC3 27 VAL A 36  ? VAL A 36   . ? 1_555 ? 
15 AC3 27 HIS A 37  ? HIS A 37   . ? 1_555 ? 
16 AC3 27 ALA A 38  ? ALA A 38   . ? 1_555 ? 
17 AC3 27 PRO A 87  ? PRO A 87   . ? 1_555 ? 
18 AC3 27 MET A 105 ? MET A 105  . ? 1_555 ? 
19 AC3 27 GLY A 106 ? GLY A 106  . ? 1_555 ? 
20 AC3 27 ARG A 108 ? ARG A 108  . ? 1_555 ? 
21 AC3 27 GLY A 109 ? GLY A 109  . ? 1_555 ? 
22 AC3 27 LEU A 110 ? LEU A 110  . ? 1_555 ? 
23 AC3 27 GLY A 111 ? GLY A 111  . ? 1_555 ? 
24 AC3 27 ALA A 112 ? ALA A 112  . ? 1_555 ? 
25 AC3 27 GLY A 119 ? GLY A 119  . ? 1_555 ? 
26 AC3 27 SER A 120 ? SER A 120  . ? 1_555 ? 
27 AC3 27 GLN A 121 ? GLN A 121  . ? 1_555 ? 
28 AC3 27 SER A 122 ? SER A 122  . ? 1_555 ? 
29 AC3 27 ARG A 124 ? ARG A 124  . ? 2_665 ? 
30 AC3 27 MG  B .   ? MG  A 3001 . ? 1_555 ? 
31 AC3 27 HOH E .   ? HOH A 3079 . ? 1_555 ? 
32 AC3 27 HOH E .   ? HOH A 3080 . ? 1_555 ? 
33 AC3 27 HOH E .   ? HOH A 3081 . ? 1_555 ? 
34 AC3 27 HOH E .   ? HOH A 3083 . ? 1_555 ? 
35 AC3 27 HOH E .   ? HOH A 3084 . ? 1_555 ? 
36 AC3 27 HOH E .   ? HOH A 3085 . ? 1_555 ? 
37 AC3 27 HOH E .   ? HOH A 3086 . ? 1_555 ? 
# 
_atom_sites.entry_id                    2Z09 
_atom_sites.fract_transf_matrix[1][1]   -0.02011470 
_atom_sites.fract_transf_matrix[1][2]   -0.02037928 
_atom_sites.fract_transf_matrix[1][3]   0.00928515 
_atom_sites.fract_transf_matrix[2][1]   0.00789838 
_atom_sites.fract_transf_matrix[2][2]   -0.00969044 
_atom_sites.fract_transf_matrix[2][3]   -0.00415832 
_atom_sites.fract_transf_matrix[3][1]   0.00496900 
_atom_sites.fract_transf_matrix[3][2]   -0.00029309 
_atom_sites.fract_transf_matrix[3][3]   0.01012121 
_atom_sites.fract_transf_vector[1]      0.447488 
_atom_sites.fract_transf_vector[2]      0.287247 
_atom_sites.fract_transf_vector[3]      0.358643 
# 
loop_
_atom_type.symbol 
C  
MG 
N  
O  
P  
S  
# 
loop_
_atom_site.group_PDB 
_atom_site.id 
_atom_site.type_symbol 
_atom_site.label_atom_id 
_atom_site.label_alt_id 
_atom_site.label_comp_id 
_atom_site.label_asym_id 
_atom_site.label_entity_id 
_atom_site.label_seq_id 
_atom_site.pdbx_PDB_ins_code 
_atom_site.Cartn_x 
_atom_site.Cartn_y 
_atom_site.Cartn_z 
_atom_site.occupancy 
_atom_site.B_iso_or_equiv 
_atom_site.pdbx_formal_charge 
_atom_site.auth_seq_id 
_atom_site.auth_comp_id 
_atom_site.auth_asym_id 
_atom_site.auth_atom_id 
_atom_site.pdbx_PDB_model_num 
ATOM   1    N  N     . MET A 1 1   ? 2.424   13.709  15.303  1.00 27.33 ? 1    MET A N     1 
ATOM   2    C  CA    . MET A 1 1   ? 3.143   12.745  14.360  1.00 27.21 ? 1    MET A CA    1 
ATOM   3    C  C     . MET A 1 1   ? 2.387   12.248  13.111  1.00 26.49 ? 1    MET A C     1 
ATOM   4    O  O     . MET A 1 1   ? 1.164   12.222  13.072  1.00 26.18 ? 1    MET A O     1 
ATOM   5    C  CB    . MET A 1 1   ? 3.580   11.498  15.134  1.00 27.64 ? 1    MET A CB    1 
ATOM   6    C  CG    . MET A 1 1   ? 4.719   10.721  14.454  1.00 27.34 ? 1    MET A CG    1 
ATOM   7    S  SD    . MET A 1 1   ? 5.217   9.406   15.571  1.00 28.15 ? 1    MET A SD    1 
ATOM   8    C  CE    . MET A 1 1   ? 6.451   10.291  16.747  1.00 25.07 ? 1    MET A CE    1 
ATOM   9    N  N     . PHE A 1 2   ? 3.163   11.775  12.124  1.00 25.69 ? 2    PHE A N     1 
ATOM   10   C  CA    . PHE A 1 2   ? 2.603   11.228  10.894  1.00 23.75 ? 2    PHE A CA    1 
ATOM   11   C  C     . PHE A 1 2   ? 1.727   12.252  10.168  1.00 23.32 ? 2    PHE A C     1 
ATOM   12   O  O     . PHE A 1 2   ? 0.573   12.519  10.575  1.00 25.63 ? 2    PHE A O     1 
ATOM   13   C  CB    . PHE A 1 2   ? 1.805   9.942   11.204  1.00 19.90 ? 2    PHE A CB    1 
ATOM   14   C  CG    . PHE A 1 2   ? 2.618   8.797   11.814  1.00 18.75 ? 2    PHE A CG    1 
ATOM   15   C  CD1   . PHE A 1 2   ? 1.972   7.893   12.674  1.00 17.54 ? 2    PHE A CD1   1 
ATOM   16   C  CD2   . PHE A 1 2   ? 3.987   8.629   11.507  1.00 16.25 ? 2    PHE A CD2   1 
ATOM   17   C  CE1   . PHE A 1 2   ? 2.625   6.863   13.236  1.00 19.45 ? 2    PHE A CE1   1 
ATOM   18   C  CE2   . PHE A 1 2   ? 4.704   7.576   12.063  1.00 17.63 ? 2    PHE A CE2   1 
ATOM   19   C  CZ    . PHE A 1 2   ? 4.017   6.661   12.968  1.00 16.46 ? 2    PHE A CZ    1 
ATOM   20   N  N     . LYS A 1 3   ? 2.262   12.900  9.148   1.00 22.63 ? 3    LYS A N     1 
ATOM   21   C  CA    . LYS A 1 3   ? 1.469   13.897  8.391   1.00 21.91 ? 3    LYS A CA    1 
ATOM   22   C  C     . LYS A 1 3   ? 1.038   13.288  7.055   1.00 18.99 ? 3    LYS A C     1 
ATOM   23   O  O     . LYS A 1 3   ? 0.069   13.685  6.479   1.00 19.64 ? 3    LYS A O     1 
ATOM   24   C  CB    . LYS A 1 3   ? 2.294   15.144  8.088   1.00 25.41 ? 3    LYS A CB    1 
ATOM   25   C  CG    . LYS A 1 3   ? 2.963   15.756  9.356   1.00 27.75 ? 3    LYS A CG    1 
ATOM   26   C  CD    . LYS A 1 3   ? 3.250   17.292  9.195   1.00 30.80 ? 3    LYS A CD    1 
ATOM   27   C  CE    . LYS A 1 3   ? 4.153   17.586  8.021   1.00 32.53 ? 3    LYS A CE    1 
ATOM   28   N  NZ    . LYS A 1 3   ? 5.399   16.713  8.153   1.00 34.29 ? 3    LYS A NZ    1 
ATOM   29   N  N     . THR A 1 4   ? 1.799   12.335  6.571   1.00 17.14 ? 4    THR A N     1 
ATOM   30   C  CA    . THR A 1 4   ? 1.505   11.661  5.305   1.00 13.89 ? 4    THR A CA    1 
ATOM   31   C  C     . THR A 1 4   ? 1.691   10.172  5.536   1.00 13.61 ? 4    THR A C     1 
ATOM   32   O  O     . THR A 1 4   ? 2.774   9.742   5.963   1.00 13.43 ? 4    THR A O     1 
ATOM   33   C  CB    . THR A 1 4   ? 2.485   12.104  4.252   1.00 15.91 ? 4    THR A CB    1 
ATOM   34   O  OG1   . THR A 1 4   ? 2.434   13.566  4.168   1.00 17.62 ? 4    THR A OG1   1 
ATOM   35   C  CG2   . THR A 1 4   ? 2.153   11.465  2.921   1.00 14.80 ? 4    THR A CG2   1 
ATOM   36   N  N     . ILE A 1 5   ? 0.641   9.423   5.170   1.00 11.08 ? 5    ILE A N     1 
ATOM   37   C  CA    . ILE A 1 5   ? 0.607   7.951   5.367   1.00 9.56  ? 5    ILE A CA    1 
ATOM   38   C  C     . ILE A 1 5   ? 0.435   7.306   4.033   1.00 10.16 ? 5    ILE A C     1 
ATOM   39   O  O     . ILE A 1 5   ? -0.408  7.762   3.246   1.00 9.41  ? 5    ILE A O     1 
ATOM   40   C  CB    . ILE A 1 5   ? -0.553  7.561   6.268   1.00 10.62 ? 5    ILE A CB    1 
ATOM   41   C  CG1   . ILE A 1 5   ? -0.499  8.336   7.620   1.00 14.98 ? 5    ILE A CG1   1 
ATOM   42   C  CG2   . ILE A 1 5   ? -0.543  5.981   6.416   1.00 11.79 ? 5    ILE A CG2   1 
ATOM   43   C  CD1   . ILE A 1 5   ? 0.628   8.015   8.387   1.00 20.29 ? 5    ILE A CD1   1 
ATOM   44   N  N     . LEU A 1 6   ? 1.229   6.265   3.734   1.00 6.62  ? 6    LEU A N     1 
ATOM   45   C  CA    . LEU A 1 6   ? 1.080   5.581   2.435   1.00 7.34  ? 6    LEU A CA    1 
ATOM   46   C  C     . LEU A 1 6   ? 0.614   4.175   2.695   1.00 7.79  ? 6    LEU A C     1 
ATOM   47   O  O     . LEU A 1 6   ? 1.251   3.456   3.490   1.00 8.51  ? 6    LEU A O     1 
ATOM   48   C  CB    . LEU A 1 6   ? 2.434   5.571   1.670   1.00 9.04  ? 6    LEU A CB    1 
ATOM   49   C  CG    . LEU A 1 6   ? 2.282   4.984   0.254   1.00 8.88  ? 6    LEU A CG    1 
ATOM   50   C  CD1   . LEU A 1 6   ? 3.190   5.806   -0.626  1.00 17.07 ? 6    LEU A CD1   1 
ATOM   51   C  CD2   . LEU A 1 6   ? 2.538   3.469   0.136   1.00 12.33 ? 6    LEU A CD2   1 
ATOM   52   N  N     . LEU A 1 7   ? -0.513  3.794   2.057   1.00 6.63  ? 7    LEU A N     1 
ATOM   53   C  CA    . LEU A 1 7   ? -1.028  2.387   2.159   1.00 5.91  ? 7    LEU A CA    1 
ATOM   54   C  C     . LEU A 1 7   ? -0.620  1.680   0.888   1.00 6.49  ? 7    LEU A C     1 
ATOM   55   O  O     . LEU A 1 7   ? -0.902  2.170   -0.230  1.00 7.38  ? 7    LEU A O     1 
ATOM   56   C  CB    . LEU A 1 7   ? -2.548  2.475   2.251   1.00 7.13  ? 7    LEU A CB    1 
ATOM   57   C  CG    . LEU A 1 7   ? -3.178  1.090   1.960   1.00 5.23  ? 7    LEU A CG    1 
ATOM   58   C  CD1   . LEU A 1 7   ? -2.891  0.091   3.094   1.00 7.97  ? 7    LEU A CD1   1 
ATOM   59   C  CD2   . LEU A 1 7   ? -4.723  1.310   1.845   1.00 7.28  ? 7    LEU A CD2   1 
ATOM   60   N  N     . ALA A 1 8   ? 0.000   0.511   1.034   1.00 5.37  ? 8    ALA A N     1 
ATOM   61   C  CA    . ALA A 1 8   ? 0.364   -0.364  -0.150  1.00 5.82  ? 8    ALA A CA    1 
ATOM   62   C  C     . ALA A 1 8   ? -0.738  -1.432  -0.196  1.00 5.72  ? 8    ALA A C     1 
ATOM   63   O  O     . ALA A 1 8   ? -0.915  -2.247  0.740   1.00 6.37  ? 8    ALA A O     1 
ATOM   64   C  CB    . ALA A 1 8   ? 1.766   -1.079  0.042   1.00 5.52  ? 8    ALA A CB    1 
ATOM   65   N  N     . TYR A 1 9   ? -1.485  -1.404  -1.335  1.00 6.58  ? 9    TYR A N     1 
ATOM   66   C  CA    . TYR A 1 9   ? -2.681  -2.244  -1.461  1.00 7.09  ? 9    TYR A CA    1 
ATOM   67   C  C     . TYR A 1 9   ? -2.604  -3.218  -2.631  1.00 6.86  ? 9    TYR A C     1 
ATOM   68   O  O     . TYR A 1 9   ? -2.345  -2.792  -3.798  1.00 7.84  ? 9    TYR A O     1 
ATOM   69   C  CB    . TYR A 1 9   ? -3.857  -1.270  -1.742  1.00 6.25  ? 9    TYR A CB    1 
ATOM   70   C  CG    . TYR A 1 9   ? -5.136  -2.021  -1.528  1.00 6.88  ? 9    TYR A CG    1 
ATOM   71   C  CD1   . TYR A 1 9   ? -5.653  -2.114  -0.233  1.00 8.66  ? 9    TYR A CD1   1 
ATOM   72   C  CD2   . TYR A 1 9   ? -5.908  -2.518  -2.605  1.00 7.26  ? 9    TYR A CD2   1 
ATOM   73   C  CE1   . TYR A 1 9   ? -6.926  -2.648  0.030   1.00 9.90  ? 9    TYR A CE1   1 
ATOM   74   C  CE2   . TYR A 1 9   ? -7.178  -3.057  -2.357  1.00 7.87  ? 9    TYR A CE2   1 
ATOM   75   C  CZ    . TYR A 1 9   ? -7.667  -3.110  -1.033  1.00 14.00 ? 9    TYR A CZ    1 
ATOM   76   O  OH    . TYR A 1 9   ? -8.907  -3.648  -0.656  1.00 14.82 ? 9    TYR A OH    1 
ATOM   77   N  N     . ASP A 1 10  ? -2.794  -4.513  -2.342  1.00 7.97  ? 10   ASP A N     1 
ATOM   78   C  CA    . ASP A 1 10  ? -2.779  -5.539  -3.389  1.00 7.60  ? 10   ASP A CA    1 
ATOM   79   C  C     . ASP A 1 10  ? -4.082  -6.273  -3.537  1.00 9.71  ? 10   ASP A C     1 
ATOM   80   O  O     . ASP A 1 10  ? -4.162  -7.181  -4.299  1.00 8.31  ? 10   ASP A O     1 
ATOM   81   C  CB    . ASP A 1 10  ? -1.627  -6.547  -3.139  1.00 8.81  ? 10   ASP A CB    1 
ATOM   82   C  CG    . ASP A 1 10  ? -1.910  -7.499  -1.997  1.00 8.68  ? 10   ASP A CG    1 
ATOM   83   O  OD1   . ASP A 1 10  ? -2.863  -7.221  -1.185  1.00 9.53  ? 10   ASP A OD1   1 
ATOM   84   O  OD2   . ASP A 1 10  ? -1.146  -8.498  -1.870  1.00 8.00  ? 10   ASP A OD2   1 
ATOM   85   N  N     . GLY A 1 11  ? -5.121  -5.819  -2.819  1.00 8.78  ? 11   GLY A N     1 
ATOM   86   C  CA    . GLY A 1 11  ? -6.448  -6.433  -2.924  1.00 9.24  ? 11   GLY A CA    1 
ATOM   87   C  C     . GLY A 1 11  ? -6.645  -7.711  -2.131  1.00 10.18 ? 11   GLY A C     1 
ATOM   88   O  O     . GLY A 1 11  ? -7.738  -8.366  -2.134  1.00 9.54  ? 11   GLY A O     1 
ATOM   89   N  N     . SER A 1 12  ? -5.588  -8.119  -1.418  1.00 10.33 ? 12   SER A N     1 
ATOM   90   C  CA    . SER A 1 12  ? -5.727  -9.293  -0.555  1.00 9.40  ? 12   SER A CA    1 
ATOM   91   C  C     . SER A 1 12  ? -6.540  -8.974  0.738   1.00 9.90  ? 12   SER A C     1 
ATOM   92   O  O     . SER A 1 12  ? -6.799  -7.804  1.023   1.00 11.43 ? 12   SER A O     1 
ATOM   93   C  CB    . SER A 1 12  ? -4.335  -9.771  -0.085  1.00 10.43 ? 12   SER A CB    1 
ATOM   94   O  OG    . SER A 1 12  ? -3.740  -8.780  0.741   1.00 8.98  ? 12   SER A OG    1 
ATOM   95   N  N     . GLU A 1 13  ? -6.942  -10.022 1.480   1.00 9.74  ? 13   GLU A N     1 
ATOM   96   C  CA    . GLU A 1 13  ? -7.703  -9.782  2.732   1.00 12.26 ? 13   GLU A CA    1 
ATOM   97   C  C     . GLU A 1 13  ? -6.782  -9.060  3.733   1.00 10.49 ? 13   GLU A C     1 
ATOM   98   O  O     . GLU A 1 13  ? -7.258  -8.205  4.479   1.00 12.17 ? 13   GLU A O     1 
ATOM   99   C  CB    . GLU A 1 13  ? -8.195  -11.081 3.377   1.00 14.18 ? 13   GLU A CB    1 
ATOM   100  C  CG    . GLU A 1 13  ? -9.171  -11.785 2.510   1.00 20.25 ? 13   GLU A CG    1 
ATOM   101  C  CD    . GLU A 1 13  ? -10.345 -10.873 2.048   1.00 24.47 ? 13   GLU A CD    1 
ATOM   102  O  OE1   . GLU A 1 13  ? -11.032 -10.312 2.873   1.00 28.45 ? 13   GLU A OE1   1 
ATOM   103  O  OE2   . GLU A 1 13  ? -10.548 -10.733 0.814   1.00 31.10 ? 13   GLU A OE2   1 
ATOM   104  N  N     . HIS A 1 14  ? -5.505  -9.410  3.727   1.00 10.59 ? 14   HIS A N     1 
ATOM   105  C  CA    . HIS A 1 14  ? -4.595  -8.619  4.590   1.00 9.72  ? 14   HIS A CA    1 
ATOM   106  C  C     . HIS A 1 14  ? -4.563  -7.140  4.200   1.00 9.26  ? 14   HIS A C     1 
ATOM   107  O  O     . HIS A 1 14  ? -4.537  -6.283  5.058   1.00 9.56  ? 14   HIS A O     1 
ATOM   108  C  CB    . HIS A 1 14  ? -3.147  -9.079  4.486   1.00 11.70 ? 14   HIS A CB    1 
ATOM   109  C  CG    . HIS A 1 14  ? -2.897  -10.314 5.245   1.00 16.61 ? 14   HIS A CG    1 
ATOM   110  N  ND1   . HIS A 1 14  ? -3.313  -11.534 4.798   1.00 16.73 ? 14   HIS A ND1   1 
ATOM   111  C  CD2   . HIS A 1 14  ? -2.216  -10.523 6.393   1.00 16.69 ? 14   HIS A CD2   1 
ATOM   112  C  CE1   . HIS A 1 14  ? -2.898  -12.462 5.644   1.00 17.46 ? 14   HIS A CE1   1 
ATOM   113  N  NE2   . HIS A 1 14  ? -2.231  -11.869 6.615   1.00 19.55 ? 14   HIS A NE2   1 
ATOM   114  N  N     . ALA A 1 15  ? -4.585  -6.822  2.892   1.00 7.94  ? 15   ALA A N     1 
ATOM   115  C  CA    . ALA A 1 15  ? -4.504  -5.436  2.504   1.00 6.46  ? 15   ALA A CA    1 
ATOM   116  C  C     . ALA A 1 15  ? -5.836  -4.699  2.811   1.00 6.17  ? 15   ALA A C     1 
ATOM   117  O  O     . ALA A 1 15  ? -5.812  -3.543  3.017   1.00 7.96  ? 15   ALA A O     1 
ATOM   118  C  CB    . ALA A 1 15  ? -4.089  -5.301  1.021   1.00 5.74  ? 15   ALA A CB    1 
ATOM   119  N  N     . ARG A 1 16  ? -6.977  -5.384  2.792   1.00 8.42  ? 16   ARG A N     1 
ATOM   120  C  CA    . ARG A 1 16  ? -8.281  -4.778  3.159   1.00 7.49  ? 16   ARG A CA    1 
ATOM   121  C  C     . ARG A 1 16  ? -8.169  -4.469  4.661   1.00 7.41  ? 16   ARG A C     1 
ATOM   122  O  O     . ARG A 1 16  ? -8.609  -3.388  5.057   1.00 6.86  ? 16   ARG A O     1 
ATOM   123  C  CB    . ARG A 1 16  ? -9.391  -5.817  2.880   1.00 8.65  ? 16   ARG A CB    1 
ATOM   124  C  CG    . ARG A 1 16  ? -9.716  -5.936  1.407   1.00 10.16 ? 16   ARG A CG    1 
ATOM   125  C  CD    . ARG A 1 16  ? -10.815 -7.036  1.166   1.00 11.07 ? 16   ARG A CD    1 
ATOM   126  N  NE    . ARG A 1 16  ? -11.267 -6.900  -0.225  1.00 12.18 ? 16   ARG A NE    1 
ATOM   127  C  CZ    . ARG A 1 16  ? -12.234 -7.703  -0.701  1.00 13.50 ? 16   ARG A CZ    1 
ATOM   128  N  NH1   . ARG A 1 16  ? -12.743 -8.645  0.096   1.00 15.27 ? 16   ARG A NH1   1 
ATOM   129  N  NH2   . ARG A 1 16  ? -12.670 -7.552  -1.950  1.00 13.09 ? 16   ARG A NH2   1 
ATOM   130  N  N     . ARG A 1 17  ? -7.608  -5.369  5.460   1.00 9.62  ? 17   ARG A N     1 
ATOM   131  C  CA    . ARG A 1 17  ? -7.398  -4.995  6.912   1.00 9.69  ? 17   ARG A CA    1 
ATOM   132  C  C     . ARG A 1 17  ? -6.415  -3.843  7.083   1.00 9.70  ? 17   ARG A C     1 
ATOM   133  O  O     . ARG A 1 17  ? -6.636  -2.914  7.852   1.00 9.00  ? 17   ARG A O     1 
ATOM   134  C  CB    . ARG A 1 17  ? -6.985  -6.163  7.795   1.00 10.43 ? 17   ARG A CB    1 
ATOM   135  C  CG    . ARG A 1 17  ? -8.140  -7.138  7.905   1.00 13.12 ? 17   ARG A CG    1 
ATOM   136  C  CD    . ARG A 1 17  ? -7.888  -8.273  8.889   1.00 14.98 ? 17   ARG A CD    1 
ATOM   137  N  NE    . ARG A 1 17  ? -6.818  -9.162  8.424   1.00 16.09 ? 17   ARG A NE    1 
ATOM   138  C  CZ    . ARG A 1 17  ? -6.987  -10.247 7.612   1.00 20.38 ? 17   ARG A CZ    1 
ATOM   139  N  NH1   . ARG A 1 17  ? -8.190  -10.627 7.150   1.00 18.64 ? 17   ARG A NH1   1 
ATOM   140  N  NH2   . ARG A 1 17  ? -5.919  -10.973 7.241   1.00 21.11 ? 17   ARG A NH2   1 
ATOM   141  N  N     . ALA A 1 18  ? -5.369  -3.854  6.246   1.00 8.66  ? 18   ALA A N     1 
ATOM   142  C  CA    . ALA A 1 18  ? -4.424  -2.742  6.289   1.00 8.42  ? 18   ALA A CA    1 
ATOM   143  C  C     . ALA A 1 18  ? -5.070  -1.403  5.874   1.00 8.18  ? 18   ALA A C     1 
ATOM   144  O  O     . ALA A 1 18  ? -4.702  -0.367  6.409   1.00 10.66 ? 18   ALA A O     1 
ATOM   145  C  CB    . ALA A 1 18  ? -3.141  -3.042  5.323   1.00 8.25  ? 18   ALA A CB    1 
ATOM   146  N  N     . ALA A 1 19  ? -6.050  -1.452  4.932   1.00 6.92  ? 19   ALA A N     1 
ATOM   147  C  CA    . ALA A 1 19  ? -6.711  -0.213  4.457   1.00 8.64  ? 19   ALA A CA    1 
ATOM   148  C  C     . ALA A 1 19  ? -7.538  0.353   5.648   1.00 9.77  ? 19   ALA A C     1 
ATOM   149  O  O     . ALA A 1 19  ? -7.605  1.560   5.863   1.00 10.18 ? 19   ALA A O     1 
ATOM   150  C  CB    . ALA A 1 19  ? -7.675  -0.556  3.208   1.00 8.21  ? 19   ALA A CB    1 
ATOM   151  N  N     . GLU A 1 20  ? -8.152  -0.554  6.424   1.00 10.39 ? 20   GLU A N     1 
ATOM   152  C  CA    . GLU A 1 20  ? -8.921  -0.076  7.552   1.00 12.28 ? 20   GLU A CA    1 
ATOM   153  C  C     . GLU A 1 20  ? -8.024  0.560   8.571   1.00 10.29 ? 20   GLU A C     1 
ATOM   154  O  O     . GLU A 1 20  ? -8.341  1.584   9.128   1.00 11.41 ? 20   GLU A O     1 
ATOM   155  C  CB    . GLU A 1 20  ? -9.692  -1.212  8.203   1.00 15.36 ? 20   GLU A CB    1 
ATOM   156  C  CG    . GLU A 1 20  ? -10.586 -1.967  7.268   1.00 22.33 ? 20   GLU A CG    1 
ATOM   157  C  CD    . GLU A 1 20  ? -11.321 -3.120  7.981   1.00 25.25 ? 20   GLU A CD    1 
ATOM   158  O  OE1   . GLU A 1 20  ? -12.484 -2.860  8.398   1.00 27.75 ? 20   GLU A OE1   1 
ATOM   159  O  OE2   . GLU A 1 20  ? -10.739 -4.263  8.143   1.00 25.64 ? 20   GLU A OE2   1 
ATOM   160  N  N     . VAL A 1 21  ? -6.903  -0.063  8.825   1.00 9.89  ? 21   VAL A N     1 
ATOM   161  C  CA    . VAL A 1 21  ? -5.967  0.501   9.756   1.00 7.85  ? 21   VAL A CA    1 
ATOM   162  C  C     . VAL A 1 21  ? -5.418  1.832   9.280   1.00 7.50  ? 21   VAL A C     1 
ATOM   163  O  O     . VAL A 1 21  ? -5.264  2.757   10.067  1.00 8.23  ? 21   VAL A O     1 
ATOM   164  C  CB    . VAL A 1 21  ? -4.797  -0.517  9.965   1.00 8.85  ? 21   VAL A CB    1 
ATOM   165  C  CG1   . VAL A 1 21  ? -3.619  0.205   10.686  1.00 7.82  ? 21   VAL A CG1   1 
ATOM   166  C  CG2   . VAL A 1 21  ? -5.304  -1.719  10.696  1.00 10.37 ? 21   VAL A CG2   1 
ATOM   167  N  N     . ALA A 1 22  ? -5.147  1.965   7.980   1.00 8.44  ? 22   ALA A N     1 
ATOM   168  C  CA    . ALA A 1 22  ? -4.544  3.181   7.457   1.00 8.18  ? 22   ALA A CA    1 
ATOM   169  C  C     . ALA A 1 22  ? -5.547  4.328   7.520   1.00 9.04  ? 22   ALA A C     1 
ATOM   170  O  O     . ALA A 1 22  ? -5.142  5.444   7.789   1.00 11.47 ? 22   ALA A O     1 
ATOM   171  C  CB    . ALA A 1 22  ? -4.000  2.972   5.960   1.00 9.80  ? 22   ALA A CB    1 
ATOM   172  N  N     . LYS A 1 23  ? -6.811  4.031   7.245   1.00 10.37 ? 23   LYS A N     1 
ATOM   173  C  CA    . LYS A 1 23  ? -7.903  5.060   7.323   1.00 11.01 ? 23   LYS A CA    1 
ATOM   174  C  C     . LYS A 1 23  ? -8.014  5.534   8.760   1.00 10.82 ? 23   LYS A C     1 
ATOM   175  O  O     . LYS A 1 23  ? -8.085  6.770   9.013   1.00 11.11 ? 23   LYS A O     1 
ATOM   176  C  CB    . LYS A 1 23  ? -9.226  4.403   6.922   1.00 11.43 ? 23   LYS A CB    1 
ATOM   177  C  CG    . LYS A 1 23  ? -10.305 5.558   6.856   1.00 15.83 ? 23   LYS A CG    1 
ATOM   178  C  CD    . LYS A 1 23  ? -11.394 5.148   6.039   1.00 18.39 ? 23   LYS A CD    1 
ATOM   179  C  CE    . LYS A 1 23  ? -12.198 4.196   6.690   1.00 23.51 ? 23   LYS A CE    1 
ATOM   180  N  NZ    . LYS A 1 23  ? -13.477 4.342   5.850   1.00 25.92 ? 23   LYS A NZ    1 
ATOM   181  N  N     . ALA A 1 24  ? -7.968  4.548   9.699   1.00 12.64 ? 24   ALA A N     1 
ATOM   182  C  CA    . ALA A 1 24  ? -8.032  4.923   11.129  1.00 12.20 ? 24   ALA A CA    1 
ATOM   183  C  C     . ALA A 1 24  ? -6.819  5.755   11.586  1.00 13.10 ? 24   ALA A C     1 
ATOM   184  O  O     . ALA A 1 24  ? -6.967  6.638   12.446  1.00 12.88 ? 24   ALA A O     1 
ATOM   185  C  CB    . ALA A 1 24  ? -8.161  3.685   12.024  1.00 12.26 ? 24   ALA A CB    1 
ATOM   186  N  N     . GLU A 1 25  ? -5.613  5.412   11.124  1.00 11.13 ? 25   GLU A N     1 
ATOM   187  C  CA    . GLU A 1 25  ? -4.410  6.163   11.468  1.00 11.35 ? 25   GLU A CA    1 
ATOM   188  C  C     . GLU A 1 25  ? -4.489  7.569   10.866  1.00 12.72 ? 25   GLU A C     1 
ATOM   189  O  O     . GLU A 1 25  ? -4.136  8.507   11.496  1.00 11.52 ? 25   GLU A O     1 
ATOM   190  C  CB    . GLU A 1 25  ? -3.130  5.487   10.885  1.00 13.16 ? 25   GLU A CB    1 
ATOM   191  C  CG    . GLU A 1 25  ? -2.705  4.253   11.526  1.00 14.70 ? 25   GLU A CG    1 
ATOM   192  C  CD    . GLU A 1 25  ? -2.080  4.499   12.896  1.00 18.53 ? 25   GLU A CD    1 
ATOM   193  O  OE1   . GLU A 1 25  ? -2.350  5.528   13.533  1.00 20.17 ? 25   GLU A OE1   1 
ATOM   194  O  OE2   . GLU A 1 25  ? -1.292  3.646   13.326  1.00 22.25 ? 25   GLU A OE2   1 
ATOM   195  N  N     . ALA A 1 26  ? -4.917  7.706   9.621   1.00 11.51 ? 26   ALA A N     1 
ATOM   196  C  CA    . ALA A 1 26  ? -4.952  9.008   9.032   1.00 12.61 ? 26   ALA A CA    1 
ATOM   197  C  C     . ALA A 1 26  ? -5.944  9.885   9.812   1.00 13.63 ? 26   ALA A C     1 
ATOM   198  O  O     . ALA A 1 26  ? -5.676  11.086  9.995   1.00 14.58 ? 26   ALA A O     1 
ATOM   199  C  CB    . ALA A 1 26  ? -5.347  8.897   7.511   1.00 14.10 ? 26   ALA A CB    1 
ATOM   200  N  N     . GLU A 1 27  ? -7.046  9.319   10.253  1.00 14.39 ? 27   GLU A N     1 
ATOM   201  C  CA    . GLU A 1 27  ? -8.045  10.132  10.968  1.00 15.93 ? 27   GLU A CA    1 
ATOM   202  C  C     . GLU A 1 27  ? -7.518  10.515  12.335  1.00 16.57 ? 27   GLU A C     1 
ATOM   203  O  O     . GLU A 1 27  ? -7.651  11.708  12.765  1.00 17.51 ? 27   GLU A O     1 
ATOM   204  C  CB    . GLU A 1 27  ? -9.327  9.342   11.110  1.00 18.64 ? 27   GLU A CB    1 
ATOM   205  C  CG    . GLU A 1 27  ? -10.453 10.122  11.843  1.00 25.80 ? 27   GLU A CG    1 
ATOM   206  C  CD    . GLU A 1 27  ? -11.262 10.984  10.896  1.00 30.17 ? 27   GLU A CD    1 
ATOM   207  O  OE1   . GLU A 1 27  ? -11.449 10.581  9.692   1.00 33.52 ? 27   GLU A OE1   1 
ATOM   208  O  OE2   . GLU A 1 27  ? -11.731 12.063  11.370  1.00 33.73 ? 27   GLU A OE2   1 
ATOM   209  N  N     . ALA A 1 28  ? -6.851  9.581   12.988  1.00 14.35 ? 28   ALA A N     1 
ATOM   210  C  CA    . ALA A 1 28  ? -6.346  9.848   14.354  1.00 13.77 ? 28   ALA A CA    1 
ATOM   211  C  C     . ALA A 1 28  ? -5.210  10.855  14.397  1.00 16.04 ? 28   ALA A C     1 
ATOM   212  O  O     . ALA A 1 28  ? -5.111  11.564  15.396  1.00 14.94 ? 28   ALA A O     1 
ATOM   213  C  CB    . ALA A 1 28  ? -5.860  8.542   15.022  1.00 13.98 ? 28   ALA A CB    1 
ATOM   214  N  N     . HIS A 1 29  ? -4.352  10.891  13.363  1.00 13.20 ? 29   HIS A N     1 
ATOM   215  C  CA    . HIS A 1 29  ? -3.199  11.803  13.293  1.00 14.51 ? 29   HIS A CA    1 
ATOM   216  C  C     . HIS A 1 29  ? -3.474  13.024  12.426  1.00 15.16 ? 29   HIS A C     1 
ATOM   217  O  O     . HIS A 1 29  ? -2.547  13.853  12.244  1.00 18.67 ? 29   HIS A O     1 
ATOM   218  C  CB    . HIS A 1 29  ? -1.974  11.093  12.727  1.00 13.68 ? 29   HIS A CB    1 
ATOM   219  C  CG    . HIS A 1 29  ? -1.461  9.992   13.596  1.00 13.05 ? 29   HIS A CG    1 
ATOM   220  N  ND1   . HIS A 1 29  ? -0.662  10.193  14.703  1.00 15.65 ? 29   HIS A ND1   1 
ATOM   221  C  CD2   . HIS A 1 29  ? -1.735  8.669   13.573  1.00 12.41 ? 29   HIS A CD2   1 
ATOM   222  C  CE1   . HIS A 1 29  ? -0.459  9.032   15.310  1.00 12.23 ? 29   HIS A CE1   1 
ATOM   223  N  NE2   . HIS A 1 29  ? -1.102  8.089   14.631  1.00 13.24 ? 29   HIS A NE2   1 
ATOM   224  N  N     . GLY A 1 30  ? -4.679  13.089  11.830  1.00 16.12 ? 30   GLY A N     1 
ATOM   225  C  CA    . GLY A 1 30  ? -4.970  14.235  10.965  1.00 16.34 ? 30   GLY A CA    1 
ATOM   226  C  C     . GLY A 1 30  ? -4.027  14.275  9.761   1.00 16.72 ? 30   GLY A C     1 
ATOM   227  O  O     . GLY A 1 30  ? -3.522  15.327  9.313   1.00 17.35 ? 30   GLY A O     1 
ATOM   228  N  N     . ALA A 1 31  ? -3.764  13.089  9.209   1.00 14.72 ? 31   ALA A N     1 
ATOM   229  C  CA    . ALA A 1 31  ? -2.811  13.004  8.136   1.00 12.88 ? 31   ALA A CA    1 
ATOM   230  C  C     . ALA A 1 31  ? -3.397  12.861  6.763   1.00 13.02 ? 31   ALA A C     1 
ATOM   231  O  O     . ALA A 1 31  ? -4.522  12.432  6.614   1.00 14.67 ? 31   ALA A O     1 
ATOM   232  C  CB    . ALA A 1 31  ? -1.938  11.713  8.407   1.00 13.35 ? 31   ALA A CB    1 
ATOM   233  N  N     . ARG A 1 32  ? -2.569  13.130  5.766   1.00 10.79 ? 32   ARG A N     1 
ATOM   234  C  CA    . ARG A 1 32  ? -2.983  12.901  4.403   1.00 11.64 ? 32   ARG A CA    1 
ATOM   235  C  C     . ARG A 1 32  ? -2.631  11.438  4.057   1.00 11.95 ? 32   ARG A C     1 
ATOM   236  O  O     . ARG A 1 32  ? -1.492  11.020  4.260   1.00 15.22 ? 32   ARG A O     1 
ATOM   237  C  CB    . ARG A 1 32  ? -2.236  13.880  3.483   1.00 15.05 ? 32   ARG A CB    1 
ATOM   238  C  CG    . ARG A 1 32  ? -2.239  13.477  2.004   1.00 19.31 ? 32   ARG A CG    1 
ATOM   239  C  CD    . ARG A 1 32  ? -1.687  14.606  1.125   1.00 20.18 ? 32   ARG A CD    1 
ATOM   240  N  NE    . ARG A 1 32  ? -1.669  14.173  -0.234  1.00 22.27 ? 32   ARG A NE    1 
ATOM   241  C  CZ    . ARG A 1 32  ? -0.559  13.760  -0.819  1.00 18.90 ? 32   ARG A CZ    1 
ATOM   242  N  NH1   . ARG A 1 32  ? 0.633   13.760  -0.152  1.00 19.06 ? 32   ARG A NH1   1 
ATOM   243  N  NH2   . ARG A 1 32  ? -0.665  13.339  -2.055  1.00 22.32 ? 32   ARG A NH2   1 
ATOM   244  N  N     . LEU A 1 33  ? -3.580  10.751  3.488   1.00 10.87 ? 33   LEU A N     1 
ATOM   245  C  CA    . LEU A 1 33  ? -3.426  9.334   3.131   1.00 10.82 ? 33   LEU A CA    1 
ATOM   246  C  C     . LEU A 1 33  ? -3.345  9.131   1.666   1.00 10.19 ? 33   LEU A C     1 
ATOM   247  O  O     . LEU A 1 33  ? -4.227  9.604   0.933   1.00 10.52 ? 33   LEU A O     1 
ATOM   248  C  CB    . LEU A 1 33  ? -4.595  8.523   3.713   1.00 9.08  ? 33   LEU A CB    1 
ATOM   249  C  CG    . LEU A 1 33  ? -4.689  7.006   3.339   1.00 8.71  ? 33   LEU A CG    1 
ATOM   250  C  CD1   . LEU A 1 33  ? -3.364  6.303   3.876   1.00 10.27 ? 33   LEU A CD1   1 
ATOM   251  C  CD2   . LEU A 1 33  ? -5.882  6.298   4.002   1.00 11.00 ? 33   LEU A CD2   1 
ATOM   252  N  N     . ILE A 1 34  ? -2.314  8.394   1.247   1.00 9.66  ? 34   ILE A N     1 
ATOM   253  C  CA    . ILE A 1 34  ? -2.110  8.005   -0.163  1.00 10.62 ? 34   ILE A CA    1 
ATOM   254  C  C     . ILE A 1 34  ? -2.209  6.506   -0.319  1.00 11.45 ? 34   ILE A C     1 
ATOM   255  O  O     . ILE A 1 34  ? -1.683  5.771   0.514   1.00 11.57 ? 34   ILE A O     1 
ATOM   256  C  CB    . ILE A 1 34  ? -0.761  8.435   -0.637  1.00 12.06 ? 34   ILE A CB    1 
ATOM   257  C  CG1   . ILE A 1 34  ? -0.643  9.971   -0.518  1.00 15.85 ? 34   ILE A CG1   1 
ATOM   258  C  CG2   . ILE A 1 34  ? -0.594  8.078   -2.099  1.00 14.25 ? 34   ILE A CG2   1 
ATOM   259  C  CD1   . ILE A 1 34  ? 0.020   10.395  0.742   1.00 21.47 ? 34   ILE A CD1   1 
ATOM   260  N  N     . VAL A 1 35  ? -2.924  6.038   -1.338  1.00 10.75 ? 35   VAL A N     1 
ATOM   261  C  CA    . VAL A 1 35  ? -3.005  4.559   -1.494  1.00 11.28 ? 35   VAL A CA    1 
ATOM   262  C  C     . VAL A 1 35  ? -2.310  4.228   -2.808  1.00 11.92 ? 35   VAL A C     1 
ATOM   263  O  O     . VAL A 1 35  ? -2.441  4.947   -3.798  1.00 12.41 ? 35   VAL A O     1 
ATOM   264  C  CB    . VAL A 1 35  ? -4.498  4.048   -1.416  1.00 13.78 ? 35   VAL A CB    1 
ATOM   265  C  CG1   . VAL A 1 35  ? -5.115  4.479   -0.096  1.00 12.25 ? 35   VAL A CG1   1 
ATOM   266  C  CG2   . VAL A 1 35  ? -5.416  4.698   -2.529  1.00 12.85 ? 35   VAL A CG2   1 
ATOM   267  N  N     . VAL A 1 36  ? -1.553  3.150   -2.865  1.00 10.42 ? 36   VAL A N     1 
ATOM   268  C  CA    . VAL A 1 36  ? -0.870  2.786   -4.103  1.00 11.05 ? 36   VAL A CA    1 
ATOM   269  C  C     . VAL A 1 36  ? -1.029  1.333   -4.369  1.00 11.64 ? 36   VAL A C     1 
ATOM   270  O  O     . VAL A 1 36  ? -1.093  0.499   -3.454  1.00 11.39 ? 36   VAL A O     1 
ATOM   271  C  CB    . VAL A 1 36  ? 0.633   3.094   -4.098  1.00 11.44 ? 36   VAL A CB    1 
ATOM   272  C  CG1   . VAL A 1 36  ? 0.834   4.607   -3.828  1.00 15.30 ? 36   VAL A CG1   1 
ATOM   273  C  CG2   . VAL A 1 36  ? 1.381   2.327   -3.043  1.00 12.64 ? 36   VAL A CG2   1 
ATOM   274  N  N     . HIS A 1 37  ? -1.131  1.037   -5.662  1.00 8.95  ? 37   HIS A N     1 
ATOM   275  C  CA    . HIS A 1 37  ? -1.232  -0.359  -6.086  1.00 8.88  ? 37   HIS A CA    1 
ATOM   276  C  C     . HIS A 1 37  ? -0.315  -0.481  -7.275  1.00 9.91  ? 37   HIS A C     1 
ATOM   277  O  O     . HIS A 1 37  ? -0.449  0.278   -8.250  1.00 9.68  ? 37   HIS A O     1 
ATOM   278  C  CB    . HIS A 1 37  ? -2.662  -0.781  -6.496  1.00 8.50  ? 37   HIS A CB    1 
ATOM   279  C  CG    . HIS A 1 37  ? -2.675  -2.150  -7.109  1.00 9.56  ? 37   HIS A CG    1 
ATOM   280  N  ND1   . HIS A 1 37  ? -2.122  -3.265  -6.471  1.00 8.80  ? 37   HIS A ND1   1 
ATOM   281  C  CD2   . HIS A 1 37  ? -3.165  -2.595  -8.285  1.00 7.61  ? 37   HIS A CD2   1 
ATOM   282  C  CE1   . HIS A 1 37  ? -2.294  -4.331  -7.252  1.00 8.29  ? 37   HIS A CE1   1 
ATOM   283  N  NE2   . HIS A 1 37  ? -2.905  -3.937  -8.359  1.00 10.39 ? 37   HIS A NE2   1 
ATOM   284  N  N     . ALA A 1 38  ? 0.594   -1.449  -7.211  1.00 9.30  ? 38   ALA A N     1 
ATOM   285  C  CA    . ALA A 1 38  ? 1.543   -1.681  -8.317  1.00 9.91  ? 38   ALA A CA    1 
ATOM   286  C  C     . ALA A 1 38  ? 1.098   -2.818  -9.204  1.00 10.07 ? 38   ALA A C     1 
ATOM   287  O  O     . ALA A 1 38  ? 0.513   -3.809  -8.724  1.00 9.56  ? 38   ALA A O     1 
ATOM   288  C  CB    . ALA A 1 38  ? 2.933   -2.044  -7.772  1.00 11.19 ? 38   ALA A CB    1 
ATOM   289  N  N     . TYR A 1 39  ? 1.337   -2.648  -10.495 1.00 12.65 ? 39   TYR A N     1 
ATOM   290  C  CA    . TYR A 1 39  ? 1.150   -3.774  -11.392 1.00 15.41 ? 39   TYR A CA    1 
ATOM   291  C  C     . TYR A 1 39  ? 2.512   -4.111  -12.021 1.00 17.07 ? 39   TYR A C     1 
ATOM   292  O  O     . TYR A 1 39  ? 3.422   -3.247  -12.166 1.00 16.79 ? 39   TYR A O     1 
ATOM   293  C  CB    . TYR A 1 39  ? 0.078   -3.513  -12.455 1.00 15.69 ? 39   TYR A CB    1 
ATOM   294  C  CG    . TYR A 1 39  ? 0.434   -2.457  -13.412 1.00 19.52 ? 39   TYR A CG    1 
ATOM   295  C  CD1   . TYR A 1 39  ? 1.168   -2.726  -14.557 1.00 20.73 ? 39   TYR A CD1   1 
ATOM   296  C  CD2   . TYR A 1 39  ? 0.071   -1.143  -13.138 1.00 20.00 ? 39   TYR A CD2   1 
ATOM   297  C  CE1   . TYR A 1 39  ? 1.563   -1.669  -15.445 1.00 24.01 ? 39   TYR A CE1   1 
ATOM   298  C  CE2   . TYR A 1 39  ? 0.453   -0.099  -13.983 1.00 25.57 ? 39   TYR A CE2   1 
ATOM   299  C  CZ    . TYR A 1 39  ? 1.196   -0.371  -15.118 1.00 25.83 ? 39   TYR A CZ    1 
ATOM   300  O  OH    . TYR A 1 39  ? 1.560   0.679   -15.878 1.00 31.13 ? 39   TYR A OH    1 
ATOM   301  N  N     . GLU A 1 40  ? 2.663   -5.396  -12.279 1.00 21.05 ? 40   GLU A N     1 
ATOM   302  C  CA    . GLU A 1 40  ? 3.930   -5.912  -12.825 1.00 24.68 ? 40   GLU A CA    1 
ATOM   303  C  C     . GLU A 1 40  ? 3.948   -5.876  -14.365 1.00 25.62 ? 40   GLU A C     1 
ATOM   304  O  O     . GLU A 1 40  ? 2.947   -5.850  -15.003 1.00 26.11 ? 40   GLU A O     1 
ATOM   305  C  CB    . GLU A 1 40  ? 4.204   -7.321  -12.343 1.00 24.61 ? 40   GLU A CB    1 
ATOM   306  N  N     . PRO A 1 41  ? 5.130   -5.874  -14.964 1.00 28.57 ? 41   PRO A N     1 
ATOM   307  C  CA    . PRO A 1 41  ? 5.279   -5.852  -16.440 1.00 30.65 ? 41   PRO A CA    1 
ATOM   308  C  C     . PRO A 1 41  ? 4.592   -7.001  -17.199 1.00 31.16 ? 41   PRO A C     1 
ATOM   309  O  O     . PRO A 1 41  ? 3.717   -6.765  -18.089 1.00 32.91 ? 41   PRO A O     1 
ATOM   310  C  CB    . PRO A 1 41  ? 6.793   -5.891  -16.617 1.00 30.29 ? 41   PRO A CB    1 
ATOM   311  C  CG    . PRO A 1 41  ? 7.250   -6.717  -15.436 1.00 30.44 ? 41   PRO A CG    1 
ATOM   312  C  CD    . PRO A 1 41  ? 6.422   -6.102  -14.314 1.00 29.77 ? 41   PRO A CD    1 
ATOM   313  N  N     . LEU A 1 55  ? -0.769  -5.002  -19.672 1.00 34.75 ? 55   LEU A N     1 
ATOM   314  C  CA    . LEU A 1 55  ? -1.311  -4.535  -20.980 1.00 33.61 ? 55   LEU A CA    1 
ATOM   315  C  C     . LEU A 1 55  ? -2.686  -3.975  -20.674 1.00 33.28 ? 55   LEU A C     1 
ATOM   316  O  O     . LEU A 1 55  ? -2.917  -3.636  -19.546 1.00 32.23 ? 55   LEU A O     1 
ATOM   317  C  CB    . LEU A 1 55  ? -1.364  -5.664  -22.005 1.00 33.20 ? 55   LEU A CB    1 
ATOM   318  C  CG    . LEU A 1 55  ? -2.474  -6.687  -21.848 1.00 34.46 ? 55   LEU A CG    1 
ATOM   319  C  CD1   . LEU A 1 55  ? -2.532  -7.652  -23.067 1.00 34.64 ? 55   LEU A CD1   1 
ATOM   320  C  CD2   . LEU A 1 55  ? -2.295  -7.352  -20.460 1.00 33.56 ? 55   LEU A CD2   1 
ATOM   321  N  N     . ARG A 1 56  ? -3.603  -3.908  -21.643 1.00 31.70 ? 56   ARG A N     1 
ATOM   322  C  CA    . ARG A 1 56  ? -4.916  -3.341  -21.350 1.00 29.94 ? 56   ARG A CA    1 
ATOM   323  C  C     . ARG A 1 56  ? -5.538  -4.160  -20.242 1.00 29.14 ? 56   ARG A C     1 
ATOM   324  O  O     . ARG A 1 56  ? -6.130  -3.616  -19.308 1.00 28.70 ? 56   ARG A O     1 
ATOM   325  C  CB    . ARG A 1 56  ? -5.795  -3.327  -22.608 1.00 30.57 ? 56   ARG A CB    1 
ATOM   326  N  N     . ARG A 1 57  ? -5.442  -5.472  -20.369 1.00 26.64 ? 57   ARG A N     1 
ATOM   327  C  CA    . ARG A 1 57  ? -6.007  -6.375  -19.374 1.00 25.64 ? 57   ARG A CA    1 
ATOM   328  C  C     . ARG A 1 57  ? -5.367  -6.173  -18.001 1.00 23.87 ? 57   ARG A C     1 
ATOM   329  O  O     . ARG A 1 57  ? -6.099  -6.107  -16.996 1.00 22.74 ? 57   ARG A O     1 
ATOM   330  C  CB    . ARG A 1 57  ? -5.840  -7.797  -19.811 1.00 25.24 ? 57   ARG A CB    1 
ATOM   331  N  N     . ARG A 1 58  ? -4.025  -6.129  -17.951 1.00 22.51 ? 58   ARG A N     1 
ATOM   332  C  CA    . ARG A 1 58  ? -3.334  -5.923  -16.661 1.00 21.15 ? 58   ARG A CA    1 
ATOM   333  C  C     . ARG A 1 58  ? -3.730  -4.576  -16.009 1.00 19.18 ? 58   ARG A C     1 
ATOM   334  O  O     . ARG A 1 58  ? -3.918  -4.539  -14.799 1.00 18.51 ? 58   ARG A O     1 
ATOM   335  C  CB    . ARG A 1 58  ? -1.756  -6.044  -16.807 1.00 24.09 ? 58   ARG A CB    1 
ATOM   336  C  CG    . ARG A 1 58  ? -0.871  -5.823  -15.458 1.00 25.60 ? 58   ARG A CG    1 
ATOM   337  C  CD    . ARG A 1 58  ? -0.716  -7.053  -14.365 1.00 28.43 ? 58   ARG A CD    1 
ATOM   338  N  NE    . ARG A 1 58  ? -0.140  -6.760  -13.006 1.00 28.46 ? 58   ARG A NE    1 
ATOM   339  C  CZ    . ARG A 1 58  ? -0.140  -7.588  -11.982 1.00 31.62 ? 58   ARG A CZ    1 
ATOM   340  N  NH1   . ARG A 1 58  ? -0.692  -8.827  -12.129 1.00 35.43 ? 58   ARG A NH1   1 
ATOM   341  N  NH2   . ARG A 1 58  ? 0.424   -7.247  -10.775 1.00 34.64 ? 58   ARG A NH2   1 
ATOM   342  N  N     . LEU A 1 59  ? -3.846  -3.522  -16.801 1.00 16.71 ? 59   LEU A N     1 
ATOM   343  C  CA    . LEU A 1 59  ? -4.211  -2.206  -16.311 1.00 16.47 ? 59   LEU A CA    1 
ATOM   344  C  C     . LEU A 1 59  ? -5.678  -2.145  -15.835 1.00 16.11 ? 59   LEU A C     1 
ATOM   345  O  O     . LEU A 1 59  ? -5.951  -1.510  -14.859 1.00 15.56 ? 59   LEU A O     1 
ATOM   346  C  CB    . LEU A 1 59  ? -3.958  -1.072  -17.369 1.00 18.71 ? 59   LEU A CB    1 
ATOM   347  C  CG    . LEU A 1 59  ? -2.475  -0.707  -17.614 1.00 20.06 ? 59   LEU A CG    1 
ATOM   348  C  CD1   . LEU A 1 59  ? -2.383  0.455   -18.590 1.00 22.90 ? 59   LEU A CD1   1 
ATOM   349  C  CD2   . LEU A 1 59  ? -1.852  -0.385  -16.256 1.00 21.87 ? 59   LEU A CD2   1 
ATOM   350  N  N     . GLU A 1 60  ? -6.599  -2.793  -16.551 1.00 15.78 ? 60   GLU A N     1 
ATOM   351  C  CA    . GLU A 1 60  ? -7.990  -2.840  -16.155 1.00 13.94 ? 60   GLU A CA    1 
ATOM   352  C  C     . GLU A 1 60  ? -8.047  -3.542  -14.809 1.00 13.93 ? 60   GLU A C     1 
ATOM   353  O  O     . GLU A 1 60  ? -8.761  -3.059  -13.863 1.00 14.18 ? 60   GLU A O     1 
ATOM   354  C  CB    . GLU A 1 60  ? -8.794  -3.697  -17.186 1.00 16.81 ? 60   GLU A CB    1 
ATOM   355  C  CG    . GLU A 1 60  ? -8.855  -3.041  -18.505 1.00 21.02 ? 60   GLU A CG    1 
ATOM   356  C  CD    . GLU A 1 60  ? -9.310  -3.969  -19.608 1.00 22.75 ? 60   GLU A CD    1 
ATOM   357  O  OE1   . GLU A 1 60  ? -9.381  -3.436  -20.766 1.00 24.82 ? 60   GLU A OE1   1 
ATOM   358  O  OE2   . GLU A 1 60  ? -9.648  -5.185  -19.330 1.00 25.97 ? 60   GLU A OE2   1 
ATOM   359  N  N     . ARG A 1 61  ? -7.374  -4.696  -14.689 1.00 12.29 ? 61   ARG A N     1 
ATOM   360  C  CA    . ARG A 1 61  ? -7.449  -5.423  -13.420 1.00 11.41 ? 61   ARG A CA    1 
ATOM   361  C  C     . ARG A 1 61  ? -6.884  -4.532  -12.275 1.00 10.92 ? 61   ARG A C     1 
ATOM   362  O  O     . ARG A 1 61  ? -7.436  -4.428  -11.170 1.00 11.49 ? 61   ARG A O     1 
ATOM   363  C  CB    . ARG A 1 61  ? -6.641  -6.779  -13.499 1.00 13.62 ? 61   ARG A CB    1 
ATOM   364  C  CG    . ARG A 1 61  ? -6.615  -7.578  -12.184 1.00 15.81 ? 61   ARG A CG    1 
ATOM   365  C  CD    . ARG A 1 61  ? -5.924  -8.972  -12.408 1.00 17.75 ? 61   ARG A CD    1 
ATOM   366  N  NE    . ARG A 1 61  ? -6.847  -10.094 -12.792 1.00 24.93 ? 61   ARG A NE    1 
ATOM   367  C  CZ    . ARG A 1 61  ? -7.029  -10.631 -14.031 1.00 29.69 ? 61   ARG A CZ    1 
ATOM   368  N  NH1   . ARG A 1 61  ? -6.330  -10.174 -15.104 1.00 32.92 ? 61   ARG A NH1   1 
ATOM   369  N  NH2   . ARG A 1 61  ? -8.024  -11.538 -14.301 1.00 27.70 ? 61   ARG A NH2   1 
ATOM   370  N  N     . ALA A 1 62  ? -5.745  -3.850  -12.584 1.00 11.28 ? 62   ALA A N     1 
ATOM   371  C  CA    . ALA A 1 62  ? -5.078  -3.046  -11.573 1.00 9.57  ? 62   ALA A CA    1 
ATOM   372  C  C     . ALA A 1 62  ? -5.858  -1.828  -11.161 1.00 9.39  ? 62   ALA A C     1 
ATOM   373  O  O     . ALA A 1 62  ? -5.879  -1.455  -9.984  1.00 9.58  ? 62   ALA A O     1 
ATOM   374  C  CB    . ALA A 1 62  ? -3.632  -2.646  -12.087 1.00 10.58 ? 62   ALA A CB    1 
ATOM   375  N  N     . GLU A 1 63  ? -6.554  -1.244  -12.108 1.00 10.19 ? 63   GLU A N     1 
ATOM   376  C  CA    . GLU A 1 63  ? -7.380  -0.092  -11.787 1.00 10.25 ? 63   GLU A CA    1 
ATOM   377  C  C     . GLU A 1 63  ? -8.512  -0.538  -10.890 1.00 10.53 ? 63   GLU A C     1 
ATOM   378  O  O     . GLU A 1 63  ? -8.882  0.195   -9.987  1.00 10.49 ? 63   GLU A O     1 
ATOM   379  C  CB    . GLU A 1 63  ? -7.979  0.595   -13.051 1.00 12.47 ? 63   GLU A CB    1 
ATOM   380  C  CG    . GLU A 1 63  ? -6.980  1.295   -13.827 1.00 16.78 ? 63   GLU A CG    1 
ATOM   381  C  CD    . GLU A 1 63  ? -7.609  2.226   -14.804 1.00 21.23 ? 63   GLU A CD    1 
ATOM   382  O  OE1   . GLU A 1 63  ? -8.546  2.907   -14.356 1.00 24.41 ? 63   GLU A OE1   1 
ATOM   383  O  OE2   . GLU A 1 63  ? -7.145  2.300   -15.958 1.00 25.82 ? 63   GLU A OE2   1 
ATOM   384  N  N     . GLY A 1 64  ? -9.119  -1.700  -11.175 1.00 10.01 ? 64   GLY A N     1 
ATOM   385  C  CA    . GLY A 1 64  ? -10.197 -2.132  -10.280 1.00 10.52 ? 64   GLY A CA    1 
ATOM   386  C  C     . GLY A 1 64  ? -9.741  -2.378  -8.839  1.00 10.32 ? 64   GLY A C     1 
ATOM   387  O  O     . GLY A 1 64  ? -10.414 -1.973  -7.895  1.00 10.58 ? 64   GLY A O     1 
ATOM   388  N  N     . VAL A 1 65  ? -8.566  -2.968  -8.666  1.00 9.13  ? 65   VAL A N     1 
ATOM   389  C  CA    . VAL A 1 65  ? -8.015  -3.223  -7.309  1.00 9.40  ? 65   VAL A CA    1 
ATOM   390  C  C     . VAL A 1 65  ? -7.792  -1.905  -6.630  1.00 10.26 ? 65   VAL A C     1 
ATOM   391  O  O     . VAL A 1 65  ? -8.106  -1.774  -5.464  1.00 9.57  ? 65   VAL A O     1 
ATOM   392  C  CB    . VAL A 1 65  ? -6.669  -3.963  -7.413  1.00 10.46 ? 65   VAL A CB    1 
ATOM   393  C  CG1   . VAL A 1 65  ? -5.895  -3.827  -6.044  1.00 10.48 ? 65   VAL A CG1   1 
ATOM   394  C  CG2   . VAL A 1 65  ? -6.967  -5.486  -7.878  1.00 10.73 ? 65   VAL A CG2   1 
ATOM   395  N  N     . LEU A 1 66  ? -7.265  -0.926  -7.357  1.00 9.91  ? 66   LEU A N     1 
ATOM   396  C  CA    . LEU A 1 66  ? -7.019  0.411   -6.776  1.00 9.58  ? 66   LEU A CA    1 
ATOM   397  C  C     . LEU A 1 66  ? -8.348  1.112   -6.439  1.00 11.41 ? 66   LEU A C     1 
ATOM   398  O  O     . LEU A 1 66  ? -8.459  1.797   -5.385  1.00 9.86  ? 66   LEU A O     1 
ATOM   399  C  CB    . LEU A 1 66  ? -6.179  1.256   -7.795  1.00 8.53  ? 66   LEU A CB    1 
ATOM   400  C  CG    . LEU A 1 66  ? -5.856  2.602   -7.164  1.00 9.39  ? 66   LEU A CG    1 
ATOM   401  C  CD1   . LEU A 1 66  ? -4.964  2.512   -5.887  1.00 9.72  ? 66   LEU A CD1   1 
ATOM   402  C  CD2   . LEU A 1 66  ? -5.195  3.404   -8.298  1.00 11.79 ? 66   LEU A CD2   1 
ATOM   403  N  N     . GLU A 1 67  ? -9.366  0.900   -7.289  1.00 11.02 ? 67   GLU A N     1 
ATOM   404  C  CA    . GLU A 1 67  ? -10.699 1.452   -6.969  1.00 11.71 ? 67   GLU A CA    1 
ATOM   405  C  C     . GLU A 1 67  ? -11.232 0.940   -5.605  1.00 10.57 ? 67   GLU A C     1 
ATOM   406  O  O     . GLU A 1 67  ? -11.883 1.669   -4.845  1.00 11.01 ? 67   GLU A O     1 
ATOM   407  C  CB    . GLU A 1 67  ? -11.755 1.084   -8.052  1.00 14.69 ? 67   GLU A CB    1 
ATOM   408  C  CG    . GLU A 1 67  ? -11.666 1.884   -9.343  1.00 21.93 ? 67   GLU A CG    1 
ATOM   409  C  CD    . GLU A 1 67  ? -12.956 1.818   -10.209 1.00 24.00 ? 67   GLU A CD    1 
ATOM   410  O  OE1   . GLU A 1 67  ? -12.987 2.410   -11.309 1.00 24.38 ? 67   GLU A OE1   1 
ATOM   411  O  OE2   . GLU A 1 67  ? -13.948 1.189   -9.820  1.00 27.65 ? 67   GLU A OE2   1 
ATOM   412  N  N     . GLU A 1 68  ? -10.978 -0.340  -5.344  1.00 8.32  ? 68   GLU A N     1 
ATOM   413  C  CA    . GLU A 1 68  ? -11.395 -0.934  -4.075  1.00 9.08  ? 68   GLU A CA    1 
ATOM   414  C  C     . GLU A 1 68  ? -10.648 -0.232  -2.917  1.00 9.98  ? 68   GLU A C     1 
ATOM   415  O  O     . GLU A 1 68  ? -11.260 0.154   -1.930  1.00 8.71  ? 68   GLU A O     1 
ATOM   416  C  CB    . GLU A 1 68  ? -11.171 -2.441  -4.066  1.00 9.64  ? 68   GLU A CB    1 
ATOM   417  C  CG    . GLU A 1 68  ? -11.576 -2.972  -2.752  1.00 10.35 ? 68   GLU A CG    1 
ATOM   418  C  CD    . GLU A 1 68  ? -11.453 -4.455  -2.731  1.00 11.91 ? 68   GLU A CD    1 
ATOM   419  O  OE1   . GLU A 1 68  ? -12.426 -5.130  -3.122  1.00 12.61 ? 68   GLU A OE1   1 
ATOM   420  O  OE2   . GLU A 1 68  ? -10.336 -4.916  -2.359  1.00 12.53 ? 68   GLU A OE2   1 
ATOM   421  N  N     . ALA A 1 69  ? -9.342  -0.027  -3.094  1.00 9.21  ? 69   ALA A N     1 
ATOM   422  C  CA    . ALA A 1 69  ? -8.633  0.634   -2.013  1.00 9.84  ? 69   ALA A CA    1 
ATOM   423  C  C     . ALA A 1 69  ? -9.191  2.108   -1.825  1.00 10.40 ? 69   ALA A C     1 
ATOM   424  O  O     . ALA A 1 69  ? -9.240  2.588   -0.737  1.00 9.93  ? 69   ALA A O     1 
ATOM   425  C  CB    . ALA A 1 69  ? -7.109  0.720   -2.323  1.00 9.30  ? 69   ALA A CB    1 
ATOM   426  N  N     . ARG A 1 70  ? -9.559  2.765   -2.921  1.00 10.10 ? 70   ARG A N     1 
ATOM   427  C  CA    . ARG A 1 70  ? -10.038 4.142   -2.794  1.00 11.41 ? 70   ARG A CA    1 
ATOM   428  C  C     . ARG A 1 70  ? -11.390 4.087   -2.100  1.00 13.59 ? 70   ARG A C     1 
ATOM   429  O  O     . ARG A 1 70  ? -11.750 4.945   -1.227  1.00 13.95 ? 70   ARG A O     1 
ATOM   430  C  CB    . ARG A 1 70  ? -10.069 4.823   -4.180  1.00 15.39 ? 70   ARG A CB    1 
ATOM   431  C  CG    . ARG A 1 70  ? -10.374 6.347   -4.167  1.00 19.19 ? 70   ARG A CG    1 
ATOM   432  C  CD    . ARG A 1 70  ? -10.160 6.938   -5.633  1.00 23.18 ? 70   ARG A CD    1 
ATOM   433  N  NE    . ARG A 1 70  ? -9.237  6.221   -6.600  1.00 28.61 ? 70   ARG A NE    1 
ATOM   434  C  CZ    . ARG A 1 70  ? -9.386  4.985   -7.216  1.00 25.81 ? 70   ARG A CZ    1 
ATOM   435  N  NH1   . ARG A 1 70  ? -10.442 4.217   -6.981  1.00 30.77 ? 70   ARG A NH1   1 
ATOM   436  N  NH2   . ARG A 1 70  ? -8.536  4.578   -8.169  1.00 22.79 ? 70   ARG A NH2   1 
ATOM   437  N  N     . ALA A 1 71  ? -12.164 3.062   -2.396  1.00 11.99 ? 71   ALA A N     1 
ATOM   438  C  CA    . ALA A 1 71  ? -13.503 2.962   -1.737  1.00 13.42 ? 71   ALA A CA    1 
ATOM   439  C  C     . ALA A 1 71  ? -13.402 2.644   -0.212  1.00 13.71 ? 71   ALA A C     1 
ATOM   440  O  O     . ALA A 1 71  ? -14.157 3.178   0.618   1.00 16.25 ? 71   ALA A O     1 
ATOM   441  C  CB    . ALA A 1 71  ? -14.337 1.829   -2.436  1.00 15.19 ? 71   ALA A CB    1 
ATOM   442  N  N     . LEU A 1 72  ? -12.449 1.853   0.179   1.00 10.79 ? 72   LEU A N     1 
ATOM   443  C  CA    . LEU A 1 72  ? -12.346 1.499   1.576   1.00 12.20 ? 72   LEU A CA    1 
ATOM   444  C  C     . LEU A 1 72  ? -11.702 2.602   2.367   1.00 13.29 ? 72   LEU A C     1 
ATOM   445  O  O     . LEU A 1 72  ? -11.985 2.689   3.607   1.00 17.31 ? 72   LEU A O     1 
ATOM   446  C  CB    . LEU A 1 72  ? -11.482 0.243   1.750   1.00 12.86 ? 72   LEU A CB    1 
ATOM   447  C  CG    . LEU A 1 72  ? -12.081 -1.124  1.661   1.00 15.98 ? 72   LEU A CG    1 
ATOM   448  C  CD1   . LEU A 1 72  ? -12.884 -1.253  0.543   1.00 16.37 ? 72   LEU A CD1   1 
ATOM   449  C  CD2   . LEU A 1 72  ? -11.001 -2.109  1.574   1.00 15.94 ? 72   LEU A CD2   1 
ATOM   450  N  N     . THR A 1 73  ? -10.897 3.478   1.752   1.00 11.90 ? 73   THR A N     1 
ATOM   451  C  CA    . THR A 1 73  ? -10.223 4.523   2.524   1.00 12.14 ? 73   THR A CA    1 
ATOM   452  C  C     . THR A 1 73  ? -10.857 5.929   2.365   1.00 13.53 ? 73   THR A C     1 
ATOM   453  O  O     . THR A 1 73  ? -10.603 6.837   3.194   1.00 12.85 ? 73   THR A O     1 
ATOM   454  C  CB    . THR A 1 73  ? -8.764  4.716   2.109   1.00 13.08 ? 73   THR A CB    1 
ATOM   455  O  OG1   . THR A 1 73  ? -8.727  4.947   0.707   1.00 11.73 ? 73   THR A OG1   1 
ATOM   456  C  CG2   . THR A 1 73  ? -7.909  3.427   2.351   1.00 12.75 ? 73   THR A CG2   1 
ATOM   457  N  N     . GLY A 1 74  ? -11.624 6.116   1.278   1.00 12.20 ? 74   GLY A N     1 
ATOM   458  C  CA    . GLY A 1 74  ? -12.184 7.402   1.031   1.00 13.33 ? 74   GLY A CA    1 
ATOM   459  C  C     . GLY A 1 74  ? -11.237 8.489   0.526   1.00 14.74 ? 74   GLY A C     1 
ATOM   460  O  O     . GLY A 1 74  ? -11.623 9.722   0.474   1.00 14.66 ? 74   GLY A O     1 
ATOM   461  N  N     . VAL A 1 75  ? -10.024 8.120   0.093   1.00 12.61 ? 75   VAL A N     1 
ATOM   462  C  CA    . VAL A 1 75  ? -9.149  9.195   -0.375  1.00 13.15 ? 75   VAL A CA    1 
ATOM   463  C  C     . VAL A 1 75  ? -9.561  9.811   -1.749  1.00 14.08 ? 75   VAL A C     1 
ATOM   464  O  O     . VAL A 1 75  ? -10.231 9.208   -2.569  1.00 16.06 ? 75   VAL A O     1 
ATOM   465  C  CB    . VAL A 1 75  ? -7.706  8.689   -0.451  1.00 11.43 ? 75   VAL A CB    1 
ATOM   466  C  CG1   . VAL A 1 75  ? -7.374  8.185   0.911   1.00 12.31 ? 75   VAL A CG1   1 
ATOM   467  C  CG2   . VAL A 1 75  ? -7.540  7.609   -1.570  1.00 10.37 ? 75   VAL A CG2   1 
ATOM   468  N  N     . PRO A 1 76  ? -9.115  11.020  -2.003  1.00 15.73 ? 76   PRO A N     1 
ATOM   469  C  CA    . PRO A 1 76  ? -9.398  11.696  -3.281  1.00 16.25 ? 76   PRO A CA    1 
ATOM   470  C  C     . PRO A 1 76  ? -8.631  10.950  -4.409  1.00 16.01 ? 76   PRO A C     1 
ATOM   471  O  O     . PRO A 1 76  ? -7.610  10.299  -4.192  1.00 14.30 ? 76   PRO A O     1 
ATOM   472  C  CB    . PRO A 1 76  ? -8.749  13.092  -3.124  1.00 16.35 ? 76   PRO A CB    1 
ATOM   473  C  CG    . PRO A 1 76  ? -8.379  13.301  -1.769  1.00 17.19 ? 76   PRO A CG    1 
ATOM   474  C  CD    . PRO A 1 76  ? -8.418  11.867  -1.018  1.00 16.48 ? 76   PRO A CD    1 
ATOM   475  N  N     . LYS A 1 77  ? -9.100  11.080  -5.645  1.00 17.56 ? 77   LYS A N     1 
ATOM   476  C  CA    . LYS A 1 77  ? -8.477  10.473  -6.817  1.00 17.43 ? 77   LYS A CA    1 
ATOM   477  C  C     . LYS A 1 77  ? -6.999  10.722  -6.975  1.00 16.07 ? 77   LYS A C     1 
ATOM   478  O  O     . LYS A 1 77  ? -6.265  9.801   -7.274  1.00 17.98 ? 77   LYS A O     1 
ATOM   479  C  CB    . LYS A 1 77  ? -9.144  11.012  -8.076  1.00 18.58 ? 77   LYS A CB    1 
ATOM   480  C  CG    . LYS A 1 77  ? -10.537 10.525  -8.161  1.00 20.37 ? 77   LYS A CG    1 
ATOM   481  C  CD    . LYS A 1 77  ? -11.107 11.027  -9.503  1.00 24.98 ? 77   LYS A CD    1 
ATOM   482  C  CE    . LYS A 1 77  ? -12.239 10.108  -9.822  1.00 26.44 ? 77   LYS A CE    1 
ATOM   483  N  NZ    . LYS A 1 77  ? -13.264 10.196  -8.777  1.00 28.66 ? 77   LYS A NZ    1 
ATOM   484  N  N     . GLU A 1 78  ? -6.556  11.960  -6.794  1.00 15.17 ? 78   GLU A N     1 
ATOM   485  C  CA    . GLU A 1 78  ? -5.149  12.322  -6.923  1.00 14.95 ? 78   GLU A CA    1 
ATOM   486  C  C     . GLU A 1 78  ? -4.220  11.612  -5.891  1.00 13.23 ? 78   GLU A C     1 
ATOM   487  O  O     . GLU A 1 78  ? -2.970  11.572  -6.046  1.00 14.43 ? 78   GLU A O     1 
ATOM   488  C  CB    . GLU A 1 78  ? -4.975  13.864  -6.779  1.00 16.98 ? 78   GLU A CB    1 
ATOM   489  C  CG    . GLU A 1 78  ? -5.311  14.598  -7.998  1.00 20.12 ? 78   GLU A CG    1 
ATOM   490  C  CD    . GLU A 1 78  ? -5.103  16.126  -7.826  1.00 21.59 ? 78   GLU A CD    1 
ATOM   491  O  OE1   . GLU A 1 78  ? -5.872  16.710  -6.995  1.00 25.70 ? 78   GLU A OE1   1 
ATOM   492  O  OE2   . GLU A 1 78  ? -4.233  16.730  -8.505  1.00 19.21 ? 78   GLU A OE2   1 
ATOM   493  N  N     . ASP A 1 79  ? -4.853  11.032  -4.864  1.00 13.59 ? 79   ASP A N     1 
ATOM   494  C  CA    . ASP A 1 79  ? -4.095  10.332  -3.783  1.00 13.21 ? 79   ASP A CA    1 
ATOM   495  C  C     . ASP A 1 79  ? -4.195  8.814   -3.904  1.00 12.49 ? 79   ASP A C     1 
ATOM   496  O  O     . ASP A 1 79  ? -3.887  8.129   -2.905  1.00 13.14 ? 79   ASP A O     1 
ATOM   497  C  CB    . ASP A 1 79  ? -4.626  10.755  -2.400  1.00 11.16 ? 79   ASP A CB    1 
ATOM   498  C  CG    . ASP A 1 79  ? -4.229  12.198  -2.047  1.00 15.65 ? 79   ASP A CG    1 
ATOM   499  O  OD1   . ASP A 1 79  ? -4.822  12.829  -1.127  1.00 16.18 ? 79   ASP A OD1   1 
ATOM   500  O  OD2   . ASP A 1 79  ? -3.341  12.676  -2.744  1.00 15.34 ? 79   ASP A OD2   1 
ATOM   501  N  N     . ALA A 1 80  ? -4.726  8.317   -5.006  1.00 10.30 ? 80   ALA A N     1 
ATOM   502  C  CA    . ALA A 1 80  ? -4.827  6.870   -5.270  1.00 11.02 ? 80   ALA A CA    1 
ATOM   503  C  C     . ALA A 1 80  ? -4.011  6.603   -6.542  1.00 10.35 ? 80   ALA A C     1 
ATOM   504  O  O     . ALA A 1 80  ? -4.504  6.906   -7.655  1.00 10.39 ? 80   ALA A O     1 
ATOM   505  C  CB    . ALA A 1 80  ? -6.264  6.376   -5.504  1.00 9.83  ? 80   ALA A CB    1 
ATOM   506  N  N     . LEU A 1 81  ? -2.860  5.967   -6.390  1.00 10.04 ? 81   LEU A N     1 
ATOM   507  C  CA    . LEU A 1 81  ? -1.974  5.835   -7.518  1.00 12.29 ? 81   LEU A CA    1 
ATOM   508  C  C     . LEU A 1 81  ? -1.698  4.455   -8.055  1.00 11.28 ? 81   LEU A C     1 
ATOM   509  O  O     . LEU A 1 81  ? -1.536  3.560   -7.271  1.00 11.50 ? 81   LEU A O     1 
ATOM   510  C  CB    . LEU A 1 81  ? -0.594  6.439   -7.096  1.00 13.24 ? 81   LEU A CB    1 
ATOM   511  C  CG    . LEU A 1 81  ? -0.698  7.847   -6.518  1.00 14.04 ? 81   LEU A CG    1 
ATOM   512  C  CD1   . LEU A 1 81  ? 0.736   8.196   -5.999  1.00 17.05 ? 81   LEU A CD1   1 
ATOM   513  C  CD2   . LEU A 1 81  ? -1.249  8.864   -7.520  1.00 12.62 ? 81   LEU A CD2   1 
ATOM   514  N  N     . LEU A 1 82  ? -1.694  4.297   -9.381  1.00 11.53 ? 82   LEU A N     1 
ATOM   515  C  CA    . LEU A 1 82  ? -1.318  3.050   -9.974  1.00 13.11 ? 82   LEU A CA    1 
ATOM   516  C  C     . LEU A 1 82  ? 0.144   3.227   -10.279 1.00 13.43 ? 82   LEU A C     1 
ATOM   517  O  O     . LEU A 1 82  ? 0.541   4.222   -10.933 1.00 13.65 ? 82   LEU A O     1 
ATOM   518  C  CB    . LEU A 1 82  ? -2.030  2.797   -11.313 1.00 15.23 ? 82   LEU A CB    1 
ATOM   519  C  CG    . LEU A 1 82  ? -3.393  2.130   -11.296 1.00 19.81 ? 82   LEU A CG    1 
ATOM   520  C  CD1   . LEU A 1 82  ? -3.854  1.890   -12.757 1.00 20.74 ? 82   LEU A CD1   1 
ATOM   521  C  CD2   . LEU A 1 82  ? -3.268  0.761   -10.552 1.00 19.90 ? 82   LEU A CD2   1 
ATOM   522  N  N     . LEU A 1 83  ? 0.944   2.224   -9.947  1.00 12.60 ? 83   LEU A N     1 
ATOM   523  C  CA    . LEU A 1 83  ? 2.406   2.287   -10.219 1.00 13.46 ? 83   LEU A CA    1 
ATOM   524  C  C     . LEU A 1 83  ? 2.817   0.967   -10.906 1.00 14.41 ? 83   LEU A C     1 
ATOM   525  O  O     . LEU A 1 83  ? 2.073   0.003   -10.874 1.00 14.44 ? 83   LEU A O     1 
ATOM   526  C  CB    . LEU A 1 83  ? 3.192   2.410   -8.945  1.00 17.52 ? 83   LEU A CB    1 
ATOM   527  C  CG    . LEU A 1 83  ? 2.716   3.578   -8.103  1.00 18.68 ? 83   LEU A CG    1 
ATOM   528  C  CD1   . LEU A 1 83  ? 3.372   3.602   -6.720  1.00 19.13 ? 83   LEU A CD1   1 
ATOM   529  C  CD2   . LEU A 1 83  ? 3.025   4.799   -8.945  1.00 22.39 ? 83   LEU A CD2   1 
ATOM   530  N  N     . GLU A 1 84  ? 3.994   0.969   -11.551 1.00 17.02 ? 84   GLU A N     1 
ATOM   531  C  CA    . GLU A 1 84  ? 4.404   -0.229  -12.319 1.00 17.61 ? 84   GLU A CA    1 
ATOM   532  C  C     . GLU A 1 84  ? 5.712   -0.709  -11.853 1.00 17.84 ? 84   GLU A C     1 
ATOM   533  O  O     . GLU A 1 84  ? 6.528   0.043   -11.397 1.00 21.00 ? 84   GLU A O     1 
ATOM   534  C  CB    . GLU A 1 84  ? 4.430   0.093   -13.860 1.00 19.47 ? 84   GLU A CB    1 
ATOM   535  C  CG    . GLU A 1 84  ? 4.979   -1.016  -14.811 1.00 22.85 ? 84   GLU A CG    1 
ATOM   536  C  CD    . GLU A 1 84  ? 6.476   -1.306  -14.652 1.00 25.42 ? 84   GLU A CD    1 
ATOM   537  O  OE1   . GLU A 1 84  ? 7.307   -0.416  -14.322 1.00 26.51 ? 84   GLU A OE1   1 
ATOM   538  O  OE2   . GLU A 1 84  ? 6.842   -2.497  -14.862 1.00 27.90 ? 84   GLU A OE2   1 
ATOM   539  N  N     . GLY A 1 85  ? 5.861   -2.017  -11.828 1.00 16.10 ? 85   GLY A N     1 
ATOM   540  C  CA    . GLY A 1 85  ? 7.157   -2.570  -11.444 1.00 16.51 ? 85   GLY A CA    1 
ATOM   541  C  C     . GLY A 1 85  ? 7.012   -3.529  -10.271 1.00 14.70 ? 85   GLY A C     1 
ATOM   542  O  O     . GLY A 1 85  ? 5.878   -3.920  -9.890  1.00 17.40 ? 85   GLY A O     1 
ATOM   543  N  N     . VAL A 1 86  ? 8.164   -3.883  -9.709  1.00 12.89 ? 86   VAL A N     1 
ATOM   544  C  CA    . VAL A 1 86  ? 8.261   -4.790  -8.601  1.00 11.69 ? 86   VAL A CA    1 
ATOM   545  C  C     . VAL A 1 86  ? 7.500   -3.989  -7.530  1.00 11.95 ? 86   VAL A C     1 
ATOM   546  O  O     . VAL A 1 86  ? 7.861   -2.865  -7.213  1.00 12.22 ? 86   VAL A O     1 
ATOM   547  C  CB    . VAL A 1 86  ? 9.699   -4.942  -8.138  1.00 14.43 ? 86   VAL A CB    1 
ATOM   548  C  CG1   . VAL A 1 86  ? 9.741   -5.710  -6.849  1.00 14.66 ? 86   VAL A CG1   1 
ATOM   549  C  CG2   . VAL A 1 86  ? 10.490  -5.688  -9.163  1.00 15.38 ? 86   VAL A CG2   1 
ATOM   550  N  N     . PRO A 1 87  ? 6.557   -4.639  -6.846  1.00 10.03 ? 87   PRO A N     1 
ATOM   551  C  CA    . PRO A 1 87  ? 5.819   -3.835  -5.858  1.00 9.72  ? 87   PRO A CA    1 
ATOM   552  C  C     . PRO A 1 87  ? 6.609   -3.037  -4.828  1.00 8.50  ? 87   PRO A C     1 
ATOM   553  O  O     . PRO A 1 87  ? 6.409   -1.839  -4.639  1.00 9.13  ? 87   PRO A O     1 
ATOM   554  C  CB    . PRO A 1 87  ? 4.886   -4.835  -5.249  1.00 8.65  ? 87   PRO A CB    1 
ATOM   555  C  CG    . PRO A 1 87  ? 4.588   -5.854  -6.403  1.00 8.29  ? 87   PRO A CG    1 
ATOM   556  C  CD    . PRO A 1 87  ? 6.041   -6.011  -6.952  1.00 10.51 ? 87   PRO A CD    1 
ATOM   557  N  N     . ALA A 1 88  ? 7.548   -3.702  -4.191  1.00 9.14  ? 88   ALA A N     1 
ATOM   558  C  CA    . ALA A 1 88  ? 8.275   -2.963  -3.157  1.00 8.38  ? 88   ALA A CA    1 
ATOM   559  C  C     . ALA A 1 88  ? 9.001   -1.744  -3.719  1.00 8.58  ? 88   ALA A C     1 
ATOM   560  O  O     . ALA A 1 88  ? 9.115   -0.744  -3.028  1.00 9.62  ? 88   ALA A O     1 
ATOM   561  C  CB    . ALA A 1 88  ? 9.305   -3.895  -2.415  1.00 9.83  ? 88   ALA A CB    1 
ATOM   562  N  N     . GLU A 1 89  ? 9.596   -1.864  -4.889  1.00 9.43  ? 89   GLU A N     1 
ATOM   563  C  CA    . GLU A 1 89  ? 10.303  -0.693  -5.508  1.00 13.03 ? 89   GLU A CA    1 
ATOM   564  C  C     . GLU A 1 89  ? 9.328   0.436   -5.778  1.00 10.88 ? 89   GLU A C     1 
ATOM   565  O  O     . GLU A 1 89  ? 9.629   1.587   -5.518  1.00 11.24 ? 89   GLU A O     1 
ATOM   566  C  CB    . GLU A 1 89  ? 10.935  -1.166  -6.816  1.00 17.23 ? 89   GLU A CB    1 
ATOM   567  C  CG    . GLU A 1 89  ? 12.186  -2.007  -6.564  1.00 21.23 ? 89   GLU A CG    1 
ATOM   568  C  CD    . GLU A 1 89  ? 13.009  -2.326  -7.871  1.00 27.83 ? 89   GLU A CD    1 
ATOM   569  O  OE1   . GLU A 1 89  ? 12.458  -2.411  -9.008  1.00 30.84 ? 89   GLU A OE1   1 
ATOM   570  O  OE2   . GLU A 1 89  ? 14.227  -2.561  -7.769  1.00 31.89 ? 89   GLU A OE2   1 
ATOM   571  N  N     . ALA A 1 90  ? 8.128   0.060   -6.230  1.00 11.27 ? 90   ALA A N     1 
ATOM   572  C  CA    . ALA A 1 90  ? 7.143   1.062   -6.545  1.00 10.12 ? 90   ALA A CA    1 
ATOM   573  C  C     . ALA A 1 90  ? 6.714   1.758   -5.262  1.00 11.48 ? 90   ALA A C     1 
ATOM   574  O  O     . ALA A 1 90  ? 6.505   2.958   -5.236  1.00 11.70 ? 90   ALA A O     1 
ATOM   575  C  CB    . ALA A 1 90  ? 5.949   0.430   -7.204  1.00 12.63 ? 90   ALA A CB    1 
ATOM   576  N  N     . ILE A 1 91  ? 6.454   0.949   -4.229  1.00 8.95  ? 91   ILE A N     1 
ATOM   577  C  CA    . ILE A 1 91  ? 6.011   1.501   -2.920  1.00 9.78  ? 91   ILE A CA    1 
ATOM   578  C  C     . ILE A 1 91  ? 7.053   2.455   -2.362  1.00 8.94  ? 91   ILE A C     1 
ATOM   579  O  O     . ILE A 1 91  ? 6.742   3.517   -1.880  1.00 10.57 ? 91   ILE A O     1 
ATOM   580  C  CB    . ILE A 1 91  ? 5.774   0.311   -1.944  1.00 8.14  ? 91   ILE A CB    1 
ATOM   581  C  CG1   . ILE A 1 91  ? 4.613   -0.562  -2.451  1.00 7.86  ? 91   ILE A CG1   1 
ATOM   582  C  CG2   . ILE A 1 91  ? 5.482   0.840   -0.485  1.00 8.72  ? 91   ILE A CG2   1 
ATOM   583  C  CD1   . ILE A 1 91  ? 4.553   -1.898  -1.835  1.00 7.43  ? 91   ILE A CD1   1 
ATOM   584  N  N     . LEU A 1 92  ? 8.335   2.053   -2.414  1.00 9.30  ? 92   LEU A N     1 
ATOM   585  C  CA    . LEU A 1 92  ? 9.382   2.855   -1.868  1.00 9.22  ? 92   LEU A CA    1 
ATOM   586  C  C     . LEU A 1 92  ? 9.547   4.144   -2.668  1.00 10.02 ? 92   LEU A C     1 
ATOM   587  O  O     . LEU A 1 92  ? 9.800   5.179   -2.023  1.00 11.53 ? 92   LEU A O     1 
ATOM   588  C  CB    . LEU A 1 92  ? 10.731  2.064   -1.849  1.00 8.73  ? 92   LEU A CB    1 
ATOM   589  C  CG    . LEU A 1 92  ? 10.598  0.937   -0.812  1.00 10.73 ? 92   LEU A CG    1 
ATOM   590  C  CD1   . LEU A 1 92  ? 11.731  -0.035  -1.152  1.00 11.31 ? 92   LEU A CD1   1 
ATOM   591  C  CD2   . LEU A 1 92  ? 10.824  1.360   0.742   1.00 11.21 ? 92   LEU A CD2   1 
ATOM   592  N  N     . GLN A 1 93  ? 9.455   4.062   -4.000  1.00 11.09 ? 93   GLN A N     1 
ATOM   593  C  CA    . GLN A 1 93  ? 9.606   5.296   -4.735  1.00 12.11 ? 93   GLN A CA    1 
ATOM   594  C  C     . GLN A 1 93  ? 8.429   6.203   -4.407  1.00 11.75 ? 93   GLN A C     1 
ATOM   595  O  O     . GLN A 1 93  ? 8.626   7.455   -4.265  1.00 13.18 ? 93   GLN A O     1 
ATOM   596  C  CB    . GLN A 1 93  ? 9.662   5.114   -6.232  1.00 14.33 ? 93   GLN A CB    1 
ATOM   597  C  CG    . GLN A 1 93  ? 10.176  6.558   -6.909  1.00 19.79 ? 93   GLN A CG    1 
ATOM   598  C  CD    . GLN A 1 93  ? 11.131  7.538   -6.093  1.00 23.52 ? 93   GLN A CD    1 
ATOM   599  O  OE1   . GLN A 1 93  ? 12.357  7.266   -5.841  1.00 29.06 ? 93   GLN A OE1   1 
ATOM   600  N  NE2   . GLN A 1 93  ? 10.579  8.707   -5.718  1.00 23.41 ? 93   GLN A NE2   1 
ATOM   601  N  N     . ALA A 1 94  ? 7.225   5.682   -4.321  1.00 10.62 ? 94   ALA A N     1 
ATOM   602  C  CA    . ALA A 1 94  ? 6.169   6.609   -3.999  1.00 11.47 ? 94   ALA A CA    1 
ATOM   603  C  C     . ALA A 1 94  ? 6.304   7.206   -2.638  1.00 10.40 ? 94   ALA A C     1 
ATOM   604  O  O     . ALA A 1 94  ? 5.846   8.340   -2.336  1.00 10.22 ? 94   ALA A O     1 
ATOM   605  C  CB    . ALA A 1 94  ? 4.790   5.925   -4.138  1.00 12.20 ? 94   ALA A CB    1 
ATOM   606  N  N     . ALA A 1 95  ? 6.787   6.377   -1.702  1.00 9.97  ? 95   ALA A N     1 
ATOM   607  C  CA    . ALA A 1 95  ? 6.933   6.877   -0.358  1.00 10.97 ? 95   ALA A CA    1 
ATOM   608  C  C     . ALA A 1 95  ? 7.945   8.027   -0.309  1.00 12.41 ? 95   ALA A C     1 
ATOM   609  O  O     . ALA A 1 95  ? 7.724   8.916   0.427   1.00 11.47 ? 95   ALA A O     1 
ATOM   610  C  CB    . ALA A 1 95  ? 7.412   5.766   0.614   1.00 10.98 ? 95   ALA A CB    1 
ATOM   611  N  N     . ARG A 1 96  ? 9.032   7.919   -1.045  1.00 14.40 ? 96   ARG A N     1 
ATOM   612  C  CA    . ARG A 1 96  ? 10.049  9.035   -1.010  1.00 15.47 ? 96   ARG A CA    1 
ATOM   613  C  C     . ARG A 1 96  ? 9.419   10.261  -1.729  1.00 16.12 ? 96   ARG A C     1 
ATOM   614  O  O     . ARG A 1 96  ? 9.487   11.365  -1.202  1.00 17.68 ? 96   ARG A O     1 
ATOM   615  C  CB    . ARG A 1 96  ? 11.381  8.639   -1.666  1.00 18.94 ? 96   ARG A CB    1 
ATOM   616  C  CG    . ARG A 1 96  ? 12.096  7.494   -0.932  1.00 20.68 ? 96   ARG A CG    1 
ATOM   617  C  CD    . ARG A 1 96  ? 13.480  7.263   -1.508  1.00 23.36 ? 96   ARG A CD    1 
ATOM   618  N  NE    . ARG A 1 96  ? 13.362  6.639   -2.827  1.00 27.67 ? 96   ARG A NE    1 
ATOM   619  C  CZ    . ARG A 1 96  ? 13.215  5.331   -3.054  1.00 28.24 ? 96   ARG A CZ    1 
ATOM   620  N  NH1   . ARG A 1 96  ? 13.176  4.449   -2.066  1.00 31.54 ? 96   ARG A NH1   1 
ATOM   621  N  NH2   . ARG A 1 96  ? 13.094  4.891   -4.290  1.00 29.49 ? 96   ARG A NH2   1 
ATOM   622  N  N     . ALA A 1 97  ? 8.771   10.037  -2.871  1.00 16.06 ? 97   ALA A N     1 
ATOM   623  C  CA    . ALA A 1 97  ? 8.129   11.100  -3.609  1.00 16.65 ? 97   ALA A CA    1 
ATOM   624  C  C     . ALA A 1 97  ? 7.062   11.879  -2.787  1.00 17.37 ? 97   ALA A C     1 
ATOM   625  O  O     . ALA A 1 97  ? 6.992   13.154  -2.847  1.00 18.28 ? 97   ALA A O     1 
ATOM   626  C  CB    . ALA A 1 97  ? 7.528   10.517  -4.799  1.00 16.38 ? 97   ALA A CB    1 
ATOM   627  N  N     . GLU A 1 98  ? 6.203   11.127  -2.067  1.00 14.50 ? 98   GLU A N     1 
ATOM   628  C  CA    . GLU A 1 98  ? 5.128   11.747  -1.284  1.00 15.10 ? 98   GLU A CA    1 
ATOM   629  C  C     . GLU A 1 98  ? 5.612   12.156  0.129   1.00 12.06 ? 98   GLU A C     1 
ATOM   630  O  O     . GLU A 1 98  ? 4.831   12.712  0.894   1.00 12.58 ? 98   GLU A O     1 
ATOM   631  C  CB    . GLU A 1 98  ? 3.970   10.788  -1.091  1.00 14.91 ? 98   GLU A CB    1 
ATOM   632  C  CG    . GLU A 1 98  ? 3.214   10.283  -2.380  1.00 17.23 ? 98   GLU A CG    1 
ATOM   633  C  CD    . GLU A 1 98  ? 2.117   11.262  -2.929  1.00 15.39 ? 98   GLU A CD    1 
ATOM   634  O  OE1   . GLU A 1 98  ? 1.742   12.208  -2.272  1.00 13.06 ? 98   GLU A OE1   1 
ATOM   635  O  OE2   . GLU A 1 98  ? 1.628   11.017  -4.055  1.00 15.27 ? 98   GLU A OE2   1 
ATOM   636  N  N     . LYS A 1 99  ? 6.866   11.896  0.446   1.00 14.62 ? 99   LYS A N     1 
ATOM   637  C  CA    . LYS A 1 99  ? 7.463   12.172  1.766   1.00 15.48 ? 99   LYS A CA    1 
ATOM   638  C  C     . LYS A 1 99  ? 6.626   11.496  2.816   1.00 14.72 ? 99   LYS A C     1 
ATOM   639  O  O     . LYS A 1 99  ? 6.305   12.037  3.849   1.00 14.55 ? 99   LYS A O     1 
ATOM   640  C  CB    . LYS A 1 99  ? 7.612   13.714  2.052   1.00 17.32 ? 99   LYS A CB    1 
ATOM   641  C  CG    . LYS A 1 99  ? 8.482   14.311  0.966   1.00 20.96 ? 99   LYS A CG    1 
ATOM   642  C  CD    . LYS A 1 99  ? 8.908   15.713  1.332   1.00 24.04 ? 99   LYS A CD    1 
ATOM   643  C  CE    . LYS A 1 99  ? 9.936   16.238  0.329   1.00 25.62 ? 99   LYS A CE    1 
ATOM   644  N  NZ    . LYS A 1 99  ? 9.244   16.919  -0.835  1.00 28.09 ? 99   LYS A NZ    1 
ATOM   645  N  N     . ALA A 1 100 ? 6.231   10.238  2.549   1.00 13.86 ? 100  ALA A N     1 
ATOM   646  C  CA    . ALA A 1 100 ? 5.490   9.461   3.583   1.00 13.93 ? 100  ALA A CA    1 
ATOM   647  C  C     . ALA A 1 100 ? 6.269   9.286   4.929   1.00 12.29 ? 100  ALA A C     1 
ATOM   648  O  O     . ALA A 1 100 ? 7.494   9.110   4.965   1.00 12.50 ? 100  ALA A O     1 
ATOM   649  C  CB    . ALA A 1 100 ? 5.180   8.101   3.037   1.00 13.88 ? 100  ALA A CB    1 
ATOM   650  N  N     . ASP A 1 101 ? 5.520   9.489   6.005   1.00 12.35 ? 101  ASP A N     1 
ATOM   651  C  CA    . ASP A 1 101 ? 6.013   9.365   7.401   1.00 13.04 ? 101  ASP A CA    1 
ATOM   652  C  C     . ASP A 1 101 ? 5.619   7.981   7.955   1.00 12.22 ? 101  ASP A C     1 
ATOM   653  O  O     . ASP A 1 101 ? 6.118   7.619   9.073   1.00 10.55 ? 101  ASP A O     1 
ATOM   654  C  CB    . ASP A 1 101 ? 5.308   10.446  8.294   1.00 14.99 ? 101  ASP A CB    1 
ATOM   655  C  CG    . ASP A 1 101 ? 5.607   11.818  7.805   1.00 19.13 ? 101  ASP A CG    1 
ATOM   656  O  OD1   . ASP A 1 101 ? 4.643   12.561  7.565   1.00 22.25 ? 101  ASP A OD1   1 
ATOM   657  O  OD2   . ASP A 1 101 ? 6.807   12.123  7.615   1.00 20.30 ? 101  ASP A OD2   1 
ATOM   658  N  N     . LEU A 1 102 ? 4.775   7.204   7.224   1.00 10.43 ? 102  LEU A N     1 
ATOM   659  C  CA    . LEU A 1 102 ? 4.376   5.868   7.725   1.00 8.43  ? 102  LEU A CA    1 
ATOM   660  C  C     . LEU A 1 102 ? 3.872   5.109   6.480   1.00 8.82  ? 102  LEU A C     1 
ATOM   661  O  O     . LEU A 1 102 ? 3.206   5.739   5.611   1.00 8.00  ? 102  LEU A O     1 
ATOM   662  C  CB    . LEU A 1 102 ? 3.192   6.038   8.722   1.00 9.36  ? 102  LEU A CB    1 
ATOM   663  C  CG    . LEU A 1 102 ? 2.627   4.689   9.181   1.00 8.69  ? 102  LEU A CG    1 
ATOM   664  C  CD1   . LEU A 1 102 ? 3.683   4.013   10.022  1.00 9.10  ? 102  LEU A CD1   1 
ATOM   665  C  CD2   . LEU A 1 102 ? 1.344   4.823   9.939   1.00 9.66  ? 102  LEU A CD2   1 
ATOM   666  N  N     . ILE A 1 103 ? 4.318   3.856   6.327   1.00 6.64  ? 103  ILE A N     1 
ATOM   667  C  CA    . ILE A 1 103 ? 3.805   2.992   5.271   1.00 6.96  ? 103  ILE A CA    1 
ATOM   668  C  C     . ILE A 1 103 ? 3.024   1.911   5.998   1.00 7.61  ? 103  ILE A C     1 
ATOM   669  O  O     . ILE A 1 103 ? 3.547   1.410   6.991   1.00 8.04  ? 103  ILE A O     1 
ATOM   670  C  CB    . ILE A 1 103 ? 4.953   2.315   4.520   1.00 6.53  ? 103  ILE A CB    1 
ATOM   671  C  CG1   . ILE A 1 103 ? 5.683   3.366   3.726   1.00 6.34  ? 103  ILE A CG1   1 
ATOM   672  C  CG2   . ILE A 1 103 ? 4.391   1.130   3.652   1.00 8.30  ? 103  ILE A CG2   1 
ATOM   673  C  CD1   . ILE A 1 103 ? 7.094   2.821   3.295   1.00 8.85  ? 103  ILE A CD1   1 
ATOM   674  N  N     . VAL A 1 104 ? 1.782   1.631   5.561   1.00 6.50  ? 104  VAL A N     1 
ATOM   675  C  CA    . VAL A 1 104 ? 0.951   0.586   6.200   1.00 6.00  ? 104  VAL A CA    1 
ATOM   676  C  C     . VAL A 1 104 ? 0.802   -0.512  5.099   1.00 7.14  ? 104  VAL A C     1 
ATOM   677  O  O     . VAL A 1 104 ? 0.525   -0.201  3.941   1.00 6.82  ? 104  VAL A O     1 
ATOM   678  C  CB    . VAL A 1 104 ? -0.444  1.158   6.535   1.00 5.89  ? 104  VAL A CB    1 
ATOM   679  C  CG1   . VAL A 1 104 ? -1.322  0.132   7.187   1.00 7.93  ? 104  VAL A CG1   1 
ATOM   680  C  CG2   . VAL A 1 104 ? -0.266  2.367   7.487   1.00 7.21  ? 104  VAL A CG2   1 
ATOM   681  N  N     . MET A 1 105 ? 1.122   -1.798  5.440   1.00 7.12  ? 105  MET A N     1 
ATOM   682  C  CA    . MET A 1 105 ? 0.906   -2.810  4.410   1.00 8.01  ? 105  MET A CA    1 
ATOM   683  C  C     . MET A 1 105 ? 0.609   -4.113  5.129   1.00 7.67  ? 105  MET A C     1 
ATOM   684  O  O     . MET A 1 105 ? 0.792   -4.181  6.372   1.00 6.12  ? 105  MET A O     1 
ATOM   685  C  CB    . MET A 1 105 ? 2.184   -2.968  3.500   1.00 7.69  ? 105  MET A CB    1 
ATOM   686  C  CG    . MET A 1 105 ? 3.409   -3.389  4.341   1.00 8.07  ? 105  MET A CG    1 
ATOM   687  S  SD    . MET A 1 105 ? 4.978   -3.047  3.389   1.00 7.56  ? 105  MET A SD    1 
ATOM   688  C  CE    . MET A 1 105 ? 4.665   -3.968  1.823   1.00 7.04  ? 105  MET A CE    1 
ATOM   689  N  N     . GLY A 1 106 ? 0.097   -5.109  4.381   1.00 7.02  ? 106  GLY A N     1 
ATOM   690  C  CA    . GLY A 1 106 ? -0.161  -6.388  5.074   1.00 7.39  ? 106  GLY A CA    1 
ATOM   691  C  C     . GLY A 1 106 ? 1.172   -7.183  5.332   1.00 7.62  ? 106  GLY A C     1 
ATOM   692  O  O     . GLY A 1 106 ? 2.249   -6.957  4.695   1.00 8.45  ? 106  GLY A O     1 
ATOM   693  N  N     . THR A 1 107 ? 1.075   -8.092  6.304   1.00 7.18  ? 107  THR A N     1 
ATOM   694  C  CA    . THR A 1 107 ? 2.244   -8.989  6.514   1.00 6.87  ? 107  THR A CA    1 
ATOM   695  C  C     . THR A 1 107 ? 2.328   -9.955  5.336   1.00 8.57  ? 107  THR A C     1 
ATOM   696  O  O     . THR A 1 107 ? 3.414   -10.401 4.983   1.00 11.21 ? 107  THR A O     1 
ATOM   697  C  CB    . THR A 1 107 ? 2.063   -9.819  7.781   1.00 10.25 ? 107  THR A CB    1 
ATOM   698  O  OG1   . THR A 1 107 ? 0.773   -10.443 7.741   1.00 11.36 ? 107  THR A OG1   1 
ATOM   699  C  CG2   . THR A 1 107 ? 2.138   -8.964  9.009   1.00 9.35  ? 107  THR A CG2   1 
ATOM   700  N  N     . ARG A 1 108 ? 1.176   -10.286 4.749   1.00 8.92  ? 108  ARG A N     1 
ATOM   701  C  CA    . ARG A 1 108 ? 1.148   -11.255 3.604   1.00 10.31 ? 108  ARG A CA    1 
ATOM   702  C  C     . ARG A 1 108 ? 0.166   -10.672 2.643   1.00 7.55  ? 108  ARG A C     1 
ATOM   703  O  O     . ARG A 1 108 ? -0.464  -9.630  2.946   1.00 8.71  ? 108  ARG A O     1 
ATOM   704  C  CB    . ARG A 1 108 ? 0.735   -12.647 4.060   1.00 13.77 ? 108  ARG A CB    1 
ATOM   705  C  CG    . ARG A 1 108 ? 1.783   -13.278 5.040   1.00 17.05 ? 108  ARG A CG    1 
ATOM   706  C  CD    . ARG A 1 108 ? 2.427   -14.576 4.491   1.00 23.20 ? 108  ARG A CD    1 
ATOM   707  N  NE    . ARG A 1 108 ? 3.248   -14.365 3.227   1.00 22.80 ? 108  ARG A NE    1 
ATOM   708  C  CZ    . ARG A 1 108 ? 3.249   -15.209 2.246   1.00 24.90 ? 108  ARG A CZ    1 
ATOM   709  N  NH1   . ARG A 1 108 ? 2.463   -16.335 2.316   1.00 31.29 ? 108  ARG A NH1   1 
ATOM   710  N  NH2   . ARG A 1 108 ? 4.090   -15.062 1.243   1.00 28.47 ? 108  ARG A NH2   1 
ATOM   711  N  N     . GLY A 1 109 ? 0.017   -11.333 1.499   1.00 9.35  ? 109  GLY A N     1 
ATOM   712  C  CA    . GLY A 1 109 ? -0.806  -10.754 0.434   1.00 7.88  ? 109  GLY A CA    1 
ATOM   713  C  C     . GLY A 1 109 ? -1.410  -11.864 -0.450  1.00 10.61 ? 109  GLY A C     1 
ATOM   714  O  O     . GLY A 1 109 ? -1.596  -12.946 -0.015  1.00 13.28 ? 109  GLY A O     1 
ATOM   715  N  N     . LEU A 1 110 ? -1.705  -11.562 -1.698  1.00 11.17 ? 110  LEU A N     1 
ATOM   716  C  CA    . LEU A 1 110 ? -2.347  -12.545 -2.598  1.00 11.06 ? 110  LEU A CA    1 
ATOM   717  C  C     . LEU A 1 110 ? -1.535  -13.755 -2.880  1.00 13.08 ? 110  LEU A C     1 
ATOM   718  O  O     . LEU A 1 110 ? -2.046  -14.822 -3.214  1.00 14.06 ? 110  LEU A O     1 
ATOM   719  C  CB    . LEU A 1 110 ? -2.702  -11.883 -3.933  1.00 12.97 ? 110  LEU A CB    1 
ATOM   720  C  CG    . LEU A 1 110 ? -3.783  -10.820 -3.922  1.00 14.02 ? 110  LEU A CG    1 
ATOM   721  C  CD1   . LEU A 1 110 ? -3.966  -10.316 -5.420  1.00 16.98 ? 110  LEU A CD1   1 
ATOM   722  C  CD2   . LEU A 1 110 ? -5.149  -11.351 -3.394  1.00 12.69 ? 110  LEU A CD2   1 
ATOM   723  N  N     . GLY A 1 111 ? -0.228  -13.612 -2.835  1.00 12.82 ? 111  GLY A N     1 
ATOM   724  C  CA    . GLY A 1 111 ? 0.553   -14.777 -3.151  1.00 13.68 ? 111  GLY A CA    1 
ATOM   725  C  C     . GLY A 1 111 ? 0.898   -15.631 -1.934  1.00 14.52 ? 111  GLY A C     1 
ATOM   726  O  O     . GLY A 1 111 ? 1.747   -16.522 -2.069  1.00 16.95 ? 111  GLY A O     1 
ATOM   727  N  N     . ALA A 1 112 ? 0.285   -15.373 -0.785  1.00 15.96 ? 112  ALA A N     1 
ATOM   728  C  CA    . ALA A 1 112 ? 0.644   -16.115 0.438   1.00 16.93 ? 112  ALA A CA    1 
ATOM   729  C  C     . ALA A 1 112 ? 0.476   -17.623 0.367   1.00 19.14 ? 112  ALA A C     1 
ATOM   730  O  O     . ALA A 1 112 ? -0.609  -18.129 -0.016  1.00 19.93 ? 112  ALA A O     1 
ATOM   731  C  CB    . ALA A 1 112 ? -0.146  -15.617 1.604   1.00 16.91 ? 112  ALA A CB    1 
ATOM   732  N  N     . LEU A 1 113 ? 1.523   -18.326 0.796   1.00 20.36 ? 113  LEU A N     1 
ATOM   733  C  CA    . LEU A 1 113 ? 1.504   -19.811 0.872   1.00 21.28 ? 113  LEU A CA    1 
ATOM   734  C  C     . LEU A 1 113 ? 1.702   -20.205 2.341   1.00 22.32 ? 113  LEU A C     1 
ATOM   735  O  O     . LEU A 1 113 ? 1.508   -21.380 2.730   1.00 23.27 ? 113  LEU A O     1 
ATOM   736  C  CB    . LEU A 1 113 ? 2.630   -20.397 0.015   1.00 21.12 ? 113  LEU A CB    1 
ATOM   737  C  CG    . LEU A 1 113 ? 2.566   -19.829 -1.400  1.00 21.75 ? 113  LEU A CG    1 
ATOM   738  C  CD1   . LEU A 1 113 ? 3.825   -20.159 -2.057  1.00 19.37 ? 113  LEU A CD1   1 
ATOM   739  C  CD2   . LEU A 1 113 ? 1.379   -20.344 -2.218  1.00 21.19 ? 113  LEU A CD2   1 
ATOM   740  N  N     . GLY A 1 114 ? 2.142   -19.248 3.158   1.00 23.40 ? 114  GLY A N     1 
ATOM   741  C  CA    . GLY A 1 114 ? 2.321   -19.496 4.571   1.00 24.20 ? 114  GLY A CA    1 
ATOM   742  C  C     . GLY A 1 114 ? 3.709   -20.041 4.836   1.00 23.41 ? 114  GLY A C     1 
ATOM   743  O  O     . GLY A 1 114 ? 4.052   -20.424 5.948   1.00 24.09 ? 114  GLY A O     1 
ATOM   744  N  N     . SER A 1 115 ? 4.528   -20.083 3.804   1.00 22.37 ? 115  SER A N     1 
ATOM   745  C  CA    . SER A 1 115 ? 5.862   -20.585 4.020   1.00 22.35 ? 115  SER A CA    1 
ATOM   746  C  C     . SER A 1 115 ? 6.880   -19.472 4.334   1.00 22.46 ? 115  SER A C     1 
ATOM   747  O  O     . SER A 1 115 ? 7.928   -19.745 4.898   1.00 24.96 ? 115  SER A O     1 
ATOM   748  C  CB    . SER A 1 115 ? 6.318   -21.381 2.800   1.00 24.15 ? 115  SER A CB    1 
ATOM   749  O  OG    . SER A 1 115 ? 5.869   -20.845 1.572   1.00 24.36 ? 115  SER A OG    1 
ATOM   750  N  N     . LEU A 1 116 ? 6.616   -18.220 3.946   1.00 19.53 ? 116  LEU A N     1 
ATOM   751  C  CA    . LEU A 1 116 ? 7.552   -17.150 4.274   1.00 15.40 ? 116  LEU A CA    1 
ATOM   752  C  C     . LEU A 1 116 ? 7.224   -16.625 5.653   1.00 17.21 ? 116  LEU A C     1 
ATOM   753  O  O     . LEU A 1 116 ? 6.092   -16.716 6.092   1.00 17.19 ? 116  LEU A O     1 
ATOM   754  C  CB    . LEU A 1 116 ? 7.422   -15.973 3.305   1.00 14.13 ? 116  LEU A CB    1 
ATOM   755  C  CG    . LEU A 1 116 ? 8.027   -16.218 1.860   1.00 11.85 ? 116  LEU A CG    1 
ATOM   756  C  CD1   . LEU A 1 116 ? 7.617   -15.062 1.001   1.00 11.49 ? 116  LEU A CD1   1 
ATOM   757  C  CD2   . LEU A 1 116 ? 9.587   -16.373 1.909   1.00 12.75 ? 116  LEU A CD2   1 
ATOM   758  N  N     . PHE A 1 117 ? 8.184   -16.016 6.341   1.00 16.72 ? 117  PHE A N     1 
ATOM   759  C  CA    . PHE A 1 117 ? 7.785   -15.502 7.666   1.00 17.39 ? 117  PHE A CA    1 
ATOM   760  C  C     . PHE A 1 117 ? 6.960   -14.181 7.538   1.00 17.09 ? 117  PHE A C     1 
ATOM   761  O  O     . PHE A 1 117 ? 6.204   -13.863 8.440   1.00 20.70 ? 117  PHE A O     1 
ATOM   762  C  CB    . PHE A 1 117 ? 9.060   -15.286 8.618   1.00 18.20 ? 117  PHE A CB    1 
ATOM   763  C  CG    . PHE A 1 117 ? 9.759   -13.939 8.515   1.00 20.13 ? 117  PHE A CG    1 
ATOM   764  C  CD1   . PHE A 1 117 ? 9.446   -12.918 9.428   1.00 18.32 ? 117  PHE A CD1   1 
ATOM   765  C  CD2   . PHE A 1 117 ? 10.755  -13.702 7.549   1.00 18.80 ? 117  PHE A CD2   1 
ATOM   766  C  CE1   . PHE A 1 117 ? 10.085  -11.745 9.365   1.00 19.38 ? 117  PHE A CE1   1 
ATOM   767  C  CE2   . PHE A 1 117 ? 11.435  -12.498 7.468   1.00 20.17 ? 117  PHE A CE2   1 
ATOM   768  C  CZ    . PHE A 1 117 ? 11.081  -11.463 8.424   1.00 19.25 ? 117  PHE A CZ    1 
ATOM   769  N  N     . LEU A 1 118 ? 7.153   -13.491 6.418   1.00 13.44 ? 118  LEU A N     1 
ATOM   770  C  CA    . LEU A 1 118 ? 6.614   -12.155 6.030   1.00 9.13  ? 118  LEU A CA    1 
ATOM   771  C  C     . LEU A 1 118 ? 6.728   -12.195 4.516   1.00 8.35  ? 118  LEU A C     1 
ATOM   772  O  O     . LEU A 1 118 ? 7.704   -12.733 3.987   1.00 9.14  ? 118  LEU A O     1 
ATOM   773  C  CB    . LEU A 1 118 ? 7.577   -11.125 6.713   1.00 8.56  ? 118  LEU A CB    1 
ATOM   774  C  CG    . LEU A 1 118 ? 7.393   -9.690  6.372   1.00 9.81  ? 118  LEU A CG    1 
ATOM   775  C  CD1   . LEU A 1 118 ? 6.031   -9.320  6.903   1.00 9.51  ? 118  LEU A CD1   1 
ATOM   776  C  CD2   . LEU A 1 118 ? 8.555   -8.832  6.972   1.00 10.62 ? 118  LEU A CD2   1 
ATOM   777  N  N     . GLY A 1 119 ? 5.776   -11.622 3.796   1.00 9.53  ? 119  GLY A N     1 
ATOM   778  C  CA    . GLY A 1 119 ? 5.849   -11.636 2.345   1.00 9.79  ? 119  GLY A CA    1 
ATOM   779  C  C     . GLY A 1 119 ? 7.043   -10.918 1.794   1.00 10.13 ? 119  GLY A C     1 
ATOM   780  O  O     . GLY A 1 119 ? 7.585   -10.021 2.480   1.00 8.90  ? 119  GLY A O     1 
ATOM   781  N  N     . SER A 1 120 ? 7.462   -11.307 0.610   1.00 9.65  ? 120  SER A N     1 
ATOM   782  C  CA    . SER A 1 120 ? 8.698   -10.731 0.099   1.00 9.53  ? 120  SER A CA    1 
ATOM   783  C  C     . SER A 1 120 ? 8.636   -9.238  -0.179  1.00 7.96  ? 120  SER A C     1 
ATOM   784  O  O     . SER A 1 120 ? 9.635   -8.554  -0.079  1.00 9.42  ? 120  SER A O     1 
ATOM   785  C  CB    . SER A 1 120 ? 9.208   -11.486 -1.153  1.00 8.84  ? 120  SER A CB    1 
ATOM   786  O  OG    . SER A 1 120 ? 8.435   -11.267 -2.258  1.00 10.18 ? 120  SER A OG    1 
ATOM   787  N  N     . GLN A 1 121 ? 7.459   -8.741  -0.509  1.00 7.51  ? 121  GLN A N     1 
ATOM   788  C  CA    . GLN A 1 121 ? 7.432   -7.279  -0.805  1.00 7.27  ? 121  GLN A CA    1 
ATOM   789  C  C     . GLN A 1 121 ? 7.488   -6.512  0.536   1.00 6.89  ? 121  GLN A C     1 
ATOM   790  O  O     . GLN A 1 121 ? 8.175   -5.511  0.658   1.00 7.46  ? 121  GLN A O     1 
ATOM   791  C  CB    . GLN A 1 121 ? 6.134   -6.901  -1.570  1.00 8.14  ? 121  GLN A CB    1 
ATOM   792  C  CG    . GLN A 1 121 ? 5.959   -7.677  -2.958  1.00 7.84  ? 121  GLN A CG    1 
ATOM   793  C  CD    . GLN A 1 121 ? 7.159   -7.545  -3.884  1.00 10.95 ? 121  GLN A CD    1 
ATOM   794  O  OE1   . GLN A 1 121 ? 7.831   -6.539  -3.920  1.00 10.26 ? 121  GLN A OE1   1 
ATOM   795  N  NE2   . GLN A 1 121 ? 7.419   -8.598  -4.663  1.00 14.52 ? 121  GLN A NE2   1 
ATOM   796  N  N     . SER A 1 122 ? 6.791   -7.025  1.570   1.00 7.07  ? 122  SER A N     1 
ATOM   797  C  CA    . SER A 1 122 ? 6.901   -6.437  2.914   1.00 5.17  ? 122  SER A CA    1 
ATOM   798  C  C     . SER A 1 122 ? 8.371   -6.562  3.411   1.00 7.14  ? 122  SER A C     1 
ATOM   799  O  O     . SER A 1 122 ? 8.903   -5.604  4.009   1.00 7.37  ? 122  SER A O     1 
ATOM   800  C  CB    . SER A 1 122 ? 5.978   -7.200  3.920   1.00 6.58  ? 122  SER A CB    1 
ATOM   801  O  OG    . SER A 1 122 ? 4.647   -6.826  3.635   1.00 11.12 ? 122  SER A OG    1 
ATOM   802  N  N     . GLN A 1 123 ? 9.013   -7.725  3.154   1.00 5.89  ? 123  GLN A N     1 
ATOM   803  C  CA    . GLN A 1 123 ? 10.397  -7.795  3.571   1.00 7.19  ? 123  GLN A CA    1 
ATOM   804  C  C     . GLN A 1 123 ? 11.218  -6.709  2.945   1.00 8.53  ? 123  GLN A C     1 
ATOM   805  O  O     . GLN A 1 123 ? 12.039  -6.096  3.643   1.00 7.64  ? 123  GLN A O     1 
ATOM   806  C  CB    . GLN A 1 123 ? 11.040  -9.141  3.228   1.00 7.04  ? 123  GLN A CB    1 
ATOM   807  C  CG    . GLN A 1 123 ? 10.525  -10.307 4.056   1.00 6.21  ? 123  GLN A CG    1 
ATOM   808  C  CD    . GLN A 1 123 ? 11.286  -11.581 3.703   1.00 7.91  ? 123  GLN A CD    1 
ATOM   809  O  OE1   . GLN A 1 123 ? 12.521  -11.558 3.579   1.00 7.91  ? 123  GLN A OE1   1 
ATOM   810  N  NE2   . GLN A 1 123 ? 10.586  -12.691 3.638   1.00 8.94  ? 123  GLN A NE2   1 
ATOM   811  N  N     . ARG A 1 124 ? 11.055  -6.492  1.653   1.00 7.36  ? 124  ARG A N     1 
ATOM   812  C  CA    . ARG A 1 124 ? 11.876  -5.490  0.982   1.00 7.13  ? 124  ARG A CA    1 
ATOM   813  C  C     . ARG A 1 124 ? 11.571  -4.106  1.479   1.00 9.39  ? 124  ARG A C     1 
ATOM   814  O  O     . ARG A 1 124 ? 12.492  -3.315  1.729   1.00 10.07 ? 124  ARG A O     1 
ATOM   815  C  CB    . ARG A 1 124 ? 11.737  -5.529  -0.532  1.00 8.99  ? 124  ARG A CB    1 
ATOM   816  C  CG    . ARG A 1 124 ? 12.295  -6.743  -1.198  1.00 12.13 ? 124  ARG A CG    1 
ATOM   817  C  CD    . ARG A 1 124 ? 11.982  -6.652  -2.664  1.00 12.89 ? 124  ARG A CD    1 
ATOM   818  N  NE    . ARG A 1 124 ? 12.615  -7.698  -3.456  1.00 17.32 ? 124  ARG A NE    1 
ATOM   819  C  CZ    . ARG A 1 124 ? 11.982  -8.677  -4.066  1.00 17.28 ? 124  ARG A CZ    1 
ATOM   820  N  NH1   . ARG A 1 124 ? 10.669  -8.805  -3.968  1.00 18.29 ? 124  ARG A NH1   1 
ATOM   821  N  NH2   . ARG A 1 124 ? 12.700  -9.499  -4.839  1.00 17.57 ? 124  ARG A NH2   1 
ATOM   822  N  N     . VAL A 1 125 ? 10.288  -3.830  1.679   1.00 7.53  ? 125  VAL A N     1 
ATOM   823  C  CA    . VAL A 1 125 ? 9.996   -2.477  2.155   1.00 9.07  ? 125  VAL A CA    1 
ATOM   824  C  C     . VAL A 1 125 ? 10.591  -2.249  3.575   1.00 9.04  ? 125  VAL A C     1 
ATOM   825  O  O     . VAL A 1 125 ? 11.066  -1.134  3.851   1.00 11.92 ? 125  VAL A O     1 
ATOM   826  C  CB    . VAL A 1 125 ? 8.454   -2.284  2.182   1.00 7.25  ? 125  VAL A CB    1 
ATOM   827  C  CG1   . VAL A 1 125 ? 8.097   -0.921  2.816   1.00 8.40  ? 125  VAL A CG1   1 
ATOM   828  C  CG2   . VAL A 1 125 ? 7.884   -2.269  0.782   1.00 8.35  ? 125  VAL A CG2   1 
ATOM   829  N  N     . VAL A 1 126 ? 10.401  -3.227  4.454   1.00 8.99  ? 126  VAL A N     1 
ATOM   830  C  CA    . VAL A 1 126 ? 10.923  -3.115  5.840   1.00 11.91 ? 126  VAL A CA    1 
ATOM   831  C  C     . VAL A 1 126 ? 12.443  -2.872  5.741   1.00 13.28 ? 126  VAL A C     1 
ATOM   832  O  O     . VAL A 1 126 ? 13.004  -2.034  6.512   1.00 14.08 ? 126  VAL A O     1 
ATOM   833  C  CB    . VAL A 1 126 ? 10.599  -4.401  6.645   1.00 12.33 ? 126  VAL A CB    1 
ATOM   834  C  CG1   . VAL A 1 126 ? 11.497  -4.479  7.927   1.00 13.83 ? 126  VAL A CG1   1 
ATOM   835  C  CG2   . VAL A 1 126 ? 9.056   -4.456  7.014   1.00 11.24 ? 126  VAL A CG2   1 
ATOM   836  N  N     . ALA A 1 127 ? 13.136  -3.501  4.801   1.00 12.05 ? 127  ALA A N     1 
ATOM   837  C  CA    . ALA A 1 127 ? 14.563  -3.311  4.804   1.00 12.51 ? 127  ALA A CA    1 
ATOM   838  C  C     . ALA A 1 127 ? 14.988  -1.992  4.270   1.00 14.70 ? 127  ALA A C     1 
ATOM   839  O  O     . ALA A 1 127 ? 16.086  -1.595  4.648   1.00 17.57 ? 127  ALA A O     1 
ATOM   840  C  CB    . ALA A 1 127 ? 15.310  -4.378  4.013   1.00 13.04 ? 127  ALA A CB    1 
ATOM   841  N  N     . GLU A 1 128 ? 14.189  -1.349  3.413   1.00 12.29 ? 128  GLU A N     1 
ATOM   842  C  CA    . GLU A 1 128 ? 14.655  -0.126  2.803   1.00 12.79 ? 128  GLU A CA    1 
ATOM   843  C  C     . GLU A 1 128 ? 13.815  1.111   3.045   1.00 10.69 ? 128  GLU A C     1 
ATOM   844  O  O     . GLU A 1 128 ? 14.097  2.197   2.449   1.00 12.54 ? 128  GLU A O     1 
ATOM   845  C  CB    . GLU A 1 128 ? 14.757  -0.205  1.283   1.00 17.15 ? 128  GLU A CB    1 
ATOM   846  C  CG    . GLU A 1 128 ? 15.297  -1.540  0.671   1.00 23.34 ? 128  GLU A CG    1 
ATOM   847  C  CD    . GLU A 1 128 ? 16.712  -1.835  1.038   1.00 26.50 ? 128  GLU A CD    1 
ATOM   848  O  OE1   . GLU A 1 128 ? 17.274  -2.934  0.685   1.00 29.52 ? 128  GLU A OE1   1 
ATOM   849  O  OE2   . GLU A 1 128 ? 17.312  -0.994  1.708   1.00 28.70 ? 128  GLU A OE2   1 
ATOM   850  N  N     . ALA A 1 129 ? 12.799  1.017   3.848   1.00 12.76 ? 129  ALA A N     1 
ATOM   851  C  CA    . ALA A 1 129 ? 11.898  2.140   4.045   1.00 13.34 ? 129  ALA A CA    1 
ATOM   852  C  C     . ALA A 1 129 ? 12.488  3.415   4.652   1.00 13.57 ? 129  ALA A C     1 
ATOM   853  O  O     . ALA A 1 129 ? 13.382  3.373   5.518   1.00 16.17 ? 129  ALA A O     1 
ATOM   854  C  CB    . ALA A 1 129 ? 10.679  1.750   4.936   1.00 12.84 ? 129  ALA A CB    1 
ATOM   855  N  N     . PRO A 1 130 ? 11.986  4.537   4.186   1.00 13.42 ? 130  PRO A N     1 
ATOM   856  C  CA    . PRO A 1 130 ? 12.398  5.862   4.643   1.00 14.44 ? 130  PRO A CA    1 
ATOM   857  C  C     . PRO A 1 130 ? 11.658  6.238   5.899   1.00 14.11 ? 130  PRO A C     1 
ATOM   858  O  O     . PRO A 1 130 ? 11.846  7.331   6.416   1.00 14.84 ? 130  PRO A O     1 
ATOM   859  C  CB    . PRO A 1 130 ? 11.995  6.740   3.474   1.00 16.14 ? 130  PRO A CB    1 
ATOM   860  C  CG    . PRO A 1 130 ? 10.731  6.168   3.015   1.00 16.62 ? 130  PRO A CG    1 
ATOM   861  C  CD    . PRO A 1 130 ? 11.021  4.655   3.063   1.00 14.46 ? 130  PRO A CD    1 
ATOM   862  N  N     . CYS A 1 131 ? 10.889  5.328   6.497   1.00 11.44 ? 131  CYS A N     1 
ATOM   863  C  CA    . CYS A 1 131 ? 10.087  5.728   7.675   1.00 11.45 ? 131  CYS A CA    1 
ATOM   864  C  C     . CYS A 1 131 ? 9.553   4.423   8.326   1.00 10.04 ? 131  CYS A C     1 
ATOM   865  O  O     . CYS A 1 131 ? 9.798   3.369   7.801   1.00 9.40  ? 131  CYS A O     1 
ATOM   866  C  CB    . CYS A 1 131 ? 8.831   6.522   7.190   1.00 11.16 ? 131  CYS A CB    1 
ATOM   867  S  SG    . CYS A 1 131 ? 7.839   5.578   5.905   1.00 13.54 ? 131  CYS A SG    1 
ATOM   868  N  N     . PRO A 1 132 ? 8.786   4.531   9.421   1.00 8.08  ? 132  PRO A N     1 
ATOM   869  C  CA    . PRO A 1 132 ? 8.225   3.367   10.105  1.00 7.88  ? 132  PRO A CA    1 
ATOM   870  C  C     . PRO A 1 132 ? 7.255   2.641   9.195   1.00 8.63  ? 132  PRO A C     1 
ATOM   871  O  O     . PRO A 1 132 ? 6.632   3.231   8.265   1.00 8.48  ? 132  PRO A O     1 
ATOM   872  C  CB    . PRO A 1 132 ? 7.486   3.926   11.332  1.00 7.33  ? 132  PRO A CB    1 
ATOM   873  C  CG    . PRO A 1 132 ? 8.261   5.177   11.631  1.00 9.79  ? 132  PRO A CG    1 
ATOM   874  C  CD    . PRO A 1 132 ? 8.612   5.770   10.226  1.00 9.40  ? 132  PRO A CD    1 
ATOM   875  N  N     . VAL A 1 133 ? 7.152   1.315   9.429   1.00 7.01  ? 133  VAL A N     1 
ATOM   876  C  CA    . VAL A 1 133 ? 6.240   0.528   8.554   1.00 5.71  ? 133  VAL A CA    1 
ATOM   877  C  C     . VAL A 1 133 ? 5.298   -0.216  9.528   1.00 7.07  ? 133  VAL A C     1 
ATOM   878  O  O     . VAL A 1 133 ? 5.796   -0.806  10.449  1.00 7.18  ? 133  VAL A O     1 
ATOM   879  C  CB    . VAL A 1 133 ? 7.045   -0.570  7.816   1.00 6.43  ? 133  VAL A CB    1 
ATOM   880  C  CG1   . VAL A 1 133 ? 6.078   -1.495  7.079   1.00 5.52  ? 133  VAL A CG1   1 
ATOM   881  C  CG2   . VAL A 1 133 ? 8.051   0.141   6.795   1.00 6.32  ? 133  VAL A CG2   1 
ATOM   882  N  N     . LEU A 1 134 ? 3.983   -0.099  9.316   1.00 6.69  ? 134  LEU A N     1 
ATOM   883  C  CA    . LEU A 1 134 ? 2.973   -0.755  10.164  1.00 6.91  ? 134  LEU A CA    1 
ATOM   884  C  C     . LEU A 1 134 ? 2.490   -1.966  9.412   1.00 6.07  ? 134  LEU A C     1 
ATOM   885  O  O     . LEU A 1 134 ? 1.884   -1.846  8.320   1.00 8.32  ? 134  LEU A O     1 
ATOM   886  C  CB    . LEU A 1 134 ? 1.816   0.261   10.396  1.00 7.18  ? 134  LEU A CB    1 
ATOM   887  C  CG    . LEU A 1 134 ? 0.571   -0.232  11.106  1.00 11.64 ? 134  LEU A CG    1 
ATOM   888  C  CD1   . LEU A 1 134 ? 0.918   -1.022  12.273  1.00 14.31 ? 134  LEU A CD1   1 
ATOM   889  C  CD2   . LEU A 1 134 ? -0.209  1.029   11.510  1.00 10.75 ? 134  LEU A CD2   1 
ATOM   890  N  N     . LEU A 1 135 ? 2.875   -3.164  9.926   1.00 5.58  ? 135  LEU A N     1 
ATOM   891  C  CA    . LEU A 1 135 ? 2.530   -4.451  9.354   1.00 5.99  ? 135  LEU A CA    1 
ATOM   892  C  C     . LEU A 1 135 ? 1.234   -4.956  9.913   1.00 7.06  ? 135  LEU A C     1 
ATOM   893  O  O     . LEU A 1 135 ? 1.112   -5.172  11.105  1.00 9.01  ? 135  LEU A O     1 
ATOM   894  C  CB    . LEU A 1 135 ? 3.699   -5.446  9.605   1.00 6.32  ? 135  LEU A CB    1 
ATOM   895  C  CG    . LEU A 1 135 ? 4.951   -5.035  8.838   1.00 7.81  ? 135  LEU A CG    1 
ATOM   896  C  CD1   . LEU A 1 135 ? 5.992   -6.065  9.342   1.00 7.99  ? 135  LEU A CD1   1 
ATOM   897  C  CD2   . LEU A 1 135 ? 4.805   -5.144  7.269   1.00 6.71  ? 135  LEU A CD2   1 
ATOM   898  N  N     . VAL A 1 136 ? 0.272   -5.214  9.036   1.00 5.97  ? 136  VAL A N     1 
ATOM   899  C  CA    . VAL A 1 136 ? -1.125  -5.643  9.428   1.00 7.52  ? 136  VAL A CA    1 
ATOM   900  C  C     . VAL A 1 136 ? -1.396  -7.059  9.050   1.00 9.69  ? 136  VAL A C     1 
ATOM   901  O  O     . VAL A 1 136 ? -1.242  -7.457  7.953   1.00 10.18 ? 136  VAL A O     1 
ATOM   902  C  CB    . VAL A 1 136 ? -2.163  -4.664  8.764   1.00 7.53  ? 136  VAL A CB    1 
ATOM   903  C  CG1   . VAL A 1 136 ? -3.601  -5.083  9.093   1.00 10.04 ? 136  VAL A CG1   1 
ATOM   904  C  CG2   . VAL A 1 136 ? -1.966  -3.253  9.276   1.00 6.53  ? 136  VAL A CG2   1 
ATOM   905  N  N     . ARG A 1 137 ? -1.727  -7.881  10.055  1.00 13.67 ? 137  ARG A N     1 
ATOM   906  C  CA    . ARG A 1 137 ? -1.961  -9.319  9.810   1.00 17.88 ? 137  ARG A CA    1 
ATOM   907  C  C     . ARG A 1 137 ? -3.383  -9.587  9.418   1.00 20.22 ? 137  ARG A C     1 
ATOM   908  O  O     . ARG A 1 137 ? -3.604  -10.732 8.970   1.00 21.56 ? 137  ARG A O     1 
ATOM   909  C  CB    . ARG A 1 137 ? -1.570  -10.182 11.026  1.00 20.78 ? 137  ARG A CB    1 
ATOM   910  C  CG    . ARG A 1 137 ? -2.445  -9.986  12.307  1.00 23.62 ? 137  ARG A CG    1 
ATOM   911  C  CD    . ARG A 1 137 ? -1.614  -10.333 13.555  1.00 28.06 ? 137  ARG A CD    1 
ATOM   912  N  NE    . ARG A 1 137 ? -0.232  -9.841  13.305  1.00 33.47 ? 137  ARG A NE    1 
ATOM   913  C  CZ    . ARG A 1 137 ? -0.011  -8.627  12.800  1.00 34.21 ? 137  ARG A CZ    1 
ATOM   914  N  NH1   . ARG A 1 137 ? -1.112  -7.845  12.556  1.00 36.00 ? 137  ARG A NH1   1 
ATOM   915  N  NH2   . ARG A 1 137 ? 1.232   -8.215  12.465  1.00 32.37 ? 137  ARG A NH2   1 
ATOM   916  O  OXT   . ARG A 1 137 ? -4.238  -8.697  9.575   1.00 19.87 ? 137  ARG A OXT   1 
HETATM 917  MG MG    . MG  B 2 .   ? 2.569   -10.683 -3.169  1.00 8.43  ? 3001 MG  A MG    1 
HETATM 918  MG MG    . MG  C 2 .   ? 7.742   -12.981 -6.052  0.50 27.52 ? 3002 MG  A MG    1 
HETATM 919  P  PG    . ACP D 3 .   ? 4.979   -12.870 -2.336  1.00 10.62 ? 2001 ACP A PG    1 
HETATM 920  O  O1G   . ACP D 3 .   ? 4.356   -11.864 -3.232  1.00 9.26  ? 2001 ACP A O1G   1 
HETATM 921  O  O2G   . ACP D 3 .   ? 6.277   -12.383 -1.551  1.00 12.89 ? 2001 ACP A O2G   1 
HETATM 922  O  O3G   . ACP D 3 .   ? 5.357   -14.156 -3.230  1.00 14.84 ? 2001 ACP A O3G   1 
HETATM 923  P  PB    . ACP D 3 .   ? 2.637   -12.431 -0.503  1.00 8.19  ? 2001 ACP A PB    1 
HETATM 924  O  O1B   . ACP D 3 .   ? 1.900   -13.082 0.590   1.00 9.96  ? 2001 ACP A O1B   1 
HETATM 925  O  O2B   . ACP D 3 .   ? 1.772   -11.900 -1.734  1.00 9.59  ? 2001 ACP A O2B   1 
HETATM 926  C  C3B   . ACP D 3 .   ? 3.885   -13.591 -1.097  1.00 10.26 ? 2001 ACP A C3B   1 
HETATM 927  P  PA    . ACP D 3 .   ? 3.548   -9.711  -0.253  1.00 8.02  ? 2001 ACP A PA    1 
HETATM 928  O  O1A   . ACP D 3 .   ? 3.356   -9.528  -1.718  1.00 8.96  ? 2001 ACP A O1A   1 
HETATM 929  O  O2A   . ACP D 3 .   ? 4.883   -9.139  0.380   1.00 8.61  ? 2001 ACP A O2A   1 
HETATM 930  O  O3A   . ACP D 3 .   ? 3.491   -11.254 0.185   1.00 6.79  ? 2001 ACP A O3A   1 
HETATM 931  O  "O5'" . ACP D 3 .   ? 2.323   -9.038  0.551   1.00 7.99  ? 2001 ACP A "O5'" 1 
HETATM 932  C  "C5'" . ACP D 3 .   ? 2.455   -8.220  1.721   1.00 8.04  ? 2001 ACP A "C5'" 1 
HETATM 933  C  "C4'" . ACP D 3 .   ? 1.827   -6.858  1.411   1.00 5.05  ? 2001 ACP A "C4'" 1 
HETATM 934  O  "O4'" . ACP D 3 .   ? 2.558   -6.165  0.381   1.00 7.03  ? 2001 ACP A "O4'" 1 
HETATM 935  C  "C3'" . ACP D 3 .   ? 0.405   -6.906  0.848   1.00 7.02  ? 2001 ACP A "C3'" 1 
HETATM 936  O  "O3'" . ACP D 3 .   ? -0.589  -7.083  1.863   1.00 8.17  ? 2001 ACP A "O3'" 1 
HETATM 937  C  "C2'" . ACP D 3 .   ? 0.286   -5.476  0.306   1.00 6.17  ? 2001 ACP A "C2'" 1 
HETATM 938  O  "O2'" . ACP D 3 .   ? 0.114   -4.518  1.357   1.00 7.50  ? 2001 ACP A "O2'" 1 
HETATM 939  C  "C1'" . ACP D 3 .   ? 1.684   -5.218  -0.266  1.00 6.65  ? 2001 ACP A "C1'" 1 
HETATM 940  N  N9    . ACP D 3 .   ? 1.780   -5.518  -1.717  1.00 5.94  ? 2001 ACP A N9    1 
HETATM 941  C  C8    . ACP D 3 .   ? 2.114   -6.670  -2.302  1.00 7.42  ? 2001 ACP A C8    1 
HETATM 942  N  N7    . ACP D 3 .   ? 1.981   -6.521  -3.618  1.00 9.63  ? 2001 ACP A N7    1 
HETATM 943  C  C5    . ACP D 3 .   ? 1.563   -5.278  -3.869  1.00 7.55  ? 2001 ACP A C5    1 
HETATM 944  C  C6    . ACP D 3 .   ? 1.224   -4.578  -5.023  1.00 7.17  ? 2001 ACP A C6    1 
HETATM 945  N  N6    . ACP D 3 .   ? 1.223   -5.147  -6.237  1.00 8.83  ? 2001 ACP A N6    1 
HETATM 946  N  N1    . ACP D 3 .   ? 0.800   -3.316  -4.851  1.00 6.29  ? 2001 ACP A N1    1 
HETATM 947  C  C2    . ACP D 3 .   ? 0.709   -2.724  -3.664  1.00 6.91  ? 2001 ACP A C2    1 
HETATM 948  N  N3    . ACP D 3 .   ? 1.033   -3.352  -2.540  1.00 5.53  ? 2001 ACP A N3    1 
HETATM 949  C  C4    . ACP D 3 .   ? 1.446   -4.630  -2.648  1.00 8.05  ? 2001 ACP A C4    1 
HETATM 950  O  O     . HOH E 4 .   ? -4.520  16.981  -11.299 1.00 10.82 ? 3003 HOH A O     1 
HETATM 951  O  O     . HOH E 4 .   ? -9.773  -7.301  -3.709  1.00 16.92 ? 3004 HOH A O     1 
HETATM 952  O  O     . HOH E 4 .   ? -3.605  -5.954  -10.269 1.00 12.63 ? 3005 HOH A O     1 
HETATM 953  O  O     . HOH E 4 .   ? -6.109  -12.824 0.575   1.00 17.98 ? 3006 HOH A O     1 
HETATM 954  O  O     . HOH E 4 .   ? -8.173  -4.045  10.188  1.00 20.96 ? 3007 HOH A O     1 
HETATM 955  O  O     . HOH E 4 .   ? -0.663  11.969  -5.078  1.00 17.59 ? 3008 HOH A O     1 
HETATM 956  O  O     . HOH E 4 .   ? 10.547  -1.960  -10.452 1.00 20.83 ? 3009 HOH A O     1 
HETATM 957  O  O     . HOH E 4 .   ? 14.991  -10.262 3.416   1.00 14.16 ? 3010 HOH A O     1 
HETATM 958  O  O     . HOH E 4 .   ? -12.055 -10.444 -2.601  1.00 25.10 ? 3011 HOH A O     1 
HETATM 959  O  O     . HOH E 4 .   ? -6.842  -13.501 5.668   1.00 20.99 ? 3012 HOH A O     1 
HETATM 960  O  O     . HOH E 4 .   ? -7.616  3.600   -18.121 1.00 25.09 ? 3013 HOH A O     1 
HETATM 961  O  O     . HOH E 4 .   ? 7.736   9.208   10.843  1.00 18.02 ? 3014 HOH A O     1 
HETATM 962  O  O     . HOH E 4 .   ? -9.697  -10.325 -1.523  1.00 28.13 ? 3015 HOH A O     1 
HETATM 963  O  O     . HOH E 4 .   ? -0.595  -13.241 8.880   1.00 22.21 ? 3016 HOH A O     1 
HETATM 964  O  O     . HOH E 4 .   ? 13.764  4.589   0.790   1.00 24.52 ? 3017 HOH A O     1 
HETATM 965  O  O     . HOH E 4 .   ? 10.756  -18.929 4.771   1.00 17.03 ? 3018 HOH A O     1 
HETATM 966  O  O     . HOH E 4 .   ? -15.195 -10.264 0.140   1.00 23.46 ? 3019 HOH A O     1 
HETATM 967  O  O     . HOH E 4 .   ? -7.226  13.215  8.070   1.00 27.14 ? 3020 HOH A O     1 
HETATM 968  O  O     . HOH E 4 .   ? -10.873 3.674   -11.420 1.00 27.94 ? 3021 HOH A O     1 
HETATM 969  O  O     . HOH E 4 .   ? 5.087   14.271  5.200   1.00 25.74 ? 3022 HOH A O     1 
HETATM 970  O  O     . HOH E 4 .   ? -4.718  -11.937 2.629   1.00 21.82 ? 3023 HOH A O     1 
HETATM 971  O  O     . HOH E 4 .   ? -15.359 5.927   0.122   1.00 24.67 ? 3024 HOH A O     1 
HETATM 972  O  O     . HOH E 4 .   ? 11.312  13.236  -2.706  1.00 24.57 ? 3025 HOH A O     1 
HETATM 973  O  O     . HOH E 4 .   ? -8.979  8.760   7.161   1.00 26.44 ? 3026 HOH A O     1 
HETATM 974  O  O     . HOH E 4 .   ? 0.116   12.542  16.268  1.00 29.81 ? 3027 HOH A O     1 
HETATM 975  O  O     . HOH E 4 .   ? -11.548 13.075  -5.872  1.00 29.09 ? 3028 HOH A O     1 
HETATM 976  O  O     . HOH E 4 .   ? -4.532  -7.009  11.801  1.00 23.47 ? 3029 HOH A O     1 
HETATM 977  O  O     . HOH E 4 .   ? -11.024 2.234   9.523   1.00 24.03 ? 3030 HOH A O     1 
HETATM 978  O  O     . HOH E 4 .   ? 5.960   -22.828 -0.424  1.00 29.46 ? 3031 HOH A O     1 
HETATM 979  O  O     . HOH E 4 .   ? -13.468 3.993   -5.709  1.00 21.57 ? 3032 HOH A O     1 
HETATM 980  O  O     . HOH E 4 .   ? 12.414  2.187   -5.374  1.00 23.81 ? 3033 HOH A O     1 
HETATM 981  O  O     . HOH E 4 .   ? -9.108  6.796   14.263  1.00 19.10 ? 3034 HOH A O     1 
HETATM 982  O  O     . HOH E 4 .   ? 4.028   -12.185 9.345   1.00 26.38 ? 3035 HOH A O     1 
HETATM 983  O  O     . HOH E 4 .   ? -5.945  11.600  1.095   1.00 24.49 ? 3036 HOH A O     1 
HETATM 984  O  O     . HOH E 4 .   ? 9.465   9.106   3.154   1.00 29.08 ? 3037 HOH A O     1 
HETATM 985  O  O     . HOH E 4 .   ? 15.406  1.362   6.752   1.00 33.06 ? 3038 HOH A O     1 
HETATM 986  O  O     . HOH E 4 .   ? -0.104  -11.802 -6.700  1.00 17.67 ? 3039 HOH A O     1 
HETATM 987  O  O     . HOH E 4 .   ? -4.865  -8.719  14.183  1.00 17.81 ? 3040 HOH A O     1 
HETATM 988  O  O     . HOH E 4 .   ? -0.417  -17.520 4.965   1.00 32.40 ? 3041 HOH A O     1 
HETATM 989  O  O     . HOH E 4 .   ? -6.605  -5.422  12.049  1.00 23.33 ? 3042 HOH A O     1 
HETATM 990  O  O     . HOH E 4 .   ? -10.705 14.565  -7.395  1.00 29.97 ? 3043 HOH A O     1 
HETATM 991  O  O     . HOH E 4 .   ? 11.828  9.805   2.237   1.00 35.48 ? 3044 HOH A O     1 
HETATM 992  O  O     . HOH E 4 .   ? 14.493  1.750   -2.828  1.00 27.00 ? 3045 HOH A O     1 
HETATM 993  O  O     . HOH E 4 .   ? -11.402 5.764   12.941  1.00 32.23 ? 3046 HOH A O     1 
HETATM 994  O  O     . HOH E 4 .   ? -0.540  -14.682 5.923   1.00 36.61 ? 3047 HOH A O     1 
HETATM 995  O  O     . HOH E 4 .   ? -0.429  16.354  11.381  1.00 36.21 ? 3048 HOH A O     1 
HETATM 996  O  O     . HOH E 4 .   ? 9.372   -9.045  -7.087  1.00 27.04 ? 3049 HOH A O     1 
HETATM 997  O  O     . HOH E 4 .   ? 4.428   -4.134  -19.369 1.00 32.18 ? 3050 HOH A O     1 
HETATM 998  O  O     . HOH E 4 .   ? -6.705  12.065  17.613  0.50 24.39 ? 3051 HOH A O     1 
HETATM 999  O  O     . HOH E 4 .   ? -8.505  11.265  7.672   1.00 35.75 ? 3052 HOH A O     1 
HETATM 1000 O  O     . HOH E 4 .   ? -13.999 6.062   8.970   1.00 42.13 ? 3053 HOH A O     1 
HETATM 1001 O  O     . HOH E 4 .   ? -8.587  15.747  12.548  1.00 31.99 ? 3054 HOH A O     1 
HETATM 1002 O  O     . HOH E 4 .   ? -5.387  14.706  15.029  1.00 33.99 ? 3055 HOH A O     1 
HETATM 1003 O  O     . HOH E 4 .   ? -9.412  9.657   16.092  1.00 36.09 ? 3056 HOH A O     1 
HETATM 1004 O  O     . HOH E 4 .   ? 15.039  6.572   1.560   1.00 29.83 ? 3057 HOH A O     1 
HETATM 1005 O  O     . HOH E 4 .   ? -0.202  -8.992  -5.895  1.00 11.31 ? 3058 HOH A O     1 
HETATM 1006 O  O     . HOH E 4 .   ? -7.810  14.565  -6.212  1.00 20.91 ? 3059 HOH A O     1 
HETATM 1007 O  O     . HOH E 4 .   ? -6.582  12.155  3.536   1.00 33.44 ? 3060 HOH A O     1 
HETATM 1008 O  O     . HOH E 4 .   ? -2.927  -6.117  -12.945 1.00 17.59 ? 3061 HOH A O     1 
HETATM 1009 O  O     . HOH E 4 .   ? 8.036   8.840   13.317  1.00 31.01 ? 3062 HOH A O     1 
HETATM 1010 O  O     . HOH E 4 .   ? 4.948   -25.865 -1.311  1.00 43.40 ? 3063 HOH A O     1 
HETATM 1011 O  O     . HOH E 4 .   ? -14.753 5.604   -4.248  1.00 31.96 ? 3064 HOH A O     1 
HETATM 1012 O  O     . HOH E 4 .   ? -14.892 -7.254  0.211   1.00 40.11 ? 3065 HOH A O     1 
HETATM 1013 O  O     . HOH E 4 .   ? 8.498   14.902  8.426   1.00 39.26 ? 3066 HOH A O     1 
HETATM 1014 O  O     . HOH E 4 .   ? 8.147   -20.636 7.827   1.00 38.47 ? 3067 HOH A O     1 
HETATM 1015 O  O     . HOH E 4 .   ? -12.509 1.050   7.427   1.00 34.42 ? 3068 HOH A O     1 
HETATM 1016 O  O     . HOH E 4 .   ? -15.590 1.972   8.431   1.00 40.35 ? 3069 HOH A O     1 
HETATM 1017 O  O     . HOH E 4 .   ? 10.569  9.626   7.111   1.00 34.92 ? 3070 HOH A O     1 
HETATM 1018 O  O     . HOH E 4 .   ? -11.582 5.003   10.471  1.00 37.36 ? 3071 HOH A O     1 
HETATM 1019 O  O     . HOH E 4 .   ? 5.761   12.275  11.426  1.00 28.50 ? 3072 HOH A O     1 
HETATM 1020 O  O     . HOH E 4 .   ? 3.761   -15.993 7.374   1.00 29.94 ? 3073 HOH A O     1 
HETATM 1021 O  O     . HOH E 4 .   ? -7.979  17.025  14.630  1.00 38.62 ? 3074 HOH A O     1 
HETATM 1022 O  O     . HOH E 4 .   ? 2.005   15.745  13.074  1.00 40.24 ? 3075 HOH A O     1 
HETATM 1023 O  O     . HOH E 4 .   ? 4.184   -9.642  -7.322  1.00 20.02 ? 3076 HOH A O     1 
HETATM 1024 O  O     . HOH E 4 .   ? 2.601   -11.562 -8.279  1.00 30.91 ? 3077 HOH A O     1 
HETATM 1025 O  O     . HOH E 4 .   ? 4.038   -7.922  -9.865  1.00 38.30 ? 3078 HOH A O     1 
HETATM 1026 O  O     . HOH E 4 .   ? 3.138   -9.206  -4.517  1.00 9.77  ? 3079 HOH A O     1 
HETATM 1027 O  O     . HOH E 4 .   ? 0.679   -9.830  -3.410  1.00 9.81  ? 3080 HOH A O     1 
HETATM 1028 O  O     . HOH E 4 .   ? 1.970   -11.994 -4.733  1.00 8.24  ? 3081 HOH A O     1 
HETATM 1029 O  O     . HOH E 4 .   ? 5.847   -14.327 -7.203  1.00 45.69 ? 3082 HOH A O     1 
HETATM 1030 O  O     . HOH E 4 .   ? 1.785   -7.741  -7.468  1.00 15.54 ? 3083 HOH A O     1 
HETATM 1031 O  O     . HOH E 4 .   ? 7.538   -14.575 -4.304  1.00 20.41 ? 3084 HOH A O     1 
HETATM 1032 O  O     . HOH E 4 .   ? 3.428   -14.072 -5.578  1.00 18.07 ? 3085 HOH A O     1 
HETATM 1033 O  O     . HOH E 4 .   ? 5.978   -11.161 -5.285  1.00 18.98 ? 3086 HOH A O     1 
HETATM 1034 O  O     . HOH E 4 .   ? 1.731   18.361  14.005  1.00 44.77 ? 3087 HOH A O     1 
HETATM 1035 O  O     . HOH E 4 .   ? -5.919  8.228   -8.941  1.00 8.38  ? 3088 HOH A O     1 
# 
loop_
_pdbx_poly_seq_scheme.asym_id 
_pdbx_poly_seq_scheme.entity_id 
_pdbx_poly_seq_scheme.seq_id 
_pdbx_poly_seq_scheme.mon_id 
_pdbx_poly_seq_scheme.ndb_seq_num 
_pdbx_poly_seq_scheme.pdb_seq_num 
_pdbx_poly_seq_scheme.auth_seq_num 
_pdbx_poly_seq_scheme.pdb_mon_id 
_pdbx_poly_seq_scheme.auth_mon_id 
_pdbx_poly_seq_scheme.pdb_strand_id 
_pdbx_poly_seq_scheme.pdb_ins_code 
_pdbx_poly_seq_scheme.hetero 
A 1 1   MET 1   1   1   MET MET A . n 
A 1 2   PHE 2   2   2   PHE PHE A . n 
A 1 3   LYS 3   3   3   LYS LYS A . n 
A 1 4   THR 4   4   4   THR THR A . n 
A 1 5   ILE 5   5   5   ILE ILE A . n 
A 1 6   LEU 6   6   6   LEU LEU A . n 
A 1 7   LEU 7   7   7   LEU LEU A . n 
A 1 8   ALA 8   8   8   ALA ALA A . n 
A 1 9   TYR 9   9   9   TYR TYR A . n 
A 1 10  ASP 10  10  10  ASP ASP A . n 
A 1 11  GLY 11  11  11  GLY GLY A . n 
A 1 12  SER 12  12  12  SER SER A . n 
A 1 13  GLU 13  13  13  GLU GLU A . n 
A 1 14  HIS 14  14  14  HIS HIS A . n 
A 1 15  ALA 15  15  15  ALA ALA A . n 
A 1 16  ARG 16  16  16  ARG ARG A . n 
A 1 17  ARG 17  17  17  ARG ARG A . n 
A 1 18  ALA 18  18  18  ALA ALA A . n 
A 1 19  ALA 19  19  19  ALA ALA A . n 
A 1 20  GLU 20  20  20  GLU GLU A . n 
A 1 21  VAL 21  21  21  VAL VAL A . n 
A 1 22  ALA 22  22  22  ALA ALA A . n 
A 1 23  LYS 23  23  23  LYS LYS A . n 
A 1 24  ALA 24  24  24  ALA ALA A . n 
A 1 25  GLU 25  25  25  GLU GLU A . n 
A 1 26  ALA 26  26  26  ALA ALA A . n 
A 1 27  GLU 27  27  27  GLU GLU A . n 
A 1 28  ALA 28  28  28  ALA ALA A . n 
A 1 29  HIS 29  29  29  HIS HIS A . n 
A 1 30  GLY 30  30  30  GLY GLY A . n 
A 1 31  ALA 31  31  31  ALA ALA A . n 
A 1 32  ARG 32  32  32  ARG ARG A . n 
A 1 33  LEU 33  33  33  LEU LEU A . n 
A 1 34  ILE 34  34  34  ILE ILE A . n 
A 1 35  VAL 35  35  35  VAL VAL A . n 
A 1 36  VAL 36  36  36  VAL VAL A . n 
A 1 37  HIS 37  37  37  HIS HIS A . n 
A 1 38  ALA 38  38  38  ALA ALA A . n 
A 1 39  TYR 39  39  39  TYR TYR A . n 
A 1 40  GLU 40  40  40  GLU GLU A . n 
A 1 41  PRO 41  41  41  PRO PRO A . n 
A 1 42  VAL 42  42  ?   ?   ?   A . n 
A 1 43  PRO 43  43  ?   ?   ?   A . n 
A 1 44  ASP 44  44  ?   ?   ?   A . n 
A 1 45  TYR 45  45  ?   ?   ?   A . n 
A 1 46  LEU 46  46  ?   ?   ?   A . n 
A 1 47  GLY 47  47  ?   ?   ?   A . n 
A 1 48  GLU 48  48  ?   ?   ?   A . n 
A 1 49  PRO 49  49  ?   ?   ?   A . n 
A 1 50  PHE 50  50  ?   ?   ?   A . n 
A 1 51  PHE 51  51  ?   ?   ?   A . n 
A 1 52  GLU 52  52  ?   ?   ?   A . n 
A 1 53  GLU 53  53  ?   ?   ?   A . n 
A 1 54  ALA 54  54  ?   ?   ?   A . n 
A 1 55  LEU 55  55  55  LEU LEU A . n 
A 1 56  ARG 56  56  56  ARG ARG A . n 
A 1 57  ARG 57  57  57  ARG ARG A . n 
A 1 58  ARG 58  58  58  ARG ARG A . n 
A 1 59  LEU 59  59  59  LEU LEU A . n 
A 1 60  GLU 60  60  60  GLU GLU A . n 
A 1 61  ARG 61  61  61  ARG ARG A . n 
A 1 62  ALA 62  62  62  ALA ALA A . n 
A 1 63  GLU 63  63  63  GLU GLU A . n 
A 1 64  GLY 64  64  64  GLY GLY A . n 
A 1 65  VAL 65  65  65  VAL VAL A . n 
A 1 66  LEU 66  66  66  LEU LEU A . n 
A 1 67  GLU 67  67  67  GLU GLU A . n 
A 1 68  GLU 68  68  68  GLU GLU A . n 
A 1 69  ALA 69  69  69  ALA ALA A . n 
A 1 70  ARG 70  70  70  ARG ARG A . n 
A 1 71  ALA 71  71  71  ALA ALA A . n 
A 1 72  LEU 72  72  72  LEU LEU A . n 
A 1 73  THR 73  73  73  THR THR A . n 
A 1 74  GLY 74  74  74  GLY GLY A . n 
A 1 75  VAL 75  75  75  VAL VAL A . n 
A 1 76  PRO 76  76  76  PRO PRO A . n 
A 1 77  LYS 77  77  77  LYS LYS A . n 
A 1 78  GLU 78  78  78  GLU GLU A . n 
A 1 79  ASP 79  79  79  ASP ASP A . n 
A 1 80  ALA 80  80  80  ALA ALA A . n 
A 1 81  LEU 81  81  81  LEU LEU A . n 
A 1 82  LEU 82  82  82  LEU LEU A . n 
A 1 83  LEU 83  83  83  LEU LEU A . n 
A 1 84  GLU 84  84  84  GLU GLU A . n 
A 1 85  GLY 85  85  85  GLY GLY A . n 
A 1 86  VAL 86  86  86  VAL VAL A . n 
A 1 87  PRO 87  87  87  PRO PRO A . n 
A 1 88  ALA 88  88  88  ALA ALA A . n 
A 1 89  GLU 89  89  89  GLU GLU A . n 
A 1 90  ALA 90  90  90  ALA ALA A . n 
A 1 91  ILE 91  91  91  ILE ILE A . n 
A 1 92  LEU 92  92  92  LEU LEU A . n 
A 1 93  GLN 93  93  93  GLN GLN A . n 
A 1 94  ALA 94  94  94  ALA ALA A . n 
A 1 95  ALA 95  95  95  ALA ALA A . n 
A 1 96  ARG 96  96  96  ARG ARG A . n 
A 1 97  ALA 97  97  97  ALA ALA A . n 
A 1 98  GLU 98  98  98  GLU GLU A . n 
A 1 99  LYS 99  99  99  LYS LYS A . n 
A 1 100 ALA 100 100 100 ALA ALA A . n 
A 1 101 ASP 101 101 101 ASP ASP A . n 
A 1 102 LEU 102 102 102 LEU LEU A . n 
A 1 103 ILE 103 103 103 ILE ILE A . n 
A 1 104 VAL 104 104 104 VAL VAL A . n 
A 1 105 MET 105 105 105 MET MET A . n 
A 1 106 GLY 106 106 106 GLY GLY A . n 
A 1 107 THR 107 107 107 THR THR A . n 
A 1 108 ARG 108 108 108 ARG ARG A . n 
A 1 109 GLY 109 109 109 GLY GLY A . n 
A 1 110 LEU 110 110 110 LEU LEU A . n 
A 1 111 GLY 111 111 111 GLY GLY A . n 
A 1 112 ALA 112 112 112 ALA ALA A . n 
A 1 113 LEU 113 113 113 LEU LEU A . n 
A 1 114 GLY 114 114 114 GLY GLY A . n 
A 1 115 SER 115 115 115 SER SER A . n 
A 1 116 LEU 116 116 116 LEU LEU A . n 
A 1 117 PHE 117 117 117 PHE PHE A . n 
A 1 118 LEU 118 118 118 LEU LEU A . n 
A 1 119 GLY 119 119 119 GLY GLY A . n 
A 1 120 SER 120 120 120 SER SER A . n 
A 1 121 GLN 121 121 121 GLN GLN A . n 
A 1 122 SER 122 122 122 SER SER A . n 
A 1 123 GLN 123 123 123 GLN GLN A . n 
A 1 124 ARG 124 124 124 ARG ARG A . n 
A 1 125 VAL 125 125 125 VAL VAL A . n 
A 1 126 VAL 126 126 126 VAL VAL A . n 
A 1 127 ALA 127 127 127 ALA ALA A . n 
A 1 128 GLU 128 128 128 GLU GLU A . n 
A 1 129 ALA 129 129 129 ALA ALA A . n 
A 1 130 PRO 130 130 130 PRO PRO A . n 
A 1 131 CYS 131 131 131 CYS CYS A . n 
A 1 132 PRO 132 132 132 PRO PRO A . n 
A 1 133 VAL 133 133 133 VAL VAL A . n 
A 1 134 LEU 134 134 134 LEU LEU A . n 
A 1 135 LEU 135 135 135 LEU LEU A . n 
A 1 136 VAL 136 136 136 VAL VAL A . n 
A 1 137 ARG 137 137 137 ARG ARG A . n 
# 
_pdbx_SG_project.id                    1 
_pdbx_SG_project.project_name          'NPPSFA, National Project on Protein Structural and Functional Analyses' 
_pdbx_SG_project.full_name_of_center   'RIKEN Structural Genomics/Proteomics Initiative' 
_pdbx_SG_project.initial_of_center     RSGI 
# 
loop_
_pdbx_nonpoly_scheme.asym_id 
_pdbx_nonpoly_scheme.entity_id 
_pdbx_nonpoly_scheme.mon_id 
_pdbx_nonpoly_scheme.ndb_seq_num 
_pdbx_nonpoly_scheme.pdb_seq_num 
_pdbx_nonpoly_scheme.auth_seq_num 
_pdbx_nonpoly_scheme.pdb_mon_id 
_pdbx_nonpoly_scheme.auth_mon_id 
_pdbx_nonpoly_scheme.pdb_strand_id 
_pdbx_nonpoly_scheme.pdb_ins_code 
B 2 MG  1  3001 3001 MG  MG2 A . 
C 2 MG  1  3002 3002 MG  MG2 A . 
D 3 ACP 1  2001 2001 ACP ACP A . 
E 4 HOH 1  3003 1    HOH HOH A . 
E 4 HOH 2  3004 2    HOH HOH A . 
E 4 HOH 3  3005 3    HOH HOH A . 
E 4 HOH 4  3006 4    HOH HOH A . 
E 4 HOH 5  3007 5    HOH HOH A . 
E 4 HOH 6  3008 6    HOH HOH A . 
E 4 HOH 7  3009 7    HOH HOH A . 
E 4 HOH 8  3010 8    HOH HOH A . 
E 4 HOH 9  3011 9    HOH HOH A . 
E 4 HOH 10 3012 10   HOH HOH A . 
E 4 HOH 11 3013 11   HOH HOH A . 
E 4 HOH 12 3014 12   HOH HOH A . 
E 4 HOH 13 3015 13   HOH HOH A . 
E 4 HOH 14 3016 14   HOH HOH A . 
E 4 HOH 15 3017 15   HOH HOH A . 
E 4 HOH 16 3018 16   HOH HOH A . 
E 4 HOH 17 3019 17   HOH HOH A . 
E 4 HOH 18 3020 18   HOH HOH A . 
E 4 HOH 19 3021 19   HOH HOH A . 
E 4 HOH 20 3022 20   HOH HOH A . 
E 4 HOH 21 3023 21   HOH HOH A . 
E 4 HOH 22 3024 22   HOH HOH A . 
E 4 HOH 23 3025 23   HOH HOH A . 
E 4 HOH 24 3026 24   HOH HOH A . 
E 4 HOH 25 3027 25   HOH HOH A . 
E 4 HOH 26 3028 26   HOH HOH A . 
E 4 HOH 27 3029 27   HOH HOH A . 
E 4 HOH 28 3030 28   HOH HOH A . 
E 4 HOH 29 3031 29   HOH HOH A . 
E 4 HOH 30 3032 30   HOH HOH A . 
E 4 HOH 31 3033 31   HOH HOH A . 
E 4 HOH 32 3034 32   HOH HOH A . 
E 4 HOH 33 3035 33   HOH HOH A . 
E 4 HOH 34 3036 34   HOH HOH A . 
E 4 HOH 35 3037 35   HOH HOH A . 
E 4 HOH 36 3038 36   HOH HOH A . 
E 4 HOH 37 3039 37   HOH HOH A . 
E 4 HOH 38 3040 38   HOH HOH A . 
E 4 HOH 39 3041 39   HOH HOH A . 
E 4 HOH 40 3042 40   HOH HOH A . 
E 4 HOH 41 3043 41   HOH HOH A . 
E 4 HOH 42 3044 42   HOH HOH A . 
E 4 HOH 43 3045 43   HOH HOH A . 
E 4 HOH 44 3046 44   HOH HOH A . 
E 4 HOH 45 3047 45   HOH HOH A . 
E 4 HOH 46 3048 46   HOH HOH A . 
E 4 HOH 47 3049 47   HOH HOH A . 
E 4 HOH 48 3050 48   HOH HOH A . 
E 4 HOH 49 3051 49   HOH HOH A . 
E 4 HOH 50 3052 50   HOH HOH A . 
E 4 HOH 51 3053 51   HOH HOH A . 
E 4 HOH 52 3054 52   HOH HOH A . 
E 4 HOH 53 3055 53   HOH HOH A . 
E 4 HOH 54 3056 54   HOH HOH A . 
E 4 HOH 55 3057 55   HOH HOH A . 
E 4 HOH 56 3058 56   HOH HOH A . 
E 4 HOH 57 3059 57   HOH HOH A . 
E 4 HOH 58 3060 58   HOH HOH A . 
E 4 HOH 59 3061 59   HOH HOH A . 
E 4 HOH 60 3062 60   HOH HOH A . 
E 4 HOH 61 3063 61   HOH HOH A . 
E 4 HOH 62 3064 62   HOH HOH A . 
E 4 HOH 63 3065 63   HOH HOH A . 
E 4 HOH 64 3066 64   HOH HOH A . 
E 4 HOH 65 3067 65   HOH HOH A . 
E 4 HOH 66 3068 66   HOH HOH A . 
E 4 HOH 67 3069 67   HOH HOH A . 
E 4 HOH 68 3070 68   HOH HOH A . 
E 4 HOH 69 3071 69   HOH HOH A . 
E 4 HOH 70 3072 70   HOH HOH A . 
E 4 HOH 71 3073 71   HOH HOH A . 
E 4 HOH 72 3074 72   HOH HOH A . 
E 4 HOH 73 3075 73   HOH HOH A . 
E 4 HOH 74 3076 74   HOH HOH A . 
E 4 HOH 75 3077 75   HOH HOH A . 
E 4 HOH 76 3078 76   HOH HOH A . 
E 4 HOH 77 3079 77   HOH HOH A . 
E 4 HOH 78 3080 78   HOH HOH A . 
E 4 HOH 79 3081 79   HOH HOH A . 
E 4 HOH 80 3082 80   HOH HOH A . 
E 4 HOH 81 3083 81   HOH HOH A . 
E 4 HOH 82 3084 82   HOH HOH A . 
E 4 HOH 83 3085 83   HOH HOH A . 
E 4 HOH 84 3086 84   HOH HOH A . 
E 4 HOH 85 3087 85   HOH HOH A . 
E 4 HOH 86 3088 86   HOH HOH A . 
# 
_pdbx_struct_assembly.id                   1 
_pdbx_struct_assembly.details              author_and_software_defined_assembly 
_pdbx_struct_assembly.method_details       PISA 
_pdbx_struct_assembly.oligomeric_details   tetrameric 
_pdbx_struct_assembly.oligomeric_count     4 
# 
_pdbx_struct_assembly_gen.assembly_id       1 
_pdbx_struct_assembly_gen.oper_expression   1,2,3,4 
_pdbx_struct_assembly_gen.asym_id_list      A,B,C,D,E 
# 
_pdbx_struct_assembly_prop.biol_id   1 
_pdbx_struct_assembly_prop.type      'ABSA (A^2)' 
_pdbx_struct_assembly_prop.value     10260 
_pdbx_struct_assembly_prop.details   ? 
# 
loop_
_pdbx_struct_oper_list.id 
_pdbx_struct_oper_list.type 
_pdbx_struct_oper_list.name 
_pdbx_struct_oper_list.symmetry_operation 
_pdbx_struct_oper_list.matrix[1][1] 
_pdbx_struct_oper_list.matrix[1][2] 
_pdbx_struct_oper_list.matrix[1][3] 
_pdbx_struct_oper_list.vector[1] 
_pdbx_struct_oper_list.matrix[2][1] 
_pdbx_struct_oper_list.matrix[2][2] 
_pdbx_struct_oper_list.matrix[2][3] 
_pdbx_struct_oper_list.vector[2] 
_pdbx_struct_oper_list.matrix[3][1] 
_pdbx_struct_oper_list.matrix[3][2] 
_pdbx_struct_oper_list.matrix[3][3] 
_pdbx_struct_oper_list.vector[3] 
1 'identity operation'         1_555 x,y,z       1.0000000000  0.0000000000  0.0000000000  0.0000000000  0.0000000000  1.0000000000  0.0000000000  0.0000000000   0.0000000000  0.0000000000  1.0000000000  0.0000000000  
2 'crystal symmetry operation' 2_665 -x+1,-y+1,z -0.6118251708 -0.0228960768 0.7906615774  17.0297761469 -0.0228960768 -0.9986494994 -0.0466363268 -26.1154636867 0.7906615774  -0.0466363268 0.6104746702  -9.1170132888 
3 'crystal symmetry operation' 3_656 -x+1,y,-z+1 -0.2812054689 -0.8818813366 -0.3784293757 8.7114520932  -0.8818813366 0.0819707973  0.4642909610  -3.0131192390  -0.3784293757 0.4642909610  -0.8007653284 23.5683546730 
4 'crystal symmetry operation' 4_566 x,-y+1,-z+1 -0.1069693603 0.9047774134  -0.4122322018 30.4034715749 0.9047774134  -0.0833212979 -0.4176546343 -24.4050132325 -0.4122322018 -0.4176546343 -0.8097093418 12.2992015251 
# 
loop_
_pdbx_struct_special_symmetry.id 
_pdbx_struct_special_symmetry.PDB_model_num 
_pdbx_struct_special_symmetry.auth_asym_id 
_pdbx_struct_special_symmetry.auth_comp_id 
_pdbx_struct_special_symmetry.auth_seq_id 
_pdbx_struct_special_symmetry.PDB_ins_code 
_pdbx_struct_special_symmetry.label_asym_id 
_pdbx_struct_special_symmetry.label_comp_id 
_pdbx_struct_special_symmetry.label_seq_id 
1 1 A MG  3002 ? C MG  . 
2 1 A HOH 3051 ? E HOH . 
# 
loop_
_pdbx_struct_conn_angle.id 
_pdbx_struct_conn_angle.ptnr1_label_atom_id 
_pdbx_struct_conn_angle.ptnr1_label_alt_id 
_pdbx_struct_conn_angle.ptnr1_label_asym_id 
_pdbx_struct_conn_angle.ptnr1_label_comp_id 
_pdbx_struct_conn_angle.ptnr1_label_seq_id 
_pdbx_struct_conn_angle.ptnr1_auth_atom_id 
_pdbx_struct_conn_angle.ptnr1_auth_asym_id 
_pdbx_struct_conn_angle.ptnr1_auth_comp_id 
_pdbx_struct_conn_angle.ptnr1_auth_seq_id 
_pdbx_struct_conn_angle.ptnr1_PDB_ins_code 
_pdbx_struct_conn_angle.ptnr1_symmetry 
_pdbx_struct_conn_angle.ptnr2_label_atom_id 
_pdbx_struct_conn_angle.ptnr2_label_alt_id 
_pdbx_struct_conn_angle.ptnr2_label_asym_id 
_pdbx_struct_conn_angle.ptnr2_label_comp_id 
_pdbx_struct_conn_angle.ptnr2_label_seq_id 
_pdbx_struct_conn_angle.ptnr2_auth_atom_id 
_pdbx_struct_conn_angle.ptnr2_auth_asym_id 
_pdbx_struct_conn_angle.ptnr2_auth_comp_id 
_pdbx_struct_conn_angle.ptnr2_auth_seq_id 
_pdbx_struct_conn_angle.ptnr2_PDB_ins_code 
_pdbx_struct_conn_angle.ptnr2_symmetry 
_pdbx_struct_conn_angle.ptnr3_label_atom_id 
_pdbx_struct_conn_angle.ptnr3_label_alt_id 
_pdbx_struct_conn_angle.ptnr3_label_asym_id 
_pdbx_struct_conn_angle.ptnr3_label_comp_id 
_pdbx_struct_conn_angle.ptnr3_label_seq_id 
_pdbx_struct_conn_angle.ptnr3_auth_atom_id 
_pdbx_struct_conn_angle.ptnr3_auth_asym_id 
_pdbx_struct_conn_angle.ptnr3_auth_comp_id 
_pdbx_struct_conn_angle.ptnr3_auth_seq_id 
_pdbx_struct_conn_angle.ptnr3_PDB_ins_code 
_pdbx_struct_conn_angle.ptnr3_symmetry 
_pdbx_struct_conn_angle.value 
_pdbx_struct_conn_angle.value_esd 
1  O1A ? D ACP . ? A ACP 2001 ? 1_555 MG ? B MG . ? A MG 3001 ? 1_555 O2B ? D ACP . ? A ACP 2001 ? 1_555 89.3  ? 
2  O1A ? D ACP . ? A ACP 2001 ? 1_555 MG ? B MG . ? A MG 3001 ? 1_555 O1G ? D ACP . ? A ACP 2001 ? 1_555 90.7  ? 
3  O2B ? D ACP . ? A ACP 2001 ? 1_555 MG ? B MG . ? A MG 3001 ? 1_555 O1G ? D ACP . ? A ACP 2001 ? 1_555 91.0  ? 
4  O1A ? D ACP . ? A ACP 2001 ? 1_555 MG ? B MG . ? A MG 3001 ? 1_555 O   ? E HOH . ? A HOH 3079 ? 1_555 87.3  ? 
5  O2B ? D ACP . ? A ACP 2001 ? 1_555 MG ? B MG . ? A MG 3001 ? 1_555 O   ? E HOH . ? A HOH 3079 ? 1_555 170.1 ? 
6  O1G ? D ACP . ? A ACP 2001 ? 1_555 MG ? B MG . ? A MG 3001 ? 1_555 O   ? E HOH . ? A HOH 3079 ? 1_555 98.3  ? 
7  O1A ? D ACP . ? A ACP 2001 ? 1_555 MG ? B MG . ? A MG 3001 ? 1_555 O   ? E HOH . ? A HOH 3080 ? 1_555 101.7 ? 
8  O2B ? D ACP . ? A ACP 2001 ? 1_555 MG ? B MG . ? A MG 3001 ? 1_555 O   ? E HOH . ? A HOH 3080 ? 1_555 88.4  ? 
9  O1G ? D ACP . ? A ACP 2001 ? 1_555 MG ? B MG . ? A MG 3001 ? 1_555 O   ? E HOH . ? A HOH 3080 ? 1_555 167.6 ? 
10 O   ? E HOH . ? A HOH 3079 ? 1_555 MG ? B MG . ? A MG 3001 ? 1_555 O   ? E HOH . ? A HOH 3080 ? 1_555 83.3  ? 
11 O1A ? D ACP . ? A ACP 2001 ? 1_555 MG ? B MG . ? A MG 3001 ? 1_555 O   ? E HOH . ? A HOH 3081 ? 1_555 173.2 ? 
12 O2B ? D ACP . ? A ACP 2001 ? 1_555 MG ? B MG . ? A MG 3001 ? 1_555 O   ? E HOH . ? A HOH 3081 ? 1_555 92.2  ? 
13 O1G ? D ACP . ? A ACP 2001 ? 1_555 MG ? B MG . ? A MG 3001 ? 1_555 O   ? E HOH . ? A HOH 3081 ? 1_555 82.7  ? 
14 O   ? E HOH . ? A HOH 3079 ? 1_555 MG ? B MG . ? A MG 3001 ? 1_555 O   ? E HOH . ? A HOH 3081 ? 1_555 92.2  ? 
15 O   ? E HOH . ? A HOH 3080 ? 1_555 MG ? B MG . ? A MG 3001 ? 1_555 O   ? E HOH . ? A HOH 3081 ? 1_555 85.0  ? 
# 
loop_
_pdbx_audit_revision_history.ordinal 
_pdbx_audit_revision_history.data_content_type 
_pdbx_audit_revision_history.major_revision 
_pdbx_audit_revision_history.minor_revision 
_pdbx_audit_revision_history.revision_date 
1 'Structure model' 1 0 2007-11-13 
2 'Structure model' 1 1 2011-07-13 
3 'Structure model' 1 2 2017-10-11 
4 'Structure model' 1 3 2023-11-01 
# 
_pdbx_audit_revision_details.ordinal             1 
_pdbx_audit_revision_details.revision_ordinal    1 
_pdbx_audit_revision_details.data_content_type   'Structure model' 
_pdbx_audit_revision_details.provider            repository 
_pdbx_audit_revision_details.type                'Initial release' 
_pdbx_audit_revision_details.description         ? 
_pdbx_audit_revision_details.details             ? 
# 
loop_
_pdbx_audit_revision_group.ordinal 
_pdbx_audit_revision_group.revision_ordinal 
_pdbx_audit_revision_group.data_content_type 
_pdbx_audit_revision_group.group 
1 2 'Structure model' 'Version format compliance' 
2 3 'Structure model' 'Refinement description'    
3 4 'Structure model' 'Data collection'           
4 4 'Structure model' 'Database references'       
5 4 'Structure model' 'Derived calculations'      
6 4 'Structure model' 'Refinement description'    
# 
loop_
_pdbx_audit_revision_category.ordinal 
_pdbx_audit_revision_category.revision_ordinal 
_pdbx_audit_revision_category.data_content_type 
_pdbx_audit_revision_category.category 
1 3 'Structure model' software                      
2 4 'Structure model' chem_comp_atom                
3 4 'Structure model' chem_comp_bond                
4 4 'Structure model' database_2                    
5 4 'Structure model' pdbx_initial_refinement_model 
6 4 'Structure model' pdbx_struct_conn_angle        
7 4 'Structure model' struct_conn                   
8 4 'Structure model' struct_site                   
# 
loop_
_pdbx_audit_revision_item.ordinal 
_pdbx_audit_revision_item.revision_ordinal 
_pdbx_audit_revision_item.data_content_type 
_pdbx_audit_revision_item.item 
1  4 'Structure model' '_database_2.pdbx_DOI'                        
2  4 'Structure model' '_database_2.pdbx_database_accession'         
3  4 'Structure model' '_pdbx_struct_conn_angle.ptnr1_auth_comp_id'  
4  4 'Structure model' '_pdbx_struct_conn_angle.ptnr1_auth_seq_id'   
5  4 'Structure model' '_pdbx_struct_conn_angle.ptnr1_label_asym_id' 
6  4 'Structure model' '_pdbx_struct_conn_angle.ptnr1_label_atom_id' 
7  4 'Structure model' '_pdbx_struct_conn_angle.ptnr1_label_comp_id' 
8  4 'Structure model' '_pdbx_struct_conn_angle.ptnr3_auth_comp_id'  
9  4 'Structure model' '_pdbx_struct_conn_angle.ptnr3_auth_seq_id'   
10 4 'Structure model' '_pdbx_struct_conn_angle.ptnr3_label_asym_id' 
11 4 'Structure model' '_pdbx_struct_conn_angle.ptnr3_label_atom_id' 
12 4 'Structure model' '_pdbx_struct_conn_angle.ptnr3_label_comp_id' 
13 4 'Structure model' '_pdbx_struct_conn_angle.value'               
14 4 'Structure model' '_struct_conn.pdbx_dist_value'                
15 4 'Structure model' '_struct_conn.ptnr1_auth_comp_id'             
16 4 'Structure model' '_struct_conn.ptnr1_auth_seq_id'              
17 4 'Structure model' '_struct_conn.ptnr1_label_asym_id'            
18 4 'Structure model' '_struct_conn.ptnr1_label_atom_id'            
19 4 'Structure model' '_struct_conn.ptnr1_label_comp_id'            
20 4 'Structure model' '_struct_conn.ptnr2_auth_comp_id'             
21 4 'Structure model' '_struct_conn.ptnr2_auth_seq_id'              
22 4 'Structure model' '_struct_conn.ptnr2_label_asym_id'            
23 4 'Structure model' '_struct_conn.ptnr2_label_atom_id'            
24 4 'Structure model' '_struct_conn.ptnr2_label_comp_id'            
25 4 'Structure model' '_struct_site.pdbx_auth_asym_id'              
26 4 'Structure model' '_struct_site.pdbx_auth_comp_id'              
27 4 'Structure model' '_struct_site.pdbx_auth_seq_id'               
# 
loop_
_software.name 
_software.classification 
_software.version 
_software.citation_id 
_software.pdbx_ordinal 
CNS      refinement       1.1 ? 1 
HKL-2000 'data reduction' .   ? 2 
HKL-2000 'data scaling'   .   ? 3 
MOLREP   phasing          .   ? 4 
# 
_pdbx_validate_symm_contact.id                1 
_pdbx_validate_symm_contact.PDB_model_num     1 
_pdbx_validate_symm_contact.auth_atom_id_1    O 
_pdbx_validate_symm_contact.auth_asym_id_1    A 
_pdbx_validate_symm_contact.auth_comp_id_1    HOH 
_pdbx_validate_symm_contact.auth_seq_id_1     3004 
_pdbx_validate_symm_contact.PDB_ins_code_1    ? 
_pdbx_validate_symm_contact.label_alt_id_1    ? 
_pdbx_validate_symm_contact.site_symmetry_1   1_555 
_pdbx_validate_symm_contact.auth_atom_id_2    O 
_pdbx_validate_symm_contact.auth_asym_id_2    A 
_pdbx_validate_symm_contact.auth_comp_id_2    HOH 
_pdbx_validate_symm_contact.auth_seq_id_2     3088 
_pdbx_validate_symm_contact.PDB_ins_code_2    ? 
_pdbx_validate_symm_contact.label_alt_id_2    ? 
_pdbx_validate_symm_contact.site_symmetry_2   8_555 
_pdbx_validate_symm_contact.dist              2.19 
# 
loop_
_pdbx_validate_rmsd_angle.id 
_pdbx_validate_rmsd_angle.PDB_model_num 
_pdbx_validate_rmsd_angle.auth_atom_id_1 
_pdbx_validate_rmsd_angle.auth_asym_id_1 
_pdbx_validate_rmsd_angle.auth_comp_id_1 
_pdbx_validate_rmsd_angle.auth_seq_id_1 
_pdbx_validate_rmsd_angle.PDB_ins_code_1 
_pdbx_validate_rmsd_angle.label_alt_id_1 
_pdbx_validate_rmsd_angle.auth_atom_id_2 
_pdbx_validate_rmsd_angle.auth_asym_id_2 
_pdbx_validate_rmsd_angle.auth_comp_id_2 
_pdbx_validate_rmsd_angle.auth_seq_id_2 
_pdbx_validate_rmsd_angle.PDB_ins_code_2 
_pdbx_validate_rmsd_angle.label_alt_id_2 
_pdbx_validate_rmsd_angle.auth_atom_id_3 
_pdbx_validate_rmsd_angle.auth_asym_id_3 
_pdbx_validate_rmsd_angle.auth_comp_id_3 
_pdbx_validate_rmsd_angle.auth_seq_id_3 
_pdbx_validate_rmsd_angle.PDB_ins_code_3 
_pdbx_validate_rmsd_angle.label_alt_id_3 
_pdbx_validate_rmsd_angle.angle_value 
_pdbx_validate_rmsd_angle.angle_target_value 
_pdbx_validate_rmsd_angle.angle_deviation 
_pdbx_validate_rmsd_angle.angle_standard_deviation 
_pdbx_validate_rmsd_angle.linker_flag 
1 1 NE A ARG 32  ? ? CZ A ARG 32  ? ? NH2 A ARG 32  ? ? 116.73 120.30 -3.57 0.50 N 
2 1 NE A ARG 137 ? ? CZ A ARG 137 ? ? NH1 A ARG 137 ? ? 116.95 120.30 -3.35 0.50 N 
# 
_pdbx_validate_torsion.id              1 
_pdbx_validate_torsion.PDB_model_num   1 
_pdbx_validate_torsion.auth_comp_id    PHE 
_pdbx_validate_torsion.auth_asym_id    A 
_pdbx_validate_torsion.auth_seq_id     2 
_pdbx_validate_torsion.PDB_ins_code    ? 
_pdbx_validate_torsion.label_alt_id    ? 
_pdbx_validate_torsion.phi             58.30 
_pdbx_validate_torsion.psi             99.84 
# 
loop_
_pdbx_unobs_or_zero_occ_atoms.id 
_pdbx_unobs_or_zero_occ_atoms.PDB_model_num 
_pdbx_unobs_or_zero_occ_atoms.polymer_flag 
_pdbx_unobs_or_zero_occ_atoms.occupancy_flag 
_pdbx_unobs_or_zero_occ_atoms.auth_asym_id 
_pdbx_unobs_or_zero_occ_atoms.auth_comp_id 
_pdbx_unobs_or_zero_occ_atoms.auth_seq_id 
_pdbx_unobs_or_zero_occ_atoms.PDB_ins_code 
_pdbx_unobs_or_zero_occ_atoms.auth_atom_id 
_pdbx_unobs_or_zero_occ_atoms.label_alt_id 
_pdbx_unobs_or_zero_occ_atoms.label_asym_id 
_pdbx_unobs_or_zero_occ_atoms.label_comp_id 
_pdbx_unobs_or_zero_occ_atoms.label_seq_id 
_pdbx_unobs_or_zero_occ_atoms.label_atom_id 
1  1 Y 1 A GLU 40 ? CG  ? A GLU 40 CG  
2  1 Y 1 A GLU 40 ? CD  ? A GLU 40 CD  
3  1 Y 1 A GLU 40 ? OE1 ? A GLU 40 OE1 
4  1 Y 1 A GLU 40 ? OE2 ? A GLU 40 OE2 
5  1 Y 1 A ARG 56 ? CG  ? A ARG 56 CG  
6  1 Y 1 A ARG 56 ? CD  ? A ARG 56 CD  
7  1 Y 1 A ARG 56 ? NE  ? A ARG 56 NE  
8  1 Y 1 A ARG 56 ? CZ  ? A ARG 56 CZ  
9  1 Y 1 A ARG 56 ? NH1 ? A ARG 56 NH1 
10 1 Y 1 A ARG 56 ? NH2 ? A ARG 56 NH2 
11 1 Y 1 A ARG 57 ? CG  ? A ARG 57 CG  
12 1 Y 1 A ARG 57 ? CD  ? A ARG 57 CD  
13 1 Y 1 A ARG 57 ? NE  ? A ARG 57 NE  
14 1 Y 1 A ARG 57 ? CZ  ? A ARG 57 CZ  
15 1 Y 1 A ARG 57 ? NH1 ? A ARG 57 NH1 
16 1 Y 1 A ARG 57 ? NH2 ? A ARG 57 NH2 
# 
loop_
_pdbx_unobs_or_zero_occ_residues.id 
_pdbx_unobs_or_zero_occ_residues.PDB_model_num 
_pdbx_unobs_or_zero_occ_residues.polymer_flag 
_pdbx_unobs_or_zero_occ_residues.occupancy_flag 
_pdbx_unobs_or_zero_occ_residues.auth_asym_id 
_pdbx_unobs_or_zero_occ_residues.auth_comp_id 
_pdbx_unobs_or_zero_occ_residues.auth_seq_id 
_pdbx_unobs_or_zero_occ_residues.PDB_ins_code 
_pdbx_unobs_or_zero_occ_residues.label_asym_id 
_pdbx_unobs_or_zero_occ_residues.label_comp_id 
_pdbx_unobs_or_zero_occ_residues.label_seq_id 
1  1 Y 1 A VAL 42 ? A VAL 42 
2  1 Y 1 A PRO 43 ? A PRO 43 
3  1 Y 1 A ASP 44 ? A ASP 44 
4  1 Y 1 A TYR 45 ? A TYR 45 
5  1 Y 1 A LEU 46 ? A LEU 46 
6  1 Y 1 A GLY 47 ? A GLY 47 
7  1 Y 1 A GLU 48 ? A GLU 48 
8  1 Y 1 A PRO 49 ? A PRO 49 
9  1 Y 1 A PHE 50 ? A PHE 50 
10 1 Y 1 A PHE 51 ? A PHE 51 
11 1 Y 1 A GLU 52 ? A GLU 52 
12 1 Y 1 A GLU 53 ? A GLU 53 
13 1 Y 1 A ALA 54 ? A ALA 54 
# 
loop_
_chem_comp_atom.comp_id 
_chem_comp_atom.atom_id 
_chem_comp_atom.type_symbol 
_chem_comp_atom.pdbx_aromatic_flag 
_chem_comp_atom.pdbx_stereo_config 
_chem_comp_atom.pdbx_ordinal 
ACP PG     P  N N 1   
ACP O1G    O  N N 2   
ACP O2G    O  N N 3   
ACP O3G    O  N N 4   
ACP PB     P  N S 5   
ACP O1B    O  N N 6   
ACP O2B    O  N N 7   
ACP C3B    C  N N 8   
ACP PA     P  N R 9   
ACP O1A    O  N N 10  
ACP O2A    O  N N 11  
ACP O3A    O  N N 12  
ACP "O5'"  O  N N 13  
ACP "C5'"  C  N N 14  
ACP "C4'"  C  N R 15  
ACP "O4'"  O  N N 16  
ACP "C3'"  C  N S 17  
ACP "O3'"  O  N N 18  
ACP "C2'"  C  N R 19  
ACP "O2'"  O  N N 20  
ACP "C1'"  C  N R 21  
ACP N9     N  Y N 22  
ACP C8     C  Y N 23  
ACP N7     N  Y N 24  
ACP C5     C  Y N 25  
ACP C6     C  Y N 26  
ACP N6     N  N N 27  
ACP N1     N  Y N 28  
ACP C2     C  Y N 29  
ACP N3     N  Y N 30  
ACP C4     C  Y N 31  
ACP HOG2   H  N N 32  
ACP HOG3   H  N N 33  
ACP HOB2   H  N N 34  
ACP H3B1   H  N N 35  
ACP H3B2   H  N N 36  
ACP HOA2   H  N N 37  
ACP "H5'1" H  N N 38  
ACP "H5'2" H  N N 39  
ACP "H4'"  H  N N 40  
ACP "H3'"  H  N N 41  
ACP "HO3'" H  N N 42  
ACP "H2'"  H  N N 43  
ACP "HO2'" H  N N 44  
ACP "H1'"  H  N N 45  
ACP H8     H  N N 46  
ACP HN61   H  N N 47  
ACP HN62   H  N N 48  
ACP H2     H  N N 49  
ALA N      N  N N 50  
ALA CA     C  N S 51  
ALA C      C  N N 52  
ALA O      O  N N 53  
ALA CB     C  N N 54  
ALA OXT    O  N N 55  
ALA H      H  N N 56  
ALA H2     H  N N 57  
ALA HA     H  N N 58  
ALA HB1    H  N N 59  
ALA HB2    H  N N 60  
ALA HB3    H  N N 61  
ALA HXT    H  N N 62  
ARG N      N  N N 63  
ARG CA     C  N S 64  
ARG C      C  N N 65  
ARG O      O  N N 66  
ARG CB     C  N N 67  
ARG CG     C  N N 68  
ARG CD     C  N N 69  
ARG NE     N  N N 70  
ARG CZ     C  N N 71  
ARG NH1    N  N N 72  
ARG NH2    N  N N 73  
ARG OXT    O  N N 74  
ARG H      H  N N 75  
ARG H2     H  N N 76  
ARG HA     H  N N 77  
ARG HB2    H  N N 78  
ARG HB3    H  N N 79  
ARG HG2    H  N N 80  
ARG HG3    H  N N 81  
ARG HD2    H  N N 82  
ARG HD3    H  N N 83  
ARG HE     H  N N 84  
ARG HH11   H  N N 85  
ARG HH12   H  N N 86  
ARG HH21   H  N N 87  
ARG HH22   H  N N 88  
ARG HXT    H  N N 89  
ASP N      N  N N 90  
ASP CA     C  N S 91  
ASP C      C  N N 92  
ASP O      O  N N 93  
ASP CB     C  N N 94  
ASP CG     C  N N 95  
ASP OD1    O  N N 96  
ASP OD2    O  N N 97  
ASP OXT    O  N N 98  
ASP H      H  N N 99  
ASP H2     H  N N 100 
ASP HA     H  N N 101 
ASP HB2    H  N N 102 
ASP HB3    H  N N 103 
ASP HD2    H  N N 104 
ASP HXT    H  N N 105 
CYS N      N  N N 106 
CYS CA     C  N R 107 
CYS C      C  N N 108 
CYS O      O  N N 109 
CYS CB     C  N N 110 
CYS SG     S  N N 111 
CYS OXT    O  N N 112 
CYS H      H  N N 113 
CYS H2     H  N N 114 
CYS HA     H  N N 115 
CYS HB2    H  N N 116 
CYS HB3    H  N N 117 
CYS HG     H  N N 118 
CYS HXT    H  N N 119 
GLN N      N  N N 120 
GLN CA     C  N S 121 
GLN C      C  N N 122 
GLN O      O  N N 123 
GLN CB     C  N N 124 
GLN CG     C  N N 125 
GLN CD     C  N N 126 
GLN OE1    O  N N 127 
GLN NE2    N  N N 128 
GLN OXT    O  N N 129 
GLN H      H  N N 130 
GLN H2     H  N N 131 
GLN HA     H  N N 132 
GLN HB2    H  N N 133 
GLN HB3    H  N N 134 
GLN HG2    H  N N 135 
GLN HG3    H  N N 136 
GLN HE21   H  N N 137 
GLN HE22   H  N N 138 
GLN HXT    H  N N 139 
GLU N      N  N N 140 
GLU CA     C  N S 141 
GLU C      C  N N 142 
GLU O      O  N N 143 
GLU CB     C  N N 144 
GLU CG     C  N N 145 
GLU CD     C  N N 146 
GLU OE1    O  N N 147 
GLU OE2    O  N N 148 
GLU OXT    O  N N 149 
GLU H      H  N N 150 
GLU H2     H  N N 151 
GLU HA     H  N N 152 
GLU HB2    H  N N 153 
GLU HB3    H  N N 154 
GLU HG2    H  N N 155 
GLU HG3    H  N N 156 
GLU HE2    H  N N 157 
GLU HXT    H  N N 158 
GLY N      N  N N 159 
GLY CA     C  N N 160 
GLY C      C  N N 161 
GLY O      O  N N 162 
GLY OXT    O  N N 163 
GLY H      H  N N 164 
GLY H2     H  N N 165 
GLY HA2    H  N N 166 
GLY HA3    H  N N 167 
GLY HXT    H  N N 168 
HIS N      N  N N 169 
HIS CA     C  N S 170 
HIS C      C  N N 171 
HIS O      O  N N 172 
HIS CB     C  N N 173 
HIS CG     C  Y N 174 
HIS ND1    N  Y N 175 
HIS CD2    C  Y N 176 
HIS CE1    C  Y N 177 
HIS NE2    N  Y N 178 
HIS OXT    O  N N 179 
HIS H      H  N N 180 
HIS H2     H  N N 181 
HIS HA     H  N N 182 
HIS HB2    H  N N 183 
HIS HB3    H  N N 184 
HIS HD1    H  N N 185 
HIS HD2    H  N N 186 
HIS HE1    H  N N 187 
HIS HE2    H  N N 188 
HIS HXT    H  N N 189 
HOH O      O  N N 190 
HOH H1     H  N N 191 
HOH H2     H  N N 192 
ILE N      N  N N 193 
ILE CA     C  N S 194 
ILE C      C  N N 195 
ILE O      O  N N 196 
ILE CB     C  N S 197 
ILE CG1    C  N N 198 
ILE CG2    C  N N 199 
ILE CD1    C  N N 200 
ILE OXT    O  N N 201 
ILE H      H  N N 202 
ILE H2     H  N N 203 
ILE HA     H  N N 204 
ILE HB     H  N N 205 
ILE HG12   H  N N 206 
ILE HG13   H  N N 207 
ILE HG21   H  N N 208 
ILE HG22   H  N N 209 
ILE HG23   H  N N 210 
ILE HD11   H  N N 211 
ILE HD12   H  N N 212 
ILE HD13   H  N N 213 
ILE HXT    H  N N 214 
LEU N      N  N N 215 
LEU CA     C  N S 216 
LEU C      C  N N 217 
LEU O      O  N N 218 
LEU CB     C  N N 219 
LEU CG     C  N N 220 
LEU CD1    C  N N 221 
LEU CD2    C  N N 222 
LEU OXT    O  N N 223 
LEU H      H  N N 224 
LEU H2     H  N N 225 
LEU HA     H  N N 226 
LEU HB2    H  N N 227 
LEU HB3    H  N N 228 
LEU HG     H  N N 229 
LEU HD11   H  N N 230 
LEU HD12   H  N N 231 
LEU HD13   H  N N 232 
LEU HD21   H  N N 233 
LEU HD22   H  N N 234 
LEU HD23   H  N N 235 
LEU HXT    H  N N 236 
LYS N      N  N N 237 
LYS CA     C  N S 238 
LYS C      C  N N 239 
LYS O      O  N N 240 
LYS CB     C  N N 241 
LYS CG     C  N N 242 
LYS CD     C  N N 243 
LYS CE     C  N N 244 
LYS NZ     N  N N 245 
LYS OXT    O  N N 246 
LYS H      H  N N 247 
LYS H2     H  N N 248 
LYS HA     H  N N 249 
LYS HB2    H  N N 250 
LYS HB3    H  N N 251 
LYS HG2    H  N N 252 
LYS HG3    H  N N 253 
LYS HD2    H  N N 254 
LYS HD3    H  N N 255 
LYS HE2    H  N N 256 
LYS HE3    H  N N 257 
LYS HZ1    H  N N 258 
LYS HZ2    H  N N 259 
LYS HZ3    H  N N 260 
LYS HXT    H  N N 261 
MET N      N  N N 262 
MET CA     C  N S 263 
MET C      C  N N 264 
MET O      O  N N 265 
MET CB     C  N N 266 
MET CG     C  N N 267 
MET SD     S  N N 268 
MET CE     C  N N 269 
MET OXT    O  N N 270 
MET H      H  N N 271 
MET H2     H  N N 272 
MET HA     H  N N 273 
MET HB2    H  N N 274 
MET HB3    H  N N 275 
MET HG2    H  N N 276 
MET HG3    H  N N 277 
MET HE1    H  N N 278 
MET HE2    H  N N 279 
MET HE3    H  N N 280 
MET HXT    H  N N 281 
MG  MG     MG N N 282 
PHE N      N  N N 283 
PHE CA     C  N S 284 
PHE C      C  N N 285 
PHE O      O  N N 286 
PHE CB     C  N N 287 
PHE CG     C  Y N 288 
PHE CD1    C  Y N 289 
PHE CD2    C  Y N 290 
PHE CE1    C  Y N 291 
PHE CE2    C  Y N 292 
PHE CZ     C  Y N 293 
PHE OXT    O  N N 294 
PHE H      H  N N 295 
PHE H2     H  N N 296 
PHE HA     H  N N 297 
PHE HB2    H  N N 298 
PHE HB3    H  N N 299 
PHE HD1    H  N N 300 
PHE HD2    H  N N 301 
PHE HE1    H  N N 302 
PHE HE2    H  N N 303 
PHE HZ     H  N N 304 
PHE HXT    H  N N 305 
PRO N      N  N N 306 
PRO CA     C  N S 307 
PRO C      C  N N 308 
PRO O      O  N N 309 
PRO CB     C  N N 310 
PRO CG     C  N N 311 
PRO CD     C  N N 312 
PRO OXT    O  N N 313 
PRO H      H  N N 314 
PRO HA     H  N N 315 
PRO HB2    H  N N 316 
PRO HB3    H  N N 317 
PRO HG2    H  N N 318 
PRO HG3    H  N N 319 
PRO HD2    H  N N 320 
PRO HD3    H  N N 321 
PRO HXT    H  N N 322 
SER N      N  N N 323 
SER CA     C  N S 324 
SER C      C  N N 325 
SER O      O  N N 326 
SER CB     C  N N 327 
SER OG     O  N N 328 
SER OXT    O  N N 329 
SER H      H  N N 330 
SER H2     H  N N 331 
SER HA     H  N N 332 
SER HB2    H  N N 333 
SER HB3    H  N N 334 
SER HG     H  N N 335 
SER HXT    H  N N 336 
THR N      N  N N 337 
THR CA     C  N S 338 
THR C      C  N N 339 
THR O      O  N N 340 
THR CB     C  N R 341 
THR OG1    O  N N 342 
THR CG2    C  N N 343 
THR OXT    O  N N 344 
THR H      H  N N 345 
THR H2     H  N N 346 
THR HA     H  N N 347 
THR HB     H  N N 348 
THR HG1    H  N N 349 
THR HG21   H  N N 350 
THR HG22   H  N N 351 
THR HG23   H  N N 352 
THR HXT    H  N N 353 
TYR N      N  N N 354 
TYR CA     C  N S 355 
TYR C      C  N N 356 
TYR O      O  N N 357 
TYR CB     C  N N 358 
TYR CG     C  Y N 359 
TYR CD1    C  Y N 360 
TYR CD2    C  Y N 361 
TYR CE1    C  Y N 362 
TYR CE2    C  Y N 363 
TYR CZ     C  Y N 364 
TYR OH     O  N N 365 
TYR OXT    O  N N 366 
TYR H      H  N N 367 
TYR H2     H  N N 368 
TYR HA     H  N N 369 
TYR HB2    H  N N 370 
TYR HB3    H  N N 371 
TYR HD1    H  N N 372 
TYR HD2    H  N N 373 
TYR HE1    H  N N 374 
TYR HE2    H  N N 375 
TYR HH     H  N N 376 
TYR HXT    H  N N 377 
VAL N      N  N N 378 
VAL CA     C  N S 379 
VAL C      C  N N 380 
VAL O      O  N N 381 
VAL CB     C  N N 382 
VAL CG1    C  N N 383 
VAL CG2    C  N N 384 
VAL OXT    O  N N 385 
VAL H      H  N N 386 
VAL H2     H  N N 387 
VAL HA     H  N N 388 
VAL HB     H  N N 389 
VAL HG11   H  N N 390 
VAL HG12   H  N N 391 
VAL HG13   H  N N 392 
VAL HG21   H  N N 393 
VAL HG22   H  N N 394 
VAL HG23   H  N N 395 
VAL HXT    H  N N 396 
# 
loop_
_chem_comp_bond.comp_id 
_chem_comp_bond.atom_id_1 
_chem_comp_bond.atom_id_2 
_chem_comp_bond.value_order 
_chem_comp_bond.pdbx_aromatic_flag 
_chem_comp_bond.pdbx_stereo_config 
_chem_comp_bond.pdbx_ordinal 
ACP PG    O1G    doub N N 1   
ACP PG    O2G    sing N N 2   
ACP PG    O3G    sing N N 3   
ACP PG    C3B    sing N N 4   
ACP O2G   HOG2   sing N N 5   
ACP O3G   HOG3   sing N N 6   
ACP PB    O1B    doub N N 7   
ACP PB    O2B    sing N N 8   
ACP PB    C3B    sing N N 9   
ACP PB    O3A    sing N N 10  
ACP O2B   HOB2   sing N N 11  
ACP C3B   H3B1   sing N N 12  
ACP C3B   H3B2   sing N N 13  
ACP PA    O1A    doub N N 14  
ACP PA    O2A    sing N N 15  
ACP PA    O3A    sing N N 16  
ACP PA    "O5'"  sing N N 17  
ACP O2A   HOA2   sing N N 18  
ACP "O5'" "C5'"  sing N N 19  
ACP "C5'" "C4'"  sing N N 20  
ACP "C5'" "H5'1" sing N N 21  
ACP "C5'" "H5'2" sing N N 22  
ACP "C4'" "O4'"  sing N N 23  
ACP "C4'" "C3'"  sing N N 24  
ACP "C4'" "H4'"  sing N N 25  
ACP "O4'" "C1'"  sing N N 26  
ACP "C3'" "O3'"  sing N N 27  
ACP "C3'" "C2'"  sing N N 28  
ACP "C3'" "H3'"  sing N N 29  
ACP "O3'" "HO3'" sing N N 30  
ACP "C2'" "O2'"  sing N N 31  
ACP "C2'" "C1'"  sing N N 32  
ACP "C2'" "H2'"  sing N N 33  
ACP "O2'" "HO2'" sing N N 34  
ACP "C1'" N9     sing N N 35  
ACP "C1'" "H1'"  sing N N 36  
ACP N9    C8     sing Y N 37  
ACP N9    C4     sing Y N 38  
ACP C8    N7     doub Y N 39  
ACP C8    H8     sing N N 40  
ACP N7    C5     sing Y N 41  
ACP C5    C6     sing Y N 42  
ACP C5    C4     doub Y N 43  
ACP C6    N6     sing N N 44  
ACP C6    N1     doub Y N 45  
ACP N6    HN61   sing N N 46  
ACP N6    HN62   sing N N 47  
ACP N1    C2     sing Y N 48  
ACP C2    N3     doub Y N 49  
ACP C2    H2     sing N N 50  
ACP N3    C4     sing Y N 51  
ALA N     CA     sing N N 52  
ALA N     H      sing N N 53  
ALA N     H2     sing N N 54  
ALA CA    C      sing N N 55  
ALA CA    CB     sing N N 56  
ALA CA    HA     sing N N 57  
ALA C     O      doub N N 58  
ALA C     OXT    sing N N 59  
ALA CB    HB1    sing N N 60  
ALA CB    HB2    sing N N 61  
ALA CB    HB3    sing N N 62  
ALA OXT   HXT    sing N N 63  
ARG N     CA     sing N N 64  
ARG N     H      sing N N 65  
ARG N     H2     sing N N 66  
ARG CA    C      sing N N 67  
ARG CA    CB     sing N N 68  
ARG CA    HA     sing N N 69  
ARG C     O      doub N N 70  
ARG C     OXT    sing N N 71  
ARG CB    CG     sing N N 72  
ARG CB    HB2    sing N N 73  
ARG CB    HB3    sing N N 74  
ARG CG    CD     sing N N 75  
ARG CG    HG2    sing N N 76  
ARG CG    HG3    sing N N 77  
ARG CD    NE     sing N N 78  
ARG CD    HD2    sing N N 79  
ARG CD    HD3    sing N N 80  
ARG NE    CZ     sing N N 81  
ARG NE    HE     sing N N 82  
ARG CZ    NH1    sing N N 83  
ARG CZ    NH2    doub N N 84  
ARG NH1   HH11   sing N N 85  
ARG NH1   HH12   sing N N 86  
ARG NH2   HH21   sing N N 87  
ARG NH2   HH22   sing N N 88  
ARG OXT   HXT    sing N N 89  
ASP N     CA     sing N N 90  
ASP N     H      sing N N 91  
ASP N     H2     sing N N 92  
ASP CA    C      sing N N 93  
ASP CA    CB     sing N N 94  
ASP CA    HA     sing N N 95  
ASP C     O      doub N N 96  
ASP C     OXT    sing N N 97  
ASP CB    CG     sing N N 98  
ASP CB    HB2    sing N N 99  
ASP CB    HB3    sing N N 100 
ASP CG    OD1    doub N N 101 
ASP CG    OD2    sing N N 102 
ASP OD2   HD2    sing N N 103 
ASP OXT   HXT    sing N N 104 
CYS N     CA     sing N N 105 
CYS N     H      sing N N 106 
CYS N     H2     sing N N 107 
CYS CA    C      sing N N 108 
CYS CA    CB     sing N N 109 
CYS CA    HA     sing N N 110 
CYS C     O      doub N N 111 
CYS C     OXT    sing N N 112 
CYS CB    SG     sing N N 113 
CYS CB    HB2    sing N N 114 
CYS CB    HB3    sing N N 115 
CYS SG    HG     sing N N 116 
CYS OXT   HXT    sing N N 117 
GLN N     CA     sing N N 118 
GLN N     H      sing N N 119 
GLN N     H2     sing N N 120 
GLN CA    C      sing N N 121 
GLN CA    CB     sing N N 122 
GLN CA    HA     sing N N 123 
GLN C     O      doub N N 124 
GLN C     OXT    sing N N 125 
GLN CB    CG     sing N N 126 
GLN CB    HB2    sing N N 127 
GLN CB    HB3    sing N N 128 
GLN CG    CD     sing N N 129 
GLN CG    HG2    sing N N 130 
GLN CG    HG3    sing N N 131 
GLN CD    OE1    doub N N 132 
GLN CD    NE2    sing N N 133 
GLN NE2   HE21   sing N N 134 
GLN NE2   HE22   sing N N 135 
GLN OXT   HXT    sing N N 136 
GLU N     CA     sing N N 137 
GLU N     H      sing N N 138 
GLU N     H2     sing N N 139 
GLU CA    C      sing N N 140 
GLU CA    CB     sing N N 141 
GLU CA    HA     sing N N 142 
GLU C     O      doub N N 143 
GLU C     OXT    sing N N 144 
GLU CB    CG     sing N N 145 
GLU CB    HB2    sing N N 146 
GLU CB    HB3    sing N N 147 
GLU CG    CD     sing N N 148 
GLU CG    HG2    sing N N 149 
GLU CG    HG3    sing N N 150 
GLU CD    OE1    doub N N 151 
GLU CD    OE2    sing N N 152 
GLU OE2   HE2    sing N N 153 
GLU OXT   HXT    sing N N 154 
GLY N     CA     sing N N 155 
GLY N     H      sing N N 156 
GLY N     H2     sing N N 157 
GLY CA    C      sing N N 158 
GLY CA    HA2    sing N N 159 
GLY CA    HA3    sing N N 160 
GLY C     O      doub N N 161 
GLY C     OXT    sing N N 162 
GLY OXT   HXT    sing N N 163 
HIS N     CA     sing N N 164 
HIS N     H      sing N N 165 
HIS N     H2     sing N N 166 
HIS CA    C      sing N N 167 
HIS CA    CB     sing N N 168 
HIS CA    HA     sing N N 169 
HIS C     O      doub N N 170 
HIS C     OXT    sing N N 171 
HIS CB    CG     sing N N 172 
HIS CB    HB2    sing N N 173 
HIS CB    HB3    sing N N 174 
HIS CG    ND1    sing Y N 175 
HIS CG    CD2    doub Y N 176 
HIS ND1   CE1    doub Y N 177 
HIS ND1   HD1    sing N N 178 
HIS CD2   NE2    sing Y N 179 
HIS CD2   HD2    sing N N 180 
HIS CE1   NE2    sing Y N 181 
HIS CE1   HE1    sing N N 182 
HIS NE2   HE2    sing N N 183 
HIS OXT   HXT    sing N N 184 
HOH O     H1     sing N N 185 
HOH O     H2     sing N N 186 
ILE N     CA     sing N N 187 
ILE N     H      sing N N 188 
ILE N     H2     sing N N 189 
ILE CA    C      sing N N 190 
ILE CA    CB     sing N N 191 
ILE CA    HA     sing N N 192 
ILE C     O      doub N N 193 
ILE C     OXT    sing N N 194 
ILE CB    CG1    sing N N 195 
ILE CB    CG2    sing N N 196 
ILE CB    HB     sing N N 197 
ILE CG1   CD1    sing N N 198 
ILE CG1   HG12   sing N N 199 
ILE CG1   HG13   sing N N 200 
ILE CG2   HG21   sing N N 201 
ILE CG2   HG22   sing N N 202 
ILE CG2   HG23   sing N N 203 
ILE CD1   HD11   sing N N 204 
ILE CD1   HD12   sing N N 205 
ILE CD1   HD13   sing N N 206 
ILE OXT   HXT    sing N N 207 
LEU N     CA     sing N N 208 
LEU N     H      sing N N 209 
LEU N     H2     sing N N 210 
LEU CA    C      sing N N 211 
LEU CA    CB     sing N N 212 
LEU CA    HA     sing N N 213 
LEU C     O      doub N N 214 
LEU C     OXT    sing N N 215 
LEU CB    CG     sing N N 216 
LEU CB    HB2    sing N N 217 
LEU CB    HB3    sing N N 218 
LEU CG    CD1    sing N N 219 
LEU CG    CD2    sing N N 220 
LEU CG    HG     sing N N 221 
LEU CD1   HD11   sing N N 222 
LEU CD1   HD12   sing N N 223 
LEU CD1   HD13   sing N N 224 
LEU CD2   HD21   sing N N 225 
LEU CD2   HD22   sing N N 226 
LEU CD2   HD23   sing N N 227 
LEU OXT   HXT    sing N N 228 
LYS N     CA     sing N N 229 
LYS N     H      sing N N 230 
LYS N     H2     sing N N 231 
LYS CA    C      sing N N 232 
LYS CA    CB     sing N N 233 
LYS CA    HA     sing N N 234 
LYS C     O      doub N N 235 
LYS C     OXT    sing N N 236 
LYS CB    CG     sing N N 237 
LYS CB    HB2    sing N N 238 
LYS CB    HB3    sing N N 239 
LYS CG    CD     sing N N 240 
LYS CG    HG2    sing N N 241 
LYS CG    HG3    sing N N 242 
LYS CD    CE     sing N N 243 
LYS CD    HD2    sing N N 244 
LYS CD    HD3    sing N N 245 
LYS CE    NZ     sing N N 246 
LYS CE    HE2    sing N N 247 
LYS CE    HE3    sing N N 248 
LYS NZ    HZ1    sing N N 249 
LYS NZ    HZ2    sing N N 250 
LYS NZ    HZ3    sing N N 251 
LYS OXT   HXT    sing N N 252 
MET N     CA     sing N N 253 
MET N     H      sing N N 254 
MET N     H2     sing N N 255 
MET CA    C      sing N N 256 
MET CA    CB     sing N N 257 
MET CA    HA     sing N N 258 
MET C     O      doub N N 259 
MET C     OXT    sing N N 260 
MET CB    CG     sing N N 261 
MET CB    HB2    sing N N 262 
MET CB    HB3    sing N N 263 
MET CG    SD     sing N N 264 
MET CG    HG2    sing N N 265 
MET CG    HG3    sing N N 266 
MET SD    CE     sing N N 267 
MET CE    HE1    sing N N 268 
MET CE    HE2    sing N N 269 
MET CE    HE3    sing N N 270 
MET OXT   HXT    sing N N 271 
PHE N     CA     sing N N 272 
PHE N     H      sing N N 273 
PHE N     H2     sing N N 274 
PHE CA    C      sing N N 275 
PHE CA    CB     sing N N 276 
PHE CA    HA     sing N N 277 
PHE C     O      doub N N 278 
PHE C     OXT    sing N N 279 
PHE CB    CG     sing N N 280 
PHE CB    HB2    sing N N 281 
PHE CB    HB3    sing N N 282 
PHE CG    CD1    doub Y N 283 
PHE CG    CD2    sing Y N 284 
PHE CD1   CE1    sing Y N 285 
PHE CD1   HD1    sing N N 286 
PHE CD2   CE2    doub Y N 287 
PHE CD2   HD2    sing N N 288 
PHE CE1   CZ     doub Y N 289 
PHE CE1   HE1    sing N N 290 
PHE CE2   CZ     sing Y N 291 
PHE CE2   HE2    sing N N 292 
PHE CZ    HZ     sing N N 293 
PHE OXT   HXT    sing N N 294 
PRO N     CA     sing N N 295 
PRO N     CD     sing N N 296 
PRO N     H      sing N N 297 
PRO CA    C      sing N N 298 
PRO CA    CB     sing N N 299 
PRO CA    HA     sing N N 300 
PRO C     O      doub N N 301 
PRO C     OXT    sing N N 302 
PRO CB    CG     sing N N 303 
PRO CB    HB2    sing N N 304 
PRO CB    HB3    sing N N 305 
PRO CG    CD     sing N N 306 
PRO CG    HG2    sing N N 307 
PRO CG    HG3    sing N N 308 
PRO CD    HD2    sing N N 309 
PRO CD    HD3    sing N N 310 
PRO OXT   HXT    sing N N 311 
SER N     CA     sing N N 312 
SER N     H      sing N N 313 
SER N     H2     sing N N 314 
SER CA    C      sing N N 315 
SER CA    CB     sing N N 316 
SER CA    HA     sing N N 317 
SER C     O      doub N N 318 
SER C     OXT    sing N N 319 
SER CB    OG     sing N N 320 
SER CB    HB2    sing N N 321 
SER CB    HB3    sing N N 322 
SER OG    HG     sing N N 323 
SER OXT   HXT    sing N N 324 
THR N     CA     sing N N 325 
THR N     H      sing N N 326 
THR N     H2     sing N N 327 
THR CA    C      sing N N 328 
THR CA    CB     sing N N 329 
THR CA    HA     sing N N 330 
THR C     O      doub N N 331 
THR C     OXT    sing N N 332 
THR CB    OG1    sing N N 333 
THR CB    CG2    sing N N 334 
THR CB    HB     sing N N 335 
THR OG1   HG1    sing N N 336 
THR CG2   HG21   sing N N 337 
THR CG2   HG22   sing N N 338 
THR CG2   HG23   sing N N 339 
THR OXT   HXT    sing N N 340 
TYR N     CA     sing N N 341 
TYR N     H      sing N N 342 
TYR N     H2     sing N N 343 
TYR CA    C      sing N N 344 
TYR CA    CB     sing N N 345 
TYR CA    HA     sing N N 346 
TYR C     O      doub N N 347 
TYR C     OXT    sing N N 348 
TYR CB    CG     sing N N 349 
TYR CB    HB2    sing N N 350 
TYR CB    HB3    sing N N 351 
TYR CG    CD1    doub Y N 352 
TYR CG    CD2    sing Y N 353 
TYR CD1   CE1    sing Y N 354 
TYR CD1   HD1    sing N N 355 
TYR CD2   CE2    doub Y N 356 
TYR CD2   HD2    sing N N 357 
TYR CE1   CZ     doub Y N 358 
TYR CE1   HE1    sing N N 359 
TYR CE2   CZ     sing Y N 360 
TYR CE2   HE2    sing N N 361 
TYR CZ    OH     sing N N 362 
TYR OH    HH     sing N N 363 
TYR OXT   HXT    sing N N 364 
VAL N     CA     sing N N 365 
VAL N     H      sing N N 366 
VAL N     H2     sing N N 367 
VAL CA    C      sing N N 368 
VAL CA    CB     sing N N 369 
VAL CA    HA     sing N N 370 
VAL C     O      doub N N 371 
VAL C     OXT    sing N N 372 
VAL CB    CG1    sing N N 373 
VAL CB    CG2    sing N N 374 
VAL CB    HB     sing N N 375 
VAL CG1   HG11   sing N N 376 
VAL CG1   HG12   sing N N 377 
VAL CG1   HG13   sing N N 378 
VAL CG2   HG21   sing N N 379 
VAL CG2   HG22   sing N N 380 
VAL CG2   HG23   sing N N 381 
VAL OXT   HXT    sing N N 382 
# 
loop_
_pdbx_entity_nonpoly.entity_id 
_pdbx_entity_nonpoly.name 
_pdbx_entity_nonpoly.comp_id 
2 'MAGNESIUM ION'                                MG  
3 'PHOSPHOMETHYLPHOSPHONIC ACID ADENYLATE ESTER' ACP 
4 water                                          HOH 
# 
_pdbx_initial_refinement_model.id               1 
_pdbx_initial_refinement_model.entity_id_list   ? 
_pdbx_initial_refinement_model.type             'experimental model' 
_pdbx_initial_refinement_model.source_name      PDB 
_pdbx_initial_refinement_model.accession_code   1WJG 
_pdbx_initial_refinement_model.details          ? 
# 
